data_2O5O
# 
_entry.id   2O5O 
# 
_audit_conform.dict_name       mmcif_pdbx.dic 
_audit_conform.dict_version    5.383 
_audit_conform.dict_location   http://mmcif.pdb.org/dictionaries/ascii/mmcif_pdbx.dic 
# 
loop_
_database_2.database_id 
_database_2.database_code 
_database_2.pdbx_database_accession 
_database_2.pdbx_DOI 
PDB   2O5O         pdb_00002o5o 10.2210/pdb2o5o/pdb 
RCSB  RCSB040718   ?            ?                   
WWPDB D_1000040718 ?            ?                   
# 
loop_
_pdbx_audit_revision_history.ordinal 
_pdbx_audit_revision_history.data_content_type 
_pdbx_audit_revision_history.major_revision 
_pdbx_audit_revision_history.minor_revision 
_pdbx_audit_revision_history.revision_date 
1 'Structure model' 1 0 2007-10-16 
2 'Structure model' 1 1 2011-07-13 
3 'Structure model' 1 2 2023-12-27 
# 
_pdbx_audit_revision_details.ordinal             1 
_pdbx_audit_revision_details.revision_ordinal    1 
_pdbx_audit_revision_details.data_content_type   'Structure model' 
_pdbx_audit_revision_details.provider            repository 
_pdbx_audit_revision_details.type                'Initial release' 
_pdbx_audit_revision_details.description         ? 
_pdbx_audit_revision_details.details             ? 
# 
loop_
_pdbx_audit_revision_group.ordinal 
_pdbx_audit_revision_group.revision_ordinal 
_pdbx_audit_revision_group.data_content_type 
_pdbx_audit_revision_group.group 
1 2 'Structure model' 'Version format compliance' 
2 3 'Structure model' 'Data collection'           
3 3 'Structure model' 'Database references'       
4 3 'Structure model' 'Derived calculations'      
# 
loop_
_pdbx_audit_revision_category.ordinal 
_pdbx_audit_revision_category.revision_ordinal 
_pdbx_audit_revision_category.data_content_type 
_pdbx_audit_revision_category.category 
1 3 'Structure model' chem_comp_atom         
2 3 'Structure model' chem_comp_bond         
3 3 'Structure model' database_2             
4 3 'Structure model' pdbx_struct_conn_angle 
5 3 'Structure model' struct_conn            
6 3 'Structure model' struct_site            
# 
loop_
_pdbx_audit_revision_item.ordinal 
_pdbx_audit_revision_item.revision_ordinal 
_pdbx_audit_revision_item.data_content_type 
_pdbx_audit_revision_item.item 
1  3 'Structure model' '_database_2.pdbx_DOI'                        
2  3 'Structure model' '_database_2.pdbx_database_accession'         
3  3 'Structure model' '_pdbx_struct_conn_angle.ptnr1_auth_comp_id'  
4  3 'Structure model' '_pdbx_struct_conn_angle.ptnr1_auth_seq_id'   
5  3 'Structure model' '_pdbx_struct_conn_angle.ptnr1_label_asym_id' 
6  3 'Structure model' '_pdbx_struct_conn_angle.ptnr1_label_atom_id' 
7  3 'Structure model' '_pdbx_struct_conn_angle.ptnr1_label_comp_id' 
8  3 'Structure model' '_pdbx_struct_conn_angle.ptnr1_label_seq_id'  
9  3 'Structure model' '_pdbx_struct_conn_angle.ptnr3_auth_comp_id'  
10 3 'Structure model' '_pdbx_struct_conn_angle.ptnr3_auth_seq_id'   
11 3 'Structure model' '_pdbx_struct_conn_angle.ptnr3_label_asym_id' 
12 3 'Structure model' '_pdbx_struct_conn_angle.ptnr3_label_atom_id' 
13 3 'Structure model' '_pdbx_struct_conn_angle.ptnr3_label_comp_id' 
14 3 'Structure model' '_pdbx_struct_conn_angle.ptnr3_label_seq_id'  
15 3 'Structure model' '_pdbx_struct_conn_angle.value'               
16 3 'Structure model' '_struct_conn.pdbx_dist_value'                
17 3 'Structure model' '_struct_conn.ptnr1_auth_comp_id'             
18 3 'Structure model' '_struct_conn.ptnr1_auth_seq_id'              
19 3 'Structure model' '_struct_conn.ptnr1_label_asym_id'            
20 3 'Structure model' '_struct_conn.ptnr1_label_atom_id'            
21 3 'Structure model' '_struct_conn.ptnr1_label_comp_id'            
22 3 'Structure model' '_struct_conn.ptnr1_label_seq_id'             
23 3 'Structure model' '_struct_conn.ptnr2_auth_comp_id'             
24 3 'Structure model' '_struct_conn.ptnr2_auth_seq_id'              
25 3 'Structure model' '_struct_conn.ptnr2_label_asym_id'            
26 3 'Structure model' '_struct_conn.ptnr2_label_atom_id'            
27 3 'Structure model' '_struct_conn.ptnr2_label_comp_id'            
28 3 'Structure model' '_struct_site.pdbx_auth_asym_id'              
29 3 'Structure model' '_struct_site.pdbx_auth_comp_id'              
30 3 'Structure model' '_struct_site.pdbx_auth_seq_id'               
# 
_pdbx_database_status.status_code                     REL 
_pdbx_database_status.entry_id                        2O5O 
_pdbx_database_status.recvd_initial_deposition_date   2006-12-06 
_pdbx_database_status.deposit_site                    RCSB 
_pdbx_database_status.process_site                    RCSB 
_pdbx_database_status.status_code_sf                  REL 
_pdbx_database_status.status_code_mr                  ? 
_pdbx_database_status.SG_entry                        ? 
_pdbx_database_status.status_code_cs                  ? 
_pdbx_database_status.pdb_format_compatible           Y 
_pdbx_database_status.status_code_nmr_data            ? 
_pdbx_database_status.methods_development_category    ? 
# 
loop_
_pdbx_database_related.db_name 
_pdbx_database_related.db_id 
_pdbx_database_related.details 
_pdbx_database_related.content_type 
PDB 1MMB 'Complex of BB94 with the catalytic domain of matrix metalloproteinase-8' unspecified 
PDB 2O58 'Horse heart met manganese myoglobin'                                     unspecified 
PDB 2O5B 'Manganese horse heart myoglobin, reduced'                                unspecified 
PDB 2O5L 'Manganese horse heart myoglobin, methanol modified'                      unspecified 
PDB 2O5M 'Manganese horse heart myoglobin, azide modified'                         unspecified 
PDB 2O5Q 'Manganese horse heart myoglobin, nitric oxide modified'                  unspecified 
PDB 2O5S 'Cobalt horse heart myoglobin, nitrite modified'                          unspecified 
PDB 2O5T 'Cobalt horse heart myoglobin, oxidized'                                  unspecified 
# 
loop_
_audit_author.name 
_audit_author.pdbx_ordinal 
'Richter-Addo, G.B.' 1 
'Zahran, Z.N.'       2 
'Chooback, L.'       3 
'Copeland, D.M.'     4 
'West, A.H.'         5 
# 
_citation.id                        primary 
_citation.title                     
;Crystal structures of manganese- and cobalt-substituted myoglobin in complex with NO and nitrite reveal unusual ligand conformations.
;
_citation.journal_abbrev            J.Inorg.Biochem. 
_citation.journal_volume            102 
_citation.page_first                216 
_citation.page_last                 233 
_citation.year                      2008 
_citation.journal_id_ASTM           JIBIDJ 
_citation.country                   US 
_citation.journal_id_ISSN           0162-0134 
_citation.journal_id_CSD            0525 
_citation.book_publisher            ? 
_citation.pdbx_database_id_PubMed   17905436 
_citation.pdbx_database_id_DOI      10.1016/j.jinorgbio.2007.08.002 
# 
loop_
_citation_author.citation_id 
_citation_author.name 
_citation_author.ordinal 
_citation_author.identifier_ORCID 
primary 'Zahran, Z.N.'       1 ? 
primary 'Chooback, L.'       2 ? 
primary 'Copeland, D.M.'     3 ? 
primary 'West, A.H.'         4 ? 
primary 'Richter-Addo, G.B.' 5 ? 
# 
loop_
_entity.id 
_entity.type 
_entity.src_method 
_entity.pdbx_description 
_entity.formula_weight 
_entity.pdbx_number_of_molecules 
_entity.pdbx_ec 
_entity.pdbx_mutation 
_entity.pdbx_fragment 
_entity.details 
1 polymer     nat Myoglobin                         16983.514 1   ? ? ? ? 
2 non-polymer syn 'SULFATE ION'                     96.063    2   ? ? ? ? 
3 non-polymer syn 'NITRITE ION'                     46.005    1   ? ? ? ? 
4 non-polymer syn 'PROTOPORPHYRIN IX CONTAINING MN' 615.580   1   ? ? ? ? 
5 water       nat water                             18.015    117 ? ? ? ? 
# 
_entity_poly.entity_id                      1 
_entity_poly.type                           'polypeptide(L)' 
_entity_poly.nstd_linkage                   no 
_entity_poly.nstd_monomer                   no 
_entity_poly.pdbx_seq_one_letter_code       
;GLSDGEWQQVLNVWGKVEADIAGHGQEVLIRLFTGHPETLEKFDKFKHLKTEAEMKASEDLKKHGTVVLTALGGILKKKG
HHEAELKPLAQSHATKHKIPIKYLEFISDAIIHVLHSKHPGDFGADAQGAMTKALELFRNDIAAKYKELGFQG
;
_entity_poly.pdbx_seq_one_letter_code_can   
;GLSDGEWQQVLNVWGKVEADIAGHGQEVLIRLFTGHPETLEKFDKFKHLKTEAEMKASEDLKKHGTVVLTALGGILKKKG
HHEAELKPLAQSHATKHKIPIKYLEFISDAIIHVLHSKHPGDFGADAQGAMTKALELFRNDIAAKYKELGFQG
;
_entity_poly.pdbx_strand_id                 X 
_entity_poly.pdbx_target_identifier         ? 
# 
loop_
_pdbx_entity_nonpoly.entity_id 
_pdbx_entity_nonpoly.name 
_pdbx_entity_nonpoly.comp_id 
2 'SULFATE ION'                     SO4 
3 'NITRITE ION'                     NO2 
4 'PROTOPORPHYRIN IX CONTAINING MN' MNR 
5 water                             HOH 
# 
loop_
_entity_poly_seq.entity_id 
_entity_poly_seq.num 
_entity_poly_seq.mon_id 
_entity_poly_seq.hetero 
1 1   GLY n 
1 2   LEU n 
1 3   SER n 
1 4   ASP n 
1 5   GLY n 
1 6   GLU n 
1 7   TRP n 
1 8   GLN n 
1 9   GLN n 
1 10  VAL n 
1 11  LEU n 
1 12  ASN n 
1 13  VAL n 
1 14  TRP n 
1 15  GLY n 
1 16  LYS n 
1 17  VAL n 
1 18  GLU n 
1 19  ALA n 
1 20  ASP n 
1 21  ILE n 
1 22  ALA n 
1 23  GLY n 
1 24  HIS n 
1 25  GLY n 
1 26  GLN n 
1 27  GLU n 
1 28  VAL n 
1 29  LEU n 
1 30  ILE n 
1 31  ARG n 
1 32  LEU n 
1 33  PHE n 
1 34  THR n 
1 35  GLY n 
1 36  HIS n 
1 37  PRO n 
1 38  GLU n 
1 39  THR n 
1 40  LEU n 
1 41  GLU n 
1 42  LYS n 
1 43  PHE n 
1 44  ASP n 
1 45  LYS n 
1 46  PHE n 
1 47  LYS n 
1 48  HIS n 
1 49  LEU n 
1 50  LYS n 
1 51  THR n 
1 52  GLU n 
1 53  ALA n 
1 54  GLU n 
1 55  MET n 
1 56  LYS n 
1 57  ALA n 
1 58  SER n 
1 59  GLU n 
1 60  ASP n 
1 61  LEU n 
1 62  LYS n 
1 63  LYS n 
1 64  HIS n 
1 65  GLY n 
1 66  THR n 
1 67  VAL n 
1 68  VAL n 
1 69  LEU n 
1 70  THR n 
1 71  ALA n 
1 72  LEU n 
1 73  GLY n 
1 74  GLY n 
1 75  ILE n 
1 76  LEU n 
1 77  LYS n 
1 78  LYS n 
1 79  LYS n 
1 80  GLY n 
1 81  HIS n 
1 82  HIS n 
1 83  GLU n 
1 84  ALA n 
1 85  GLU n 
1 86  LEU n 
1 87  LYS n 
1 88  PRO n 
1 89  LEU n 
1 90  ALA n 
1 91  GLN n 
1 92  SER n 
1 93  HIS n 
1 94  ALA n 
1 95  THR n 
1 96  LYS n 
1 97  HIS n 
1 98  LYS n 
1 99  ILE n 
1 100 PRO n 
1 101 ILE n 
1 102 LYS n 
1 103 TYR n 
1 104 LEU n 
1 105 GLU n 
1 106 PHE n 
1 107 ILE n 
1 108 SER n 
1 109 ASP n 
1 110 ALA n 
1 111 ILE n 
1 112 ILE n 
1 113 HIS n 
1 114 VAL n 
1 115 LEU n 
1 116 HIS n 
1 117 SER n 
1 118 LYS n 
1 119 HIS n 
1 120 PRO n 
1 121 GLY n 
1 122 ASP n 
1 123 PHE n 
1 124 GLY n 
1 125 ALA n 
1 126 ASP n 
1 127 ALA n 
1 128 GLN n 
1 129 GLY n 
1 130 ALA n 
1 131 MET n 
1 132 THR n 
1 133 LYS n 
1 134 ALA n 
1 135 LEU n 
1 136 GLU n 
1 137 LEU n 
1 138 PHE n 
1 139 ARG n 
1 140 ASN n 
1 141 ASP n 
1 142 ILE n 
1 143 ALA n 
1 144 ALA n 
1 145 LYS n 
1 146 TYR n 
1 147 LYS n 
1 148 GLU n 
1 149 LEU n 
1 150 GLY n 
1 151 PHE n 
1 152 GLN n 
1 153 GLY n 
# 
_entity_src_nat.entity_id                  1 
_entity_src_nat.pdbx_src_id                1 
_entity_src_nat.pdbx_alt_source_flag       sample 
_entity_src_nat.pdbx_beg_seq_num           ? 
_entity_src_nat.pdbx_end_seq_num           ? 
_entity_src_nat.common_name                horse 
_entity_src_nat.pdbx_organism_scientific   'Equus caballus' 
_entity_src_nat.pdbx_ncbi_taxonomy_id      9796 
_entity_src_nat.genus                      Equus 
_entity_src_nat.species                    ? 
_entity_src_nat.strain                     ? 
_entity_src_nat.tissue                     ? 
_entity_src_nat.tissue_fraction            ? 
_entity_src_nat.pdbx_secretion             ? 
_entity_src_nat.pdbx_fragment              ? 
_entity_src_nat.pdbx_variant               ? 
_entity_src_nat.pdbx_cell_line             ? 
_entity_src_nat.pdbx_atcc                  ? 
_entity_src_nat.pdbx_cellular_location     ? 
_entity_src_nat.pdbx_organ                 Heart 
_entity_src_nat.pdbx_organelle             ? 
_entity_src_nat.pdbx_cell                  ? 
_entity_src_nat.pdbx_plasmid_name          ? 
_entity_src_nat.pdbx_plasmid_details       ? 
_entity_src_nat.details                    ? 
# 
loop_
_chem_comp.id 
_chem_comp.type 
_chem_comp.mon_nstd_flag 
_chem_comp.name 
_chem_comp.pdbx_synonyms 
_chem_comp.formula 
_chem_comp.formula_weight 
ALA 'L-peptide linking' y ALANINE                           ? 'C3 H7 N O2'         89.093  
ARG 'L-peptide linking' y ARGININE                          ? 'C6 H15 N4 O2 1'     175.209 
ASN 'L-peptide linking' y ASPARAGINE                        ? 'C4 H8 N2 O3'        132.118 
ASP 'L-peptide linking' y 'ASPARTIC ACID'                   ? 'C4 H7 N O4'         133.103 
GLN 'L-peptide linking' y GLUTAMINE                         ? 'C5 H10 N2 O3'       146.144 
GLU 'L-peptide linking' y 'GLUTAMIC ACID'                   ? 'C5 H9 N O4'         147.129 
GLY 'peptide linking'   y GLYCINE                           ? 'C2 H5 N O2'         75.067  
HIS 'L-peptide linking' y HISTIDINE                         ? 'C6 H10 N3 O2 1'     156.162 
HOH non-polymer         . WATER                             ? 'H2 O'               18.015  
ILE 'L-peptide linking' y ISOLEUCINE                        ? 'C6 H13 N O2'        131.173 
LEU 'L-peptide linking' y LEUCINE                           ? 'C6 H13 N O2'        131.173 
LYS 'L-peptide linking' y LYSINE                            ? 'C6 H15 N2 O2 1'     147.195 
MET 'L-peptide linking' y METHIONINE                        ? 'C5 H11 N O2 S'      149.211 
MNR non-polymer         . 'PROTOPORPHYRIN IX CONTAINING MN' ? 'C34 H32 Mn N4 O4 5' 615.580 
NO2 non-polymer         . 'NITRITE ION'                     ? 'N O2 -1'            46.005  
PHE 'L-peptide linking' y PHENYLALANINE                     ? 'C9 H11 N O2'        165.189 
PRO 'L-peptide linking' y PROLINE                           ? 'C5 H9 N O2'         115.130 
SER 'L-peptide linking' y SERINE                            ? 'C3 H7 N O3'         105.093 
SO4 non-polymer         . 'SULFATE ION'                     ? 'O4 S -2'            96.063  
THR 'L-peptide linking' y THREONINE                         ? 'C4 H9 N O3'         119.119 
TRP 'L-peptide linking' y TRYPTOPHAN                        ? 'C11 H12 N2 O2'      204.225 
TYR 'L-peptide linking' y TYROSINE                          ? 'C9 H11 N O3'        181.189 
VAL 'L-peptide linking' y VALINE                            ? 'C5 H11 N O2'        117.146 
# 
loop_
_pdbx_poly_seq_scheme.asym_id 
_pdbx_poly_seq_scheme.entity_id 
_pdbx_poly_seq_scheme.seq_id 
_pdbx_poly_seq_scheme.mon_id 
_pdbx_poly_seq_scheme.ndb_seq_num 
_pdbx_poly_seq_scheme.pdb_seq_num 
_pdbx_poly_seq_scheme.auth_seq_num 
_pdbx_poly_seq_scheme.pdb_mon_id 
_pdbx_poly_seq_scheme.auth_mon_id 
_pdbx_poly_seq_scheme.pdb_strand_id 
_pdbx_poly_seq_scheme.pdb_ins_code 
_pdbx_poly_seq_scheme.hetero 
A 1 1   GLY 1   1   1   GLY GLY X . n 
A 1 2   LEU 2   2   2   LEU LEU X . n 
A 1 3   SER 3   3   3   SER SER X . n 
A 1 4   ASP 4   4   4   ASP ASP X . n 
A 1 5   GLY 5   5   5   GLY GLY X . n 
A 1 6   GLU 6   6   6   GLU GLU X . n 
A 1 7   TRP 7   7   7   TRP TRP X . n 
A 1 8   GLN 8   8   8   GLN GLN X . n 
A 1 9   GLN 9   9   9   GLN GLN X . n 
A 1 10  VAL 10  10  10  VAL VAL X . n 
A 1 11  LEU 11  11  11  LEU LEU X . n 
A 1 12  ASN 12  12  12  ASN ASN X . n 
A 1 13  VAL 13  13  13  VAL VAL X . n 
A 1 14  TRP 14  14  14  TRP TRP X . n 
A 1 15  GLY 15  15  15  GLY GLY X . n 
A 1 16  LYS 16  16  16  LYS LYS X . n 
A 1 17  VAL 17  17  17  VAL VAL X . n 
A 1 18  GLU 18  18  18  GLU GLU X . n 
A 1 19  ALA 19  19  19  ALA ALA X . n 
A 1 20  ASP 20  20  20  ASP ASP X . n 
A 1 21  ILE 21  21  21  ILE ILE X . n 
A 1 22  ALA 22  22  22  ALA ALA X . n 
A 1 23  GLY 23  23  23  GLY GLY X . n 
A 1 24  HIS 24  24  24  HIS HIS X . n 
A 1 25  GLY 25  25  25  GLY GLY X . n 
A 1 26  GLN 26  26  26  GLN GLN X . n 
A 1 27  GLU 27  27  27  GLU GLU X . n 
A 1 28  VAL 28  28  28  VAL VAL X . n 
A 1 29  LEU 29  29  29  LEU LEU X . n 
A 1 30  ILE 30  30  30  ILE ILE X . n 
A 1 31  ARG 31  31  31  ARG ARG X . n 
A 1 32  LEU 32  32  32  LEU LEU X . n 
A 1 33  PHE 33  33  33  PHE PHE X . n 
A 1 34  THR 34  34  34  THR THR X . n 
A 1 35  GLY 35  35  35  GLY GLY X . n 
A 1 36  HIS 36  36  36  HIS HIS X . n 
A 1 37  PRO 37  37  37  PRO PRO X . n 
A 1 38  GLU 38  38  38  GLU GLU X . n 
A 1 39  THR 39  39  39  THR THR X . n 
A 1 40  LEU 40  40  40  LEU LEU X . n 
A 1 41  GLU 41  41  41  GLU GLU X . n 
A 1 42  LYS 42  42  42  LYS LYS X . n 
A 1 43  PHE 43  43  43  PHE PHE X . n 
A 1 44  ASP 44  44  44  ASP ASP X . n 
A 1 45  LYS 45  45  45  LYS LYS X . n 
A 1 46  PHE 46  46  46  PHE PHE X . n 
A 1 47  LYS 47  47  47  LYS LYS X . n 
A 1 48  HIS 48  48  48  HIS HIS X . n 
A 1 49  LEU 49  49  49  LEU LEU X . n 
A 1 50  LYS 50  50  50  LYS LYS X . n 
A 1 51  THR 51  51  51  THR THR X . n 
A 1 52  GLU 52  52  52  GLU GLU X . n 
A 1 53  ALA 53  53  53  ALA ALA X . n 
A 1 54  GLU 54  54  54  GLU GLU X . n 
A 1 55  MET 55  55  55  MET MET X . n 
A 1 56  LYS 56  56  56  LYS LYS X . n 
A 1 57  ALA 57  57  57  ALA ALA X . n 
A 1 58  SER 58  58  58  SER SER X . n 
A 1 59  GLU 59  59  59  GLU GLU X . n 
A 1 60  ASP 60  60  60  ASP ASP X . n 
A 1 61  LEU 61  61  61  LEU LEU X . n 
A 1 62  LYS 62  62  62  LYS LYS X . n 
A 1 63  LYS 63  63  63  LYS LYS X . n 
A 1 64  HIS 64  64  64  HIS HIS X . n 
A 1 65  GLY 65  65  65  GLY GLY X . n 
A 1 66  THR 66  66  66  THR THR X . n 
A 1 67  VAL 67  67  67  VAL VAL X . n 
A 1 68  VAL 68  68  68  VAL VAL X . n 
A 1 69  LEU 69  69  69  LEU LEU X . n 
A 1 70  THR 70  70  70  THR THR X . n 
A 1 71  ALA 71  71  71  ALA ALA X . n 
A 1 72  LEU 72  72  72  LEU LEU X . n 
A 1 73  GLY 73  73  73  GLY GLY X . n 
A 1 74  GLY 74  74  74  GLY GLY X . n 
A 1 75  ILE 75  75  75  ILE ILE X . n 
A 1 76  LEU 76  76  76  LEU LEU X . n 
A 1 77  LYS 77  77  77  LYS LYS X . n 
A 1 78  LYS 78  78  78  LYS LYS X . n 
A 1 79  LYS 79  79  79  LYS LYS X . n 
A 1 80  GLY 80  80  80  GLY GLY X . n 
A 1 81  HIS 81  81  81  HIS HIS X . n 
A 1 82  HIS 82  82  82  HIS HIS X . n 
A 1 83  GLU 83  83  83  GLU GLU X . n 
A 1 84  ALA 84  84  84  ALA ALA X . n 
A 1 85  GLU 85  85  85  GLU GLU X . n 
A 1 86  LEU 86  86  86  LEU LEU X . n 
A 1 87  LYS 87  87  87  LYS LYS X . n 
A 1 88  PRO 88  88  88  PRO PRO X . n 
A 1 89  LEU 89  89  89  LEU LEU X . n 
A 1 90  ALA 90  90  90  ALA ALA X . n 
A 1 91  GLN 91  91  91  GLN GLN X . n 
A 1 92  SER 92  92  92  SER SER X . n 
A 1 93  HIS 93  93  93  HIS HIS X . n 
A 1 94  ALA 94  94  94  ALA ALA X . n 
A 1 95  THR 95  95  95  THR THR X . n 
A 1 96  LYS 96  96  96  LYS LYS X . n 
A 1 97  HIS 97  97  97  HIS HIS X . n 
A 1 98  LYS 98  98  98  LYS LYS X . n 
A 1 99  ILE 99  99  99  ILE ILE X . n 
A 1 100 PRO 100 100 100 PRO PRO X . n 
A 1 101 ILE 101 101 101 ILE ILE X . n 
A 1 102 LYS 102 102 102 LYS LYS X . n 
A 1 103 TYR 103 103 103 TYR TYR X . n 
A 1 104 LEU 104 104 104 LEU LEU X . n 
A 1 105 GLU 105 105 105 GLU GLU X . n 
A 1 106 PHE 106 106 106 PHE PHE X . n 
A 1 107 ILE 107 107 107 ILE ILE X . n 
A 1 108 SER 108 108 108 SER SER X . n 
A 1 109 ASP 109 109 109 ASP ASP X . n 
A 1 110 ALA 110 110 110 ALA ALA X . n 
A 1 111 ILE 111 111 111 ILE ILE X . n 
A 1 112 ILE 112 112 112 ILE ILE X . n 
A 1 113 HIS 113 113 113 HIS HIS X . n 
A 1 114 VAL 114 114 114 VAL VAL X . n 
A 1 115 LEU 115 115 115 LEU LEU X . n 
A 1 116 HIS 116 116 116 HIS HIS X . n 
A 1 117 SER 117 117 117 SER SER X . n 
A 1 118 LYS 118 118 118 LYS LYS X . n 
A 1 119 HIS 119 119 119 HIS HIS X . n 
A 1 120 PRO 120 120 120 PRO PRO X . n 
A 1 121 GLY 121 121 121 GLY GLY X . n 
A 1 122 ASP 122 122 122 ASP ASP X . n 
A 1 123 PHE 123 123 123 PHE PHE X . n 
A 1 124 GLY 124 124 124 GLY GLY X . n 
A 1 125 ALA 125 125 125 ALA ALA X . n 
A 1 126 ASP 126 126 126 ASP ASP X . n 
A 1 127 ALA 127 127 127 ALA ALA X . n 
A 1 128 GLN 128 128 128 GLN GLN X . n 
A 1 129 GLY 129 129 129 GLY GLY X . n 
A 1 130 ALA 130 130 130 ALA ALA X . n 
A 1 131 MET 131 131 131 MET MET X . n 
A 1 132 THR 132 132 132 THR THR X . n 
A 1 133 LYS 133 133 133 LYS LYS X . n 
A 1 134 ALA 134 134 134 ALA ALA X . n 
A 1 135 LEU 135 135 135 LEU LEU X . n 
A 1 136 GLU 136 136 136 GLU GLU X . n 
A 1 137 LEU 137 137 137 LEU LEU X . n 
A 1 138 PHE 138 138 138 PHE PHE X . n 
A 1 139 ARG 139 139 139 ARG ARG X . n 
A 1 140 ASN 140 140 140 ASN ASN X . n 
A 1 141 ASP 141 141 141 ASP ASP X . n 
A 1 142 ILE 142 142 142 ILE ILE X . n 
A 1 143 ALA 143 143 143 ALA ALA X . n 
A 1 144 ALA 144 144 144 ALA ALA X . n 
A 1 145 LYS 145 145 145 LYS LYS X . n 
A 1 146 TYR 146 146 146 TYR TYR X . n 
A 1 147 LYS 147 147 147 LYS LYS X . n 
A 1 148 GLU 148 148 148 GLU GLU X . n 
A 1 149 LEU 149 149 149 LEU LEU X . n 
A 1 150 GLY 150 150 150 GLY GLY X . n 
A 1 151 PHE 151 151 151 PHE PHE X . n 
A 1 152 GLN 152 152 152 GLN GLN X . n 
A 1 153 GLY 153 153 ?   ?   ?   X . n 
# 
loop_
_pdbx_nonpoly_scheme.asym_id 
_pdbx_nonpoly_scheme.entity_id 
_pdbx_nonpoly_scheme.mon_id 
_pdbx_nonpoly_scheme.ndb_seq_num 
_pdbx_nonpoly_scheme.pdb_seq_num 
_pdbx_nonpoly_scheme.auth_seq_num 
_pdbx_nonpoly_scheme.pdb_mon_id 
_pdbx_nonpoly_scheme.auth_mon_id 
_pdbx_nonpoly_scheme.pdb_strand_id 
_pdbx_nonpoly_scheme.pdb_ins_code 
B 2 SO4 1   157 157 SO4 SO4 X . 
C 2 SO4 1   158 158 SO4 SO4 X . 
D 3 NO2 1   159 159 NO2 NO2 X . 
E 4 MNR 1   154 154 MNR MNR X . 
F 5 HOH 1   160 1   HOH HOH X . 
F 5 HOH 2   161 2   HOH HOH X . 
F 5 HOH 3   162 3   HOH HOH X . 
F 5 HOH 4   163 4   HOH HOH X . 
F 5 HOH 5   164 5   HOH HOH X . 
F 5 HOH 6   165 6   HOH HOH X . 
F 5 HOH 7   166 7   HOH HOH X . 
F 5 HOH 8   167 8   HOH HOH X . 
F 5 HOH 9   168 9   HOH HOH X . 
F 5 HOH 10  169 10  HOH HOH X . 
F 5 HOH 11  170 11  HOH HOH X . 
F 5 HOH 12  171 12  HOH HOH X . 
F 5 HOH 13  172 13  HOH HOH X . 
F 5 HOH 14  173 14  HOH HOH X . 
F 5 HOH 15  174 15  HOH HOH X . 
F 5 HOH 16  175 16  HOH HOH X . 
F 5 HOH 17  176 17  HOH HOH X . 
F 5 HOH 18  177 18  HOH HOH X . 
F 5 HOH 19  178 19  HOH HOH X . 
F 5 HOH 20  179 20  HOH HOH X . 
F 5 HOH 21  180 21  HOH HOH X . 
F 5 HOH 22  181 22  HOH HOH X . 
F 5 HOH 23  182 23  HOH HOH X . 
F 5 HOH 24  183 24  HOH HOH X . 
F 5 HOH 25  184 25  HOH HOH X . 
F 5 HOH 26  185 26  HOH HOH X . 
F 5 HOH 27  186 27  HOH HOH X . 
F 5 HOH 28  187 28  HOH HOH X . 
F 5 HOH 29  188 29  HOH HOH X . 
F 5 HOH 30  189 30  HOH HOH X . 
F 5 HOH 31  190 31  HOH HOH X . 
F 5 HOH 32  191 32  HOH HOH X . 
F 5 HOH 33  192 33  HOH HOH X . 
F 5 HOH 34  193 34  HOH HOH X . 
F 5 HOH 35  194 35  HOH HOH X . 
F 5 HOH 36  195 36  HOH HOH X . 
F 5 HOH 37  196 37  HOH HOH X . 
F 5 HOH 38  197 38  HOH HOH X . 
F 5 HOH 39  198 39  HOH HOH X . 
F 5 HOH 40  199 40  HOH HOH X . 
F 5 HOH 41  200 41  HOH HOH X . 
F 5 HOH 42  201 42  HOH HOH X . 
F 5 HOH 43  202 43  HOH HOH X . 
F 5 HOH 44  203 44  HOH HOH X . 
F 5 HOH 45  204 45  HOH HOH X . 
F 5 HOH 46  205 46  HOH HOH X . 
F 5 HOH 47  206 47  HOH HOH X . 
F 5 HOH 48  207 48  HOH HOH X . 
F 5 HOH 49  208 49  HOH HOH X . 
F 5 HOH 50  209 50  HOH HOH X . 
F 5 HOH 51  210 51  HOH HOH X . 
F 5 HOH 52  211 52  HOH HOH X . 
F 5 HOH 53  212 53  HOH HOH X . 
F 5 HOH 54  213 54  HOH HOH X . 
F 5 HOH 55  214 55  HOH HOH X . 
F 5 HOH 56  215 56  HOH HOH X . 
F 5 HOH 57  216 57  HOH HOH X . 
F 5 HOH 58  217 58  HOH HOH X . 
F 5 HOH 59  218 59  HOH HOH X . 
F 5 HOH 60  219 60  HOH HOH X . 
F 5 HOH 61  220 61  HOH HOH X . 
F 5 HOH 62  221 62  HOH HOH X . 
F 5 HOH 63  222 63  HOH HOH X . 
F 5 HOH 64  223 64  HOH HOH X . 
F 5 HOH 65  224 65  HOH HOH X . 
F 5 HOH 66  225 66  HOH HOH X . 
F 5 HOH 67  226 67  HOH HOH X . 
F 5 HOH 68  227 68  HOH HOH X . 
F 5 HOH 69  228 69  HOH HOH X . 
F 5 HOH 70  229 70  HOH HOH X . 
F 5 HOH 71  230 71  HOH HOH X . 
F 5 HOH 72  231 72  HOH HOH X . 
F 5 HOH 73  232 73  HOH HOH X . 
F 5 HOH 74  233 74  HOH HOH X . 
F 5 HOH 75  234 75  HOH HOH X . 
F 5 HOH 76  235 76  HOH HOH X . 
F 5 HOH 77  236 77  HOH HOH X . 
F 5 HOH 78  237 78  HOH HOH X . 
F 5 HOH 79  238 79  HOH HOH X . 
F 5 HOH 80  239 80  HOH HOH X . 
F 5 HOH 81  240 81  HOH HOH X . 
F 5 HOH 82  241 82  HOH HOH X . 
F 5 HOH 83  242 83  HOH HOH X . 
F 5 HOH 84  243 84  HOH HOH X . 
F 5 HOH 85  244 85  HOH HOH X . 
F 5 HOH 86  245 86  HOH HOH X . 
F 5 HOH 87  246 87  HOH HOH X . 
F 5 HOH 88  247 88  HOH HOH X . 
F 5 HOH 89  248 89  HOH HOH X . 
F 5 HOH 90  249 90  HOH HOH X . 
F 5 HOH 91  250 91  HOH HOH X . 
F 5 HOH 92  251 92  HOH HOH X . 
F 5 HOH 93  252 93  HOH HOH X . 
F 5 HOH 94  253 94  HOH HOH X . 
F 5 HOH 95  254 95  HOH HOH X . 
F 5 HOH 96  255 96  HOH HOH X . 
F 5 HOH 97  256 97  HOH HOH X . 
F 5 HOH 98  257 98  HOH HOH X . 
F 5 HOH 99  258 99  HOH HOH X . 
F 5 HOH 100 259 100 HOH HOH X . 
F 5 HOH 101 260 101 HOH HOH X . 
F 5 HOH 102 261 102 HOH HOH X . 
F 5 HOH 103 262 103 HOH HOH X . 
F 5 HOH 104 263 104 HOH HOH X . 
F 5 HOH 105 264 105 HOH HOH X . 
F 5 HOH 106 265 106 HOH HOH X . 
F 5 HOH 107 266 107 HOH HOH X . 
F 5 HOH 108 267 108 HOH HOH X . 
F 5 HOH 109 268 109 HOH HOH X . 
F 5 HOH 110 269 110 HOH HOH X . 
F 5 HOH 111 270 111 HOH HOH X . 
F 5 HOH 112 271 112 HOH HOH X . 
F 5 HOH 113 272 114 HOH HOH X . 
F 5 HOH 114 273 115 HOH HOH X . 
F 5 HOH 115 274 116 HOH HOH X . 
F 5 HOH 116 275 117 HOH HOH X . 
F 5 HOH 117 276 118 HOH HOH X . 
# 
loop_
_software.name 
_software.classification 
_software.version 
_software.citation_id 
_software.pdbx_ordinal 
REFMAC       refinement        5.2.0005 ? 1 
CrystalClear 'data collection' .        ? 2 
d*TREK       'data reduction'  .        ? 3 
d*TREK       'data scaling'    .        ? 4 
MOLREP       phasing           .        ? 5 
# 
_cell.entry_id           2O5O 
_cell.length_a           35.427 
_cell.length_b           28.667 
_cell.length_c           62.995 
_cell.angle_alpha        90.00 
_cell.angle_beta         105.50 
_cell.angle_gamma        90.00 
_cell.Z_PDB              2 
_cell.pdbx_unique_axis   ? 
_cell.length_a_esd       ? 
_cell.length_b_esd       ? 
_cell.length_c_esd       ? 
_cell.angle_alpha_esd    ? 
_cell.angle_beta_esd     ? 
_cell.angle_gamma_esd    ? 
# 
_symmetry.entry_id                         2O5O 
_symmetry.space_group_name_H-M             'P 1 21 1' 
_symmetry.pdbx_full_space_group_name_H-M   ? 
_symmetry.cell_setting                     ? 
_symmetry.Int_Tables_number                4 
_symmetry.space_group_name_Hall            ? 
# 
_exptl.entry_id          2O5O 
_exptl.method            'X-RAY DIFFRACTION' 
_exptl.crystals_number   1 
# 
_exptl_crystal.id                    1 
_exptl_crystal.density_meas          ? 
_exptl_crystal.density_Matthews      1.81 
_exptl_crystal.density_percent_sol   32.21 
_exptl_crystal.description           ? 
_exptl_crystal.F_000                 ? 
_exptl_crystal.preparation           ? 
# 
_exptl_crystal_grow.crystal_id      1 
_exptl_crystal_grow.method          'VAPOR DIFFUSION, HANGING DROP' 
_exptl_crystal_grow.temp            296 
_exptl_crystal_grow.temp_details    'Room temperature' 
_exptl_crystal_grow.pH              7.4 
_exptl_crystal_grow.pdbx_details    'Ammonium sulfate, pH 7.4, VAPOR DIFFUSION, HANGING DROP, temperature 296K' 
_exptl_crystal_grow.pdbx_pH_range   . 
# 
_diffrn.id                     1 
_diffrn.ambient_temp           100 
_diffrn.ambient_temp_details   ? 
_diffrn.crystal_id             1 
# 
_diffrn_detector.diffrn_id              1 
_diffrn_detector.detector               'IMAGE PLATE' 
_diffrn_detector.type                   'RIGAKU RAXIS IV' 
_diffrn_detector.pdbx_collection_date   2005-08-02 
_diffrn_detector.details                ? 
# 
_diffrn_radiation.diffrn_id                        1 
_diffrn_radiation.wavelength_id                    1 
_diffrn_radiation.pdbx_monochromatic_or_laue_m_l   M 
_diffrn_radiation.monochromator                    'Osmic mirror' 
_diffrn_radiation.pdbx_diffrn_protocol             'SINGLE WAVELENGTH' 
_diffrn_radiation.pdbx_scattering_type             x-ray 
# 
_diffrn_radiation_wavelength.id           1 
_diffrn_radiation_wavelength.wavelength   1.54178 
_diffrn_radiation_wavelength.wt           1.0 
# 
_diffrn_source.diffrn_id                   1 
_diffrn_source.source                      'ROTATING ANODE' 
_diffrn_source.type                        'RIGAKU RU300' 
_diffrn_source.pdbx_synchrotron_site       ? 
_diffrn_source.pdbx_synchrotron_beamline   ? 
_diffrn_source.pdbx_wavelength             ? 
_diffrn_source.pdbx_wavelength_list        1.54178 
# 
_reflns.entry_id                     2O5O 
_reflns.observed_criterion_sigma_I   ? 
_reflns.observed_criterion_sigma_F   ? 
_reflns.d_resolution_low             26.85 
_reflns.d_resolution_high            1.55 
_reflns.number_obs                   17426 
_reflns.number_all                   ? 
_reflns.percent_possible_obs         ? 
_reflns.pdbx_Rmerge_I_obs            ? 
_reflns.pdbx_Rsym_value              ? 
_reflns.pdbx_netI_over_sigmaI        ? 
_reflns.B_iso_Wilson_estimate        ? 
_reflns.pdbx_redundancy              ? 
_reflns.R_free_details               ? 
_reflns.limit_h_max                  ? 
_reflns.limit_h_min                  ? 
_reflns.limit_k_max                  ? 
_reflns.limit_k_min                  ? 
_reflns.limit_l_max                  ? 
_reflns.limit_l_min                  ? 
_reflns.observed_criterion_F_max     ? 
_reflns.observed_criterion_F_min     ? 
_reflns.pdbx_chi_squared             ? 
_reflns.pdbx_scaling_rejects         ? 
_reflns.pdbx_diffrn_id               1 
_reflns.pdbx_ordinal                 1 
# 
_refine.entry_id                                 2O5O 
_refine.ls_number_reflns_obs                     15358 
_refine.ls_number_reflns_all                     ? 
_refine.pdbx_ls_sigma_I                          ? 
_refine.pdbx_ls_sigma_F                          ? 
_refine.pdbx_data_cutoff_high_absF               ? 
_refine.pdbx_data_cutoff_low_absF                ? 
_refine.pdbx_data_cutoff_high_rms_absF           ? 
_refine.ls_d_res_low                             25.92 
_refine.ls_d_res_high                            1.60 
_refine.ls_percent_reflns_obs                    98.60 
_refine.ls_R_factor_obs                          0.18800 
_refine.ls_R_factor_all                          ? 
_refine.ls_R_factor_R_work                       0.18598 
_refine.ls_R_factor_R_free                       0.22353 
_refine.ls_R_factor_R_free_error                 ? 
_refine.ls_R_factor_R_free_error_details         ? 
_refine.ls_percent_reflns_R_free                 5.1 
_refine.ls_number_reflns_R_free                  826 
_refine.ls_number_parameters                     ? 
_refine.ls_number_restraints                     ? 
_refine.occupancy_min                            ? 
_refine.occupancy_max                            ? 
_refine.correlation_coeff_Fo_to_Fc               0.961 
_refine.correlation_coeff_Fo_to_Fc_free          0.946 
_refine.B_iso_mean                               16.876 
_refine.aniso_B[1][1]                            0.04 
_refine.aniso_B[2][2]                            0.00 
_refine.aniso_B[3][3]                            -0.02 
_refine.aniso_B[1][2]                            0.00 
_refine.aniso_B[1][3]                            0.02 
_refine.aniso_B[2][3]                            0.00 
_refine.solvent_model_details                    MASK 
_refine.solvent_model_param_ksol                 ? 
_refine.solvent_model_param_bsol                 ? 
_refine.pdbx_solvent_vdw_probe_radii             1.20 
_refine.pdbx_solvent_ion_probe_radii             0.80 
_refine.pdbx_solvent_shrinkage_radii             0.80 
_refine.pdbx_ls_cross_valid_method               THROUGHOUT 
_refine.details                                  'HYDROGENS HAVE BEEN ADDED IN THE RIDING POSITIONS' 
_refine.pdbx_starting_model                      ? 
_refine.pdbx_method_to_determine_struct          'MOLECULAR REPLACEMENT' 
_refine.pdbx_isotropic_thermal_model             ? 
_refine.pdbx_stereochemistry_target_values       'MAXIMUM LIKELIHOOD' 
_refine.pdbx_stereochem_target_val_spec_case     ? 
_refine.pdbx_R_Free_selection_details            RANDOM 
_refine.pdbx_overall_ESU_R                       0.113 
_refine.pdbx_overall_ESU_R_Free                  0.109 
_refine.overall_SU_ML                            0.078 
_refine.overall_SU_B                             2.192 
_refine.ls_redundancy_reflns_obs                 ? 
_refine.B_iso_min                                ? 
_refine.B_iso_max                                ? 
_refine.overall_SU_R_Cruickshank_DPI             ? 
_refine.overall_SU_R_free                        ? 
_refine.ls_wR_factor_R_free                      ? 
_refine.ls_wR_factor_R_work                      ? 
_refine.overall_FOM_free_R_set                   ? 
_refine.overall_FOM_work_R_set                   ? 
_refine.pdbx_overall_phase_error                 ? 
_refine.pdbx_refine_id                           'X-RAY DIFFRACTION' 
_refine.pdbx_diffrn_id                           1 
_refine.pdbx_TLS_residual_ADP_flag               ? 
_refine.pdbx_overall_SU_R_free_Cruickshank_DPI   ? 
_refine.pdbx_overall_SU_R_Blow_DPI               ? 
_refine.pdbx_overall_SU_R_free_Blow_DPI          ? 
# 
_refine_hist.pdbx_refine_id                   'X-RAY DIFFRACTION' 
_refine_hist.cycle_id                         LAST 
_refine_hist.pdbx_number_atoms_protein        1194 
_refine_hist.pdbx_number_atoms_nucleic_acid   0 
_refine_hist.pdbx_number_atoms_ligand         56 
_refine_hist.number_atoms_solvent             117 
_refine_hist.number_atoms_total               1367 
_refine_hist.d_res_high                       1.60 
_refine_hist.d_res_low                        25.92 
# 
loop_
_refine_ls_restr.type 
_refine_ls_restr.dev_ideal 
_refine_ls_restr.dev_ideal_target 
_refine_ls_restr.weight 
_refine_ls_restr.number 
_refine_ls_restr.pdbx_refine_id 
_refine_ls_restr.pdbx_restraint_function 
r_bond_refined_d             0.013  0.021  ? 1285 'X-RAY DIFFRACTION' ? 
r_bond_other_d               ?      ?      ? ?    'X-RAY DIFFRACTION' ? 
r_angle_refined_deg          2.259  2.007  ? 1739 'X-RAY DIFFRACTION' ? 
r_angle_other_deg            ?      ?      ? ?    'X-RAY DIFFRACTION' ? 
r_dihedral_angle_1_deg       4.551  5.000  ? 151  'X-RAY DIFFRACTION' ? 
r_dihedral_angle_2_deg       36.782 25.094 ? 53   'X-RAY DIFFRACTION' ? 
r_dihedral_angle_3_deg       13.065 15.000 ? 233  'X-RAY DIFFRACTION' ? 
r_dihedral_angle_4_deg       16.533 15.000 ? 2    'X-RAY DIFFRACTION' ? 
r_chiral_restr               0.095  0.200  ? 182  'X-RAY DIFFRACTION' ? 
r_gen_planes_refined         0.006  0.020  ? 951  'X-RAY DIFFRACTION' ? 
r_gen_planes_other           ?      ?      ? ?    'X-RAY DIFFRACTION' ? 
r_nbd_refined                0.213  0.200  ? 711  'X-RAY DIFFRACTION' ? 
r_nbd_other                  ?      ?      ? ?    'X-RAY DIFFRACTION' ? 
r_nbtor_refined              0.304  0.200  ? 874  'X-RAY DIFFRACTION' ? 
r_nbtor_other                ?      ?      ? ?    'X-RAY DIFFRACTION' ? 
r_xyhbond_nbd_refined        0.122  0.200  ? 110  'X-RAY DIFFRACTION' ? 
r_xyhbond_nbd_other          ?      ?      ? ?    'X-RAY DIFFRACTION' ? 
r_metal_ion_refined          ?      ?      ? ?    'X-RAY DIFFRACTION' ? 
r_metal_ion_other            ?      ?      ? ?    'X-RAY DIFFRACTION' ? 
r_symmetry_vdw_refined       0.191  0.200  ? 65   'X-RAY DIFFRACTION' ? 
r_symmetry_vdw_other         ?      ?      ? ?    'X-RAY DIFFRACTION' ? 
r_symmetry_hbond_refined     0.124  0.200  ? 22   'X-RAY DIFFRACTION' ? 
r_symmetry_hbond_other       ?      ?      ? ?    'X-RAY DIFFRACTION' ? 
r_symmetry_metal_ion_refined ?      ?      ? ?    'X-RAY DIFFRACTION' ? 
r_symmetry_metal_ion_other   ?      ?      ? ?    'X-RAY DIFFRACTION' ? 
r_mcbond_it                  0.811  1.500  ? 772  'X-RAY DIFFRACTION' ? 
r_mcbond_other               ?      ?      ? ?    'X-RAY DIFFRACTION' ? 
r_mcangle_it                 1.292  2.000  ? 1192 'X-RAY DIFFRACTION' ? 
r_scbond_it                  2.269  3.000  ? 574  'X-RAY DIFFRACTION' ? 
r_scangle_it                 3.505  4.500  ? 545  'X-RAY DIFFRACTION' ? 
r_rigid_bond_restr           ?      ?      ? ?    'X-RAY DIFFRACTION' ? 
r_sphericity_free            ?      ?      ? ?    'X-RAY DIFFRACTION' ? 
r_sphericity_bonded          ?      ?      ? ?    'X-RAY DIFFRACTION' ? 
# 
_refine_ls_shell.pdbx_total_number_of_bins_used   20 
_refine_ls_shell.d_res_high                       1.600 
_refine_ls_shell.d_res_low                        1.641 
_refine_ls_shell.number_reflns_R_work             1088 
_refine_ls_shell.R_factor_R_work                  0.321 
_refine_ls_shell.percent_reflns_obs               95.90 
_refine_ls_shell.R_factor_R_free                  0.359 
_refine_ls_shell.R_factor_R_free_error            ? 
_refine_ls_shell.percent_reflns_R_free            ? 
_refine_ls_shell.number_reflns_R_free             58 
_refine_ls_shell.number_reflns_all                ? 
_refine_ls_shell.R_factor_all                     ? 
_refine_ls_shell.redundancy_reflns_obs            ? 
_refine_ls_shell.number_reflns_obs                ? 
_refine_ls_shell.pdbx_refine_id                   'X-RAY DIFFRACTION' 
# 
_struct.entry_id                  2O5O 
_struct.title                     'Manganese horse heart myoglobin, nitrite modified' 
_struct.pdbx_model_details        ? 
_struct.pdbx_CASP_flag            N 
_struct.pdbx_model_type_details   ? 
# 
_struct_keywords.entry_id        2O5O 
_struct_keywords.pdbx_keywords   'OXYGEN STORAGE/TRANSPORT' 
_struct_keywords.text            
'Manganese myoglobin, manganese protoporphyrin IX, nitrite, horse heart, OXYGEN STORAGE-TRANSPORT COMPLEX' 
# 
loop_
_struct_asym.id 
_struct_asym.pdbx_blank_PDB_chainid_flag 
_struct_asym.pdbx_modified 
_struct_asym.entity_id 
_struct_asym.details 
A N N 1 ? 
B N N 2 ? 
C N N 2 ? 
D N N 3 ? 
E N N 4 ? 
F N N 5 ? 
# 
_struct_ref.id                         1 
_struct_ref.db_name                    UNP 
_struct_ref.db_code                    MYG_HORSE 
_struct_ref.pdbx_db_accession          P68082 
_struct_ref.entity_id                  1 
_struct_ref.pdbx_seq_one_letter_code   
;GLSDGEWQQVLNVWGKVEADIAGHGQEVLIRLFTGHPETLEKFDKFKHLKTEAEMKASEDLKKHGTVVLTALGGILKKKG
HHEAELKPLAQSHATKHKIPIKYLEFISDAIIHVLHSKHPGDFGADAQGAMTKALELFRNDIAAKYKELGFQG
;
_struct_ref.pdbx_align_begin           1 
_struct_ref.pdbx_db_isoform            ? 
# 
_struct_ref_seq.align_id                      1 
_struct_ref_seq.ref_id                        1 
_struct_ref_seq.pdbx_PDB_id_code              2O5O 
_struct_ref_seq.pdbx_strand_id                X 
_struct_ref_seq.seq_align_beg                 1 
_struct_ref_seq.pdbx_seq_align_beg_ins_code   ? 
_struct_ref_seq.seq_align_end                 153 
_struct_ref_seq.pdbx_seq_align_end_ins_code   ? 
_struct_ref_seq.pdbx_db_accession             P68082 
_struct_ref_seq.db_align_beg                  1 
_struct_ref_seq.pdbx_db_align_beg_ins_code    ? 
_struct_ref_seq.db_align_end                  153 
_struct_ref_seq.pdbx_db_align_end_ins_code    ? 
_struct_ref_seq.pdbx_auth_seq_align_beg       1 
_struct_ref_seq.pdbx_auth_seq_align_end       153 
# 
_pdbx_struct_assembly.id                   1 
_pdbx_struct_assembly.details              author_and_software_defined_assembly 
_pdbx_struct_assembly.method_details       PISA 
_pdbx_struct_assembly.oligomeric_details   monomeric 
_pdbx_struct_assembly.oligomeric_count     1 
# 
_pdbx_struct_assembly_gen.assembly_id       1 
_pdbx_struct_assembly_gen.oper_expression   1 
_pdbx_struct_assembly_gen.asym_id_list      A,B,C,D,E,F 
# 
_pdbx_struct_oper_list.id                   1 
_pdbx_struct_oper_list.type                 'identity operation' 
_pdbx_struct_oper_list.name                 1_555 
_pdbx_struct_oper_list.symmetry_operation   x,y,z 
_pdbx_struct_oper_list.matrix[1][1]         1.0000000000 
_pdbx_struct_oper_list.matrix[1][2]         0.0000000000 
_pdbx_struct_oper_list.matrix[1][3]         0.0000000000 
_pdbx_struct_oper_list.vector[1]            0.0000000000 
_pdbx_struct_oper_list.matrix[2][1]         0.0000000000 
_pdbx_struct_oper_list.matrix[2][2]         1.0000000000 
_pdbx_struct_oper_list.matrix[2][3]         0.0000000000 
_pdbx_struct_oper_list.vector[2]            0.0000000000 
_pdbx_struct_oper_list.matrix[3][1]         0.0000000000 
_pdbx_struct_oper_list.matrix[3][2]         0.0000000000 
_pdbx_struct_oper_list.matrix[3][3]         1.0000000000 
_pdbx_struct_oper_list.vector[3]            0.0000000000 
# 
_struct_biol.id        1 
_struct_biol.details   ? 
# 
loop_
_struct_conf.conf_type_id 
_struct_conf.id 
_struct_conf.pdbx_PDB_helix_id 
_struct_conf.beg_label_comp_id 
_struct_conf.beg_label_asym_id 
_struct_conf.beg_label_seq_id 
_struct_conf.pdbx_beg_PDB_ins_code 
_struct_conf.end_label_comp_id 
_struct_conf.end_label_asym_id 
_struct_conf.end_label_seq_id 
_struct_conf.pdbx_end_PDB_ins_code 
_struct_conf.beg_auth_comp_id 
_struct_conf.beg_auth_asym_id 
_struct_conf.beg_auth_seq_id 
_struct_conf.end_auth_comp_id 
_struct_conf.end_auth_asym_id 
_struct_conf.end_auth_seq_id 
_struct_conf.pdbx_PDB_helix_class 
_struct_conf.details 
_struct_conf.pdbx_PDB_helix_length 
HELX_P HELX_P1 1 SER A 3   ? ASP A 20  ? SER X 3   ASP X 20  1 ? 18 
HELX_P HELX_P2 2 ASP A 20  ? HIS A 36  ? ASP X 20  HIS X 36  1 ? 17 
HELX_P HELX_P3 3 HIS A 36  ? GLU A 41  ? HIS X 36  GLU X 41  1 ? 6  
HELX_P HELX_P4 4 THR A 51  ? SER A 58  ? THR X 51  SER X 58  1 ? 8  
HELX_P HELX_P5 5 SER A 58  ? LYS A 78  ? SER X 58  LYS X 78  1 ? 21 
HELX_P HELX_P6 6 HIS A 82  ? LYS A 96  ? HIS X 82  LYS X 96  1 ? 15 
HELX_P HELX_P7 7 PRO A 100 ? HIS A 119 ? PRO X 100 HIS X 119 1 ? 20 
HELX_P HELX_P8 8 GLY A 124 ? GLY A 150 ? GLY X 124 GLY X 150 1 ? 27 
# 
_struct_conf_type.id          HELX_P 
_struct_conf_type.criteria    ? 
_struct_conf_type.reference   ? 
# 
loop_
_struct_conn.id 
_struct_conn.conn_type_id 
_struct_conn.pdbx_leaving_atom_flag 
_struct_conn.pdbx_PDB_id 
_struct_conn.ptnr1_label_asym_id 
_struct_conn.ptnr1_label_comp_id 
_struct_conn.ptnr1_label_seq_id 
_struct_conn.ptnr1_label_atom_id 
_struct_conn.pdbx_ptnr1_label_alt_id 
_struct_conn.pdbx_ptnr1_PDB_ins_code 
_struct_conn.pdbx_ptnr1_standard_comp_id 
_struct_conn.ptnr1_symmetry 
_struct_conn.ptnr2_label_asym_id 
_struct_conn.ptnr2_label_comp_id 
_struct_conn.ptnr2_label_seq_id 
_struct_conn.ptnr2_label_atom_id 
_struct_conn.pdbx_ptnr2_label_alt_id 
_struct_conn.pdbx_ptnr2_PDB_ins_code 
_struct_conn.ptnr1_auth_asym_id 
_struct_conn.ptnr1_auth_comp_id 
_struct_conn.ptnr1_auth_seq_id 
_struct_conn.ptnr2_auth_asym_id 
_struct_conn.ptnr2_auth_comp_id 
_struct_conn.ptnr2_auth_seq_id 
_struct_conn.ptnr2_symmetry 
_struct_conn.pdbx_ptnr3_label_atom_id 
_struct_conn.pdbx_ptnr3_label_seq_id 
_struct_conn.pdbx_ptnr3_label_comp_id 
_struct_conn.pdbx_ptnr3_label_asym_id 
_struct_conn.pdbx_ptnr3_label_alt_id 
_struct_conn.pdbx_ptnr3_PDB_ins_code 
_struct_conn.details 
_struct_conn.pdbx_dist_value 
_struct_conn.pdbx_value_order 
_struct_conn.pdbx_role 
metalc1 metalc ? ? A HIS 93 NE2 ? ? ? 1_555 E MNR . MN ? ? X HIS 93  X MNR 154 1_555 ? ? ? ? ? ? ? 2.335 ? ? 
metalc2 metalc ? ? E MNR .  MN  ? ? ? 1_555 D NO2 . O2 ? ? X MNR 154 X NO2 159 1_555 ? ? ? ? ? ? ? 2.333 ? ? 
# 
_struct_conn_type.id          metalc 
_struct_conn_type.criteria    ? 
_struct_conn_type.reference   ? 
# 
loop_
_pdbx_struct_conn_angle.id 
_pdbx_struct_conn_angle.ptnr1_label_atom_id 
_pdbx_struct_conn_angle.ptnr1_label_alt_id 
_pdbx_struct_conn_angle.ptnr1_label_asym_id 
_pdbx_struct_conn_angle.ptnr1_label_comp_id 
_pdbx_struct_conn_angle.ptnr1_label_seq_id 
_pdbx_struct_conn_angle.ptnr1_auth_atom_id 
_pdbx_struct_conn_angle.ptnr1_auth_asym_id 
_pdbx_struct_conn_angle.ptnr1_auth_comp_id 
_pdbx_struct_conn_angle.ptnr1_auth_seq_id 
_pdbx_struct_conn_angle.ptnr1_PDB_ins_code 
_pdbx_struct_conn_angle.ptnr1_symmetry 
_pdbx_struct_conn_angle.ptnr2_label_atom_id 
_pdbx_struct_conn_angle.ptnr2_label_alt_id 
_pdbx_struct_conn_angle.ptnr2_label_asym_id 
_pdbx_struct_conn_angle.ptnr2_label_comp_id 
_pdbx_struct_conn_angle.ptnr2_label_seq_id 
_pdbx_struct_conn_angle.ptnr2_auth_atom_id 
_pdbx_struct_conn_angle.ptnr2_auth_asym_id 
_pdbx_struct_conn_angle.ptnr2_auth_comp_id 
_pdbx_struct_conn_angle.ptnr2_auth_seq_id 
_pdbx_struct_conn_angle.ptnr2_PDB_ins_code 
_pdbx_struct_conn_angle.ptnr2_symmetry 
_pdbx_struct_conn_angle.ptnr3_label_atom_id 
_pdbx_struct_conn_angle.ptnr3_label_alt_id 
_pdbx_struct_conn_angle.ptnr3_label_asym_id 
_pdbx_struct_conn_angle.ptnr3_label_comp_id 
_pdbx_struct_conn_angle.ptnr3_label_seq_id 
_pdbx_struct_conn_angle.ptnr3_auth_atom_id 
_pdbx_struct_conn_angle.ptnr3_auth_asym_id 
_pdbx_struct_conn_angle.ptnr3_auth_comp_id 
_pdbx_struct_conn_angle.ptnr3_auth_seq_id 
_pdbx_struct_conn_angle.ptnr3_PDB_ins_code 
_pdbx_struct_conn_angle.ptnr3_symmetry 
_pdbx_struct_conn_angle.value 
_pdbx_struct_conn_angle.value_esd 
1  NE2 ? A HIS 93 ? X HIS 93  ? 1_555 MN ? E MNR . ? X MNR 154 ? 1_555 NA ? E MNR . ? X MNR 154 ? 1_555 90.0  ? 
2  NE2 ? A HIS 93 ? X HIS 93  ? 1_555 MN ? E MNR . ? X MNR 154 ? 1_555 NB ? E MNR . ? X MNR 154 ? 1_555 85.9  ? 
3  NA  ? E MNR .  ? X MNR 154 ? 1_555 MN ? E MNR . ? X MNR 154 ? 1_555 NB ? E MNR . ? X MNR 154 ? 1_555 89.6  ? 
4  NE2 ? A HIS 93 ? X HIS 93  ? 1_555 MN ? E MNR . ? X MNR 154 ? 1_555 NC ? E MNR . ? X MNR 154 ? 1_555 94.6  ? 
5  NA  ? E MNR .  ? X MNR 154 ? 1_555 MN ? E MNR . ? X MNR 154 ? 1_555 NC ? E MNR . ? X MNR 154 ? 1_555 175.1 ? 
6  NB  ? E MNR .  ? X MNR 154 ? 1_555 MN ? E MNR . ? X MNR 154 ? 1_555 NC ? E MNR . ? X MNR 154 ? 1_555 89.0  ? 
7  NE2 ? A HIS 93 ? X HIS 93  ? 1_555 MN ? E MNR . ? X MNR 154 ? 1_555 ND ? E MNR . ? X MNR 154 ? 1_555 97.5  ? 
8  NA  ? E MNR .  ? X MNR 154 ? 1_555 MN ? E MNR . ? X MNR 154 ? 1_555 ND ? E MNR . ? X MNR 154 ? 1_555 90.1  ? 
9  NB  ? E MNR .  ? X MNR 154 ? 1_555 MN ? E MNR . ? X MNR 154 ? 1_555 ND ? E MNR . ? X MNR 154 ? 1_555 176.6 ? 
10 NC  ? E MNR .  ? X MNR 154 ? 1_555 MN ? E MNR . ? X MNR 154 ? 1_555 ND ? E MNR . ? X MNR 154 ? 1_555 91.0  ? 
11 NE2 ? A HIS 93 ? X HIS 93  ? 1_555 MN ? E MNR . ? X MNR 154 ? 1_555 O2 ? D NO2 . ? X NO2 159 ? 1_555 175.3 ? 
12 NA  ? E MNR .  ? X MNR 154 ? 1_555 MN ? E MNR . ? X MNR 154 ? 1_555 O2 ? D NO2 . ? X NO2 159 ? 1_555 94.6  ? 
13 NB  ? E MNR .  ? X MNR 154 ? 1_555 MN ? E MNR . ? X MNR 154 ? 1_555 O2 ? D NO2 . ? X NO2 159 ? 1_555 95.1  ? 
14 NC  ? E MNR .  ? X MNR 154 ? 1_555 MN ? E MNR . ? X MNR 154 ? 1_555 O2 ? D NO2 . ? X NO2 159 ? 1_555 80.9  ? 
15 ND  ? E MNR .  ? X MNR 154 ? 1_555 MN ? E MNR . ? X MNR 154 ? 1_555 O2 ? D NO2 . ? X NO2 159 ? 1_555 81.5  ? 
# 
loop_
_struct_site.id 
_struct_site.pdbx_evidence_code 
_struct_site.pdbx_auth_asym_id 
_struct_site.pdbx_auth_comp_id 
_struct_site.pdbx_auth_seq_id 
_struct_site.pdbx_auth_ins_code 
_struct_site.pdbx_num_residues 
_struct_site.details 
AC1 Software X SO4 157 ? 7  'BINDING SITE FOR RESIDUE SO4 X 157' 
AC2 Software X SO4 158 ? 3  'BINDING SITE FOR RESIDUE SO4 X 158' 
AC3 Software X NO2 159 ? 5  'BINDING SITE FOR RESIDUE NO2 X 159' 
AC4 Software X MNR 154 ? 22 'BINDING SITE FOR RESIDUE MNR X 154' 
# 
loop_
_struct_site_gen.id 
_struct_site_gen.site_id 
_struct_site_gen.pdbx_num_res 
_struct_site_gen.label_comp_id 
_struct_site_gen.label_asym_id 
_struct_site_gen.label_seq_id 
_struct_site_gen.pdbx_auth_ins_code 
_struct_site_gen.auth_comp_id 
_struct_site_gen.auth_asym_id 
_struct_site_gen.auth_seq_id 
_struct_site_gen.label_atom_id 
_struct_site_gen.label_alt_id 
_struct_site_gen.symmetry 
_struct_site_gen.details 
1  AC1 7  ALA A 57  ? ALA X 57  . ? 1_555 ? 
2  AC1 7  SER A 58  ? SER X 58  . ? 1_555 ? 
3  AC1 7  GLU A 59  ? GLU X 59  . ? 1_555 ? 
4  AC1 7  ASP A 60  ? ASP X 60  . ? 1_555 ? 
5  AC1 7  HOH F .   ? HOH X 196 . ? 1_555 ? 
6  AC1 7  HOH F .   ? HOH X 201 . ? 1_555 ? 
7  AC1 7  HOH F .   ? HOH X 218 . ? 1_555 ? 
8  AC2 3  HIS A 81  ? HIS X 81  . ? 1_555 ? 
9  AC2 3  HIS A 82  ? HIS X 82  . ? 1_555 ? 
10 AC2 3  GLU A 83  ? GLU X 83  . ? 1_555 ? 
11 AC3 5  LEU A 29  ? LEU X 29  . ? 1_555 ? 
12 AC3 5  PHE A 43  ? PHE X 43  . ? 1_555 ? 
13 AC3 5  HIS A 64  ? HIS X 64  . ? 1_555 ? 
14 AC3 5  VAL A 68  ? VAL X 68  . ? 1_555 ? 
15 AC3 5  MNR E .   ? MNR X 154 . ? 1_555 ? 
16 AC4 22 LYS A 42  ? LYS X 42  . ? 1_555 ? 
17 AC4 22 PHE A 43  ? PHE X 43  . ? 1_555 ? 
18 AC4 22 LYS A 45  ? LYS X 45  . ? 1_555 ? 
19 AC4 22 HIS A 64  ? HIS X 64  . ? 1_555 ? 
20 AC4 22 VAL A 68  ? VAL X 68  . ? 1_555 ? 
21 AC4 22 ALA A 71  ? ALA X 71  . ? 1_555 ? 
22 AC4 22 LEU A 89  ? LEU X 89  . ? 1_555 ? 
23 AC4 22 SER A 92  ? SER X 92  . ? 1_555 ? 
24 AC4 22 HIS A 93  ? HIS X 93  . ? 1_555 ? 
25 AC4 22 HIS A 97  ? HIS X 97  . ? 1_555 ? 
26 AC4 22 ILE A 99  ? ILE X 99  . ? 1_555 ? 
27 AC4 22 TYR A 103 ? TYR X 103 . ? 1_555 ? 
28 AC4 22 LEU A 104 ? LEU X 104 . ? 1_555 ? 
29 AC4 22 HIS A 113 ? HIS X 113 . ? 1_565 ? 
30 AC4 22 HIS A 116 ? HIS X 116 . ? 1_565 ? 
31 AC4 22 GLN A 128 ? GLN X 128 . ? 1_565 ? 
32 AC4 22 NO2 D .   ? NO2 X 159 . ? 1_555 ? 
33 AC4 22 HOH F .   ? HOH X 223 . ? 1_555 ? 
34 AC4 22 HOH F .   ? HOH X 228 . ? 1_565 ? 
35 AC4 22 HOH F .   ? HOH X 235 . ? 1_555 ? 
36 AC4 22 HOH F .   ? HOH X 267 . ? 1_555 ? 
37 AC4 22 HOH F .   ? HOH X 276 . ? 1_565 ? 
# 
_pdbx_validate_torsion.id              1 
_pdbx_validate_torsion.PDB_model_num   1 
_pdbx_validate_torsion.auth_comp_id    ASP 
_pdbx_validate_torsion.auth_asym_id    X 
_pdbx_validate_torsion.auth_seq_id     20 
_pdbx_validate_torsion.PDB_ins_code    ? 
_pdbx_validate_torsion.label_alt_id    ? 
_pdbx_validate_torsion.phi             -152.62 
_pdbx_validate_torsion.psi             72.05 
# 
_pdbx_unobs_or_zero_occ_residues.id               1 
_pdbx_unobs_or_zero_occ_residues.PDB_model_num    1 
_pdbx_unobs_or_zero_occ_residues.polymer_flag     Y 
_pdbx_unobs_or_zero_occ_residues.occupancy_flag   1 
_pdbx_unobs_or_zero_occ_residues.auth_asym_id     X 
_pdbx_unobs_or_zero_occ_residues.auth_comp_id     GLY 
_pdbx_unobs_or_zero_occ_residues.auth_seq_id      153 
_pdbx_unobs_or_zero_occ_residues.PDB_ins_code     ? 
_pdbx_unobs_or_zero_occ_residues.label_asym_id    A 
_pdbx_unobs_or_zero_occ_residues.label_comp_id    GLY 
_pdbx_unobs_or_zero_occ_residues.label_seq_id     153 
# 
loop_
_chem_comp_atom.comp_id 
_chem_comp_atom.atom_id 
_chem_comp_atom.type_symbol 
_chem_comp_atom.pdbx_aromatic_flag 
_chem_comp_atom.pdbx_stereo_config 
_chem_comp_atom.pdbx_ordinal 
ALA N    N  N N 1   
ALA CA   C  N S 2   
ALA C    C  N N 3   
ALA O    O  N N 4   
ALA CB   C  N N 5   
ALA OXT  O  N N 6   
ALA H    H  N N 7   
ALA H2   H  N N 8   
ALA HA   H  N N 9   
ALA HB1  H  N N 10  
ALA HB2  H  N N 11  
ALA HB3  H  N N 12  
ALA HXT  H  N N 13  
ARG N    N  N N 14  
ARG CA   C  N S 15  
ARG C    C  N N 16  
ARG O    O  N N 17  
ARG CB   C  N N 18  
ARG CG   C  N N 19  
ARG CD   C  N N 20  
ARG NE   N  N N 21  
ARG CZ   C  N N 22  
ARG NH1  N  N N 23  
ARG NH2  N  N N 24  
ARG OXT  O  N N 25  
ARG H    H  N N 26  
ARG H2   H  N N 27  
ARG HA   H  N N 28  
ARG HB2  H  N N 29  
ARG HB3  H  N N 30  
ARG HG2  H  N N 31  
ARG HG3  H  N N 32  
ARG HD2  H  N N 33  
ARG HD3  H  N N 34  
ARG HE   H  N N 35  
ARG HH11 H  N N 36  
ARG HH12 H  N N 37  
ARG HH21 H  N N 38  
ARG HH22 H  N N 39  
ARG HXT  H  N N 40  
ASN N    N  N N 41  
ASN CA   C  N S 42  
ASN C    C  N N 43  
ASN O    O  N N 44  
ASN CB   C  N N 45  
ASN CG   C  N N 46  
ASN OD1  O  N N 47  
ASN ND2  N  N N 48  
ASN OXT  O  N N 49  
ASN H    H  N N 50  
ASN H2   H  N N 51  
ASN HA   H  N N 52  
ASN HB2  H  N N 53  
ASN HB3  H  N N 54  
ASN HD21 H  N N 55  
ASN HD22 H  N N 56  
ASN HXT  H  N N 57  
ASP N    N  N N 58  
ASP CA   C  N S 59  
ASP C    C  N N 60  
ASP O    O  N N 61  
ASP CB   C  N N 62  
ASP CG   C  N N 63  
ASP OD1  O  N N 64  
ASP OD2  O  N N 65  
ASP OXT  O  N N 66  
ASP H    H  N N 67  
ASP H2   H  N N 68  
ASP HA   H  N N 69  
ASP HB2  H  N N 70  
ASP HB3  H  N N 71  
ASP HD2  H  N N 72  
ASP HXT  H  N N 73  
GLN N    N  N N 74  
GLN CA   C  N S 75  
GLN C    C  N N 76  
GLN O    O  N N 77  
GLN CB   C  N N 78  
GLN CG   C  N N 79  
GLN CD   C  N N 80  
GLN OE1  O  N N 81  
GLN NE2  N  N N 82  
GLN OXT  O  N N 83  
GLN H    H  N N 84  
GLN H2   H  N N 85  
GLN HA   H  N N 86  
GLN HB2  H  N N 87  
GLN HB3  H  N N 88  
GLN HG2  H  N N 89  
GLN HG3  H  N N 90  
GLN HE21 H  N N 91  
GLN HE22 H  N N 92  
GLN HXT  H  N N 93  
GLU N    N  N N 94  
GLU CA   C  N S 95  
GLU C    C  N N 96  
GLU O    O  N N 97  
GLU CB   C  N N 98  
GLU CG   C  N N 99  
GLU CD   C  N N 100 
GLU OE1  O  N N 101 
GLU OE2  O  N N 102 
GLU OXT  O  N N 103 
GLU H    H  N N 104 
GLU H2   H  N N 105 
GLU HA   H  N N 106 
GLU HB2  H  N N 107 
GLU HB3  H  N N 108 
GLU HG2  H  N N 109 
GLU HG3  H  N N 110 
GLU HE2  H  N N 111 
GLU HXT  H  N N 112 
GLY N    N  N N 113 
GLY CA   C  N N 114 
GLY C    C  N N 115 
GLY O    O  N N 116 
GLY OXT  O  N N 117 
GLY H    H  N N 118 
GLY H2   H  N N 119 
GLY HA2  H  N N 120 
GLY HA3  H  N N 121 
GLY HXT  H  N N 122 
HIS N    N  N N 123 
HIS CA   C  N S 124 
HIS C    C  N N 125 
HIS O    O  N N 126 
HIS CB   C  N N 127 
HIS CG   C  Y N 128 
HIS ND1  N  Y N 129 
HIS CD2  C  Y N 130 
HIS CE1  C  Y N 131 
HIS NE2  N  Y N 132 
HIS OXT  O  N N 133 
HIS H    H  N N 134 
HIS H2   H  N N 135 
HIS HA   H  N N 136 
HIS HB2  H  N N 137 
HIS HB3  H  N N 138 
HIS HD1  H  N N 139 
HIS HD2  H  N N 140 
HIS HE1  H  N N 141 
HIS HE2  H  N N 142 
HIS HXT  H  N N 143 
HOH O    O  N N 144 
HOH H1   H  N N 145 
HOH H2   H  N N 146 
ILE N    N  N N 147 
ILE CA   C  N S 148 
ILE C    C  N N 149 
ILE O    O  N N 150 
ILE CB   C  N S 151 
ILE CG1  C  N N 152 
ILE CG2  C  N N 153 
ILE CD1  C  N N 154 
ILE OXT  O  N N 155 
ILE H    H  N N 156 
ILE H2   H  N N 157 
ILE HA   H  N N 158 
ILE HB   H  N N 159 
ILE HG12 H  N N 160 
ILE HG13 H  N N 161 
ILE HG21 H  N N 162 
ILE HG22 H  N N 163 
ILE HG23 H  N N 164 
ILE HD11 H  N N 165 
ILE HD12 H  N N 166 
ILE HD13 H  N N 167 
ILE HXT  H  N N 168 
LEU N    N  N N 169 
LEU CA   C  N S 170 
LEU C    C  N N 171 
LEU O    O  N N 172 
LEU CB   C  N N 173 
LEU CG   C  N N 174 
LEU CD1  C  N N 175 
LEU CD2  C  N N 176 
LEU OXT  O  N N 177 
LEU H    H  N N 178 
LEU H2   H  N N 179 
LEU HA   H  N N 180 
LEU HB2  H  N N 181 
LEU HB3  H  N N 182 
LEU HG   H  N N 183 
LEU HD11 H  N N 184 
LEU HD12 H  N N 185 
LEU HD13 H  N N 186 
LEU HD21 H  N N 187 
LEU HD22 H  N N 188 
LEU HD23 H  N N 189 
LEU HXT  H  N N 190 
LYS N    N  N N 191 
LYS CA   C  N S 192 
LYS C    C  N N 193 
LYS O    O  N N 194 
LYS CB   C  N N 195 
LYS CG   C  N N 196 
LYS CD   C  N N 197 
LYS CE   C  N N 198 
LYS NZ   N  N N 199 
LYS OXT  O  N N 200 
LYS H    H  N N 201 
LYS H2   H  N N 202 
LYS HA   H  N N 203 
LYS HB2  H  N N 204 
LYS HB3  H  N N 205 
LYS HG2  H  N N 206 
LYS HG3  H  N N 207 
LYS HD2  H  N N 208 
LYS HD3  H  N N 209 
LYS HE2  H  N N 210 
LYS HE3  H  N N 211 
LYS HZ1  H  N N 212 
LYS HZ2  H  N N 213 
LYS HZ3  H  N N 214 
LYS HXT  H  N N 215 
MET N    N  N N 216 
MET CA   C  N S 217 
MET C    C  N N 218 
MET O    O  N N 219 
MET CB   C  N N 220 
MET CG   C  N N 221 
MET SD   S  N N 222 
MET CE   C  N N 223 
MET OXT  O  N N 224 
MET H    H  N N 225 
MET H2   H  N N 226 
MET HA   H  N N 227 
MET HB2  H  N N 228 
MET HB3  H  N N 229 
MET HG2  H  N N 230 
MET HG3  H  N N 231 
MET HE1  H  N N 232 
MET HE2  H  N N 233 
MET HE3  H  N N 234 
MET HXT  H  N N 235 
MNR CHA  C  Y N 236 
MNR CHB  C  Y N 237 
MNR CHC  C  Y N 238 
MNR CHD  C  Y N 239 
MNR C1A  C  Y N 240 
MNR C2A  C  N N 241 
MNR C3A  C  N N 242 
MNR C4A  C  Y N 243 
MNR CMA  C  N N 244 
MNR CAA  C  N N 245 
MNR CBA  C  N N 246 
MNR CGA  C  N N 247 
MNR O1A  O  N N 248 
MNR O2A  O  N N 249 
MNR C1B  C  Y N 250 
MNR C2B  C  Y N 251 
MNR C3B  C  Y N 252 
MNR C4B  C  Y N 253 
MNR CMB  C  N N 254 
MNR CAB  C  N N 255 
MNR CBB  C  N N 256 
MNR C1C  C  Y N 257 
MNR C2C  C  N N 258 
MNR C3C  C  N N 259 
MNR C4C  C  Y N 260 
MNR CMC  C  N N 261 
MNR CAC  C  N N 262 
MNR CBC  C  N N 263 
MNR C1D  C  Y N 264 
MNR C2D  C  Y N 265 
MNR C3D  C  Y N 266 
MNR C4D  C  Y N 267 
MNR CMD  C  N N 268 
MNR CAD  C  N N 269 
MNR CBD  C  N N 270 
MNR CGD  C  N N 271 
MNR O1D  O  N N 272 
MNR O2D  O  N N 273 
MNR MN   MN N R 274 
MNR NA   N  Y N 275 
MNR NB   N  Y N 276 
MNR NC   N  Y N 277 
MNR ND   N  Y N 278 
MNR HHA  H  N N 279 
MNR HHB  H  N N 280 
MNR HHC  H  N N 281 
MNR HHD  H  N N 282 
MNR HMA1 H  N N 283 
MNR HMA2 H  N N 284 
MNR HMA3 H  N N 285 
MNR HAA1 H  N N 286 
MNR HAA2 H  N N 287 
MNR HBA1 H  N N 288 
MNR HBA2 H  N N 289 
MNR H2A  H  N N 290 
MNR HMB1 H  N N 291 
MNR HMB2 H  N N 292 
MNR HMB3 H  N N 293 
MNR HAB  H  N N 294 
MNR HBB1 H  N N 295 
MNR HBB2 H  N N 296 
MNR HMC1 H  N N 297 
MNR HMC2 H  N N 298 
MNR HMC3 H  N N 299 
MNR HAC  H  N N 300 
MNR HBC1 H  N N 301 
MNR HBC2 H  N N 302 
MNR HMD1 H  N N 303 
MNR HMD2 H  N N 304 
MNR HMD3 H  N N 305 
MNR HAD1 H  N N 306 
MNR HAD2 H  N N 307 
MNR HBD1 H  N N 308 
MNR HBD2 H  N N 309 
MNR H1D  H  N N 310 
NO2 N    N  N N 311 
NO2 O1   O  N N 312 
NO2 O2   O  N N 313 
PHE N    N  N N 314 
PHE CA   C  N S 315 
PHE C    C  N N 316 
PHE O    O  N N 317 
PHE CB   C  N N 318 
PHE CG   C  Y N 319 
PHE CD1  C  Y N 320 
PHE CD2  C  Y N 321 
PHE CE1  C  Y N 322 
PHE CE2  C  Y N 323 
PHE CZ   C  Y N 324 
PHE OXT  O  N N 325 
PHE H    H  N N 326 
PHE H2   H  N N 327 
PHE HA   H  N N 328 
PHE HB2  H  N N 329 
PHE HB3  H  N N 330 
PHE HD1  H  N N 331 
PHE HD2  H  N N 332 
PHE HE1  H  N N 333 
PHE HE2  H  N N 334 
PHE HZ   H  N N 335 
PHE HXT  H  N N 336 
PRO N    N  N N 337 
PRO CA   C  N S 338 
PRO C    C  N N 339 
PRO O    O  N N 340 
PRO CB   C  N N 341 
PRO CG   C  N N 342 
PRO CD   C  N N 343 
PRO OXT  O  N N 344 
PRO H    H  N N 345 
PRO HA   H  N N 346 
PRO HB2  H  N N 347 
PRO HB3  H  N N 348 
PRO HG2  H  N N 349 
PRO HG3  H  N N 350 
PRO HD2  H  N N 351 
PRO HD3  H  N N 352 
PRO HXT  H  N N 353 
SER N    N  N N 354 
SER CA   C  N S 355 
SER C    C  N N 356 
SER O    O  N N 357 
SER CB   C  N N 358 
SER OG   O  N N 359 
SER OXT  O  N N 360 
SER H    H  N N 361 
SER H2   H  N N 362 
SER HA   H  N N 363 
SER HB2  H  N N 364 
SER HB3  H  N N 365 
SER HG   H  N N 366 
SER HXT  H  N N 367 
SO4 S    S  N N 368 
SO4 O1   O  N N 369 
SO4 O2   O  N N 370 
SO4 O3   O  N N 371 
SO4 O4   O  N N 372 
THR N    N  N N 373 
THR CA   C  N S 374 
THR C    C  N N 375 
THR O    O  N N 376 
THR CB   C  N R 377 
THR OG1  O  N N 378 
THR CG2  C  N N 379 
THR OXT  O  N N 380 
THR H    H  N N 381 
THR H2   H  N N 382 
THR HA   H  N N 383 
THR HB   H  N N 384 
THR HG1  H  N N 385 
THR HG21 H  N N 386 
THR HG22 H  N N 387 
THR HG23 H  N N 388 
THR HXT  H  N N 389 
TRP N    N  N N 390 
TRP CA   C  N S 391 
TRP C    C  N N 392 
TRP O    O  N N 393 
TRP CB   C  N N 394 
TRP CG   C  Y N 395 
TRP CD1  C  Y N 396 
TRP CD2  C  Y N 397 
TRP NE1  N  Y N 398 
TRP CE2  C  Y N 399 
TRP CE3  C  Y N 400 
TRP CZ2  C  Y N 401 
TRP CZ3  C  Y N 402 
TRP CH2  C  Y N 403 
TRP OXT  O  N N 404 
TRP H    H  N N 405 
TRP H2   H  N N 406 
TRP HA   H  N N 407 
TRP HB2  H  N N 408 
TRP HB3  H  N N 409 
TRP HD1  H  N N 410 
TRP HE1  H  N N 411 
TRP HE3  H  N N 412 
TRP HZ2  H  N N 413 
TRP HZ3  H  N N 414 
TRP HH2  H  N N 415 
TRP HXT  H  N N 416 
TYR N    N  N N 417 
TYR CA   C  N S 418 
TYR C    C  N N 419 
TYR O    O  N N 420 
TYR CB   C  N N 421 
TYR CG   C  Y N 422 
TYR CD1  C  Y N 423 
TYR CD2  C  Y N 424 
TYR CE1  C  Y N 425 
TYR CE2  C  Y N 426 
TYR CZ   C  Y N 427 
TYR OH   O  N N 428 
TYR OXT  O  N N 429 
TYR H    H  N N 430 
TYR H2   H  N N 431 
TYR HA   H  N N 432 
TYR HB2  H  N N 433 
TYR HB3  H  N N 434 
TYR HD1  H  N N 435 
TYR HD2  H  N N 436 
TYR HE1  H  N N 437 
TYR HE2  H  N N 438 
TYR HH   H  N N 439 
TYR HXT  H  N N 440 
VAL N    N  N N 441 
VAL CA   C  N S 442 
VAL C    C  N N 443 
VAL O    O  N N 444 
VAL CB   C  N N 445 
VAL CG1  C  N N 446 
VAL CG2  C  N N 447 
VAL OXT  O  N N 448 
VAL H    H  N N 449 
VAL H2   H  N N 450 
VAL HA   H  N N 451 
VAL HB   H  N N 452 
VAL HG11 H  N N 453 
VAL HG12 H  N N 454 
VAL HG13 H  N N 455 
VAL HG21 H  N N 456 
VAL HG22 H  N N 457 
VAL HG23 H  N N 458 
VAL HXT  H  N N 459 
# 
loop_
_chem_comp_bond.comp_id 
_chem_comp_bond.atom_id_1 
_chem_comp_bond.atom_id_2 
_chem_comp_bond.value_order 
_chem_comp_bond.pdbx_aromatic_flag 
_chem_comp_bond.pdbx_stereo_config 
_chem_comp_bond.pdbx_ordinal 
ALA N   CA   sing N N 1   
ALA N   H    sing N N 2   
ALA N   H2   sing N N 3   
ALA CA  C    sing N N 4   
ALA CA  CB   sing N N 5   
ALA CA  HA   sing N N 6   
ALA C   O    doub N N 7   
ALA C   OXT  sing N N 8   
ALA CB  HB1  sing N N 9   
ALA CB  HB2  sing N N 10  
ALA CB  HB3  sing N N 11  
ALA OXT HXT  sing N N 12  
ARG N   CA   sing N N 13  
ARG N   H    sing N N 14  
ARG N   H2   sing N N 15  
ARG CA  C    sing N N 16  
ARG CA  CB   sing N N 17  
ARG CA  HA   sing N N 18  
ARG C   O    doub N N 19  
ARG C   OXT  sing N N 20  
ARG CB  CG   sing N N 21  
ARG CB  HB2  sing N N 22  
ARG CB  HB3  sing N N 23  
ARG CG  CD   sing N N 24  
ARG CG  HG2  sing N N 25  
ARG CG  HG3  sing N N 26  
ARG CD  NE   sing N N 27  
ARG CD  HD2  sing N N 28  
ARG CD  HD3  sing N N 29  
ARG NE  CZ   sing N N 30  
ARG NE  HE   sing N N 31  
ARG CZ  NH1  sing N N 32  
ARG CZ  NH2  doub N N 33  
ARG NH1 HH11 sing N N 34  
ARG NH1 HH12 sing N N 35  
ARG NH2 HH21 sing N N 36  
ARG NH2 HH22 sing N N 37  
ARG OXT HXT  sing N N 38  
ASN N   CA   sing N N 39  
ASN N   H    sing N N 40  
ASN N   H2   sing N N 41  
ASN CA  C    sing N N 42  
ASN CA  CB   sing N N 43  
ASN CA  HA   sing N N 44  
ASN C   O    doub N N 45  
ASN C   OXT  sing N N 46  
ASN CB  CG   sing N N 47  
ASN CB  HB2  sing N N 48  
ASN CB  HB3  sing N N 49  
ASN CG  OD1  doub N N 50  
ASN CG  ND2  sing N N 51  
ASN ND2 HD21 sing N N 52  
ASN ND2 HD22 sing N N 53  
ASN OXT HXT  sing N N 54  
ASP N   CA   sing N N 55  
ASP N   H    sing N N 56  
ASP N   H2   sing N N 57  
ASP CA  C    sing N N 58  
ASP CA  CB   sing N N 59  
ASP CA  HA   sing N N 60  
ASP C   O    doub N N 61  
ASP C   OXT  sing N N 62  
ASP CB  CG   sing N N 63  
ASP CB  HB2  sing N N 64  
ASP CB  HB3  sing N N 65  
ASP CG  OD1  doub N N 66  
ASP CG  OD2  sing N N 67  
ASP OD2 HD2  sing N N 68  
ASP OXT HXT  sing N N 69  
GLN N   CA   sing N N 70  
GLN N   H    sing N N 71  
GLN N   H2   sing N N 72  
GLN CA  C    sing N N 73  
GLN CA  CB   sing N N 74  
GLN CA  HA   sing N N 75  
GLN C   O    doub N N 76  
GLN C   OXT  sing N N 77  
GLN CB  CG   sing N N 78  
GLN CB  HB2  sing N N 79  
GLN CB  HB3  sing N N 80  
GLN CG  CD   sing N N 81  
GLN CG  HG2  sing N N 82  
GLN CG  HG3  sing N N 83  
GLN CD  OE1  doub N N 84  
GLN CD  NE2  sing N N 85  
GLN NE2 HE21 sing N N 86  
GLN NE2 HE22 sing N N 87  
GLN OXT HXT  sing N N 88  
GLU N   CA   sing N N 89  
GLU N   H    sing N N 90  
GLU N   H2   sing N N 91  
GLU CA  C    sing N N 92  
GLU CA  CB   sing N N 93  
GLU CA  HA   sing N N 94  
GLU C   O    doub N N 95  
GLU C   OXT  sing N N 96  
GLU CB  CG   sing N N 97  
GLU CB  HB2  sing N N 98  
GLU CB  HB3  sing N N 99  
GLU CG  CD   sing N N 100 
GLU CG  HG2  sing N N 101 
GLU CG  HG3  sing N N 102 
GLU CD  OE1  doub N N 103 
GLU CD  OE2  sing N N 104 
GLU OE2 HE2  sing N N 105 
GLU OXT HXT  sing N N 106 
GLY N   CA   sing N N 107 
GLY N   H    sing N N 108 
GLY N   H2   sing N N 109 
GLY CA  C    sing N N 110 
GLY CA  HA2  sing N N 111 
GLY CA  HA3  sing N N 112 
GLY C   O    doub N N 113 
GLY C   OXT  sing N N 114 
GLY OXT HXT  sing N N 115 
HIS N   CA   sing N N 116 
HIS N   H    sing N N 117 
HIS N   H2   sing N N 118 
HIS CA  C    sing N N 119 
HIS CA  CB   sing N N 120 
HIS CA  HA   sing N N 121 
HIS C   O    doub N N 122 
HIS C   OXT  sing N N 123 
HIS CB  CG   sing N N 124 
HIS CB  HB2  sing N N 125 
HIS CB  HB3  sing N N 126 
HIS CG  ND1  sing Y N 127 
HIS CG  CD2  doub Y N 128 
HIS ND1 CE1  doub Y N 129 
HIS ND1 HD1  sing N N 130 
HIS CD2 NE2  sing Y N 131 
HIS CD2 HD2  sing N N 132 
HIS CE1 NE2  sing Y N 133 
HIS CE1 HE1  sing N N 134 
HIS NE2 HE2  sing N N 135 
HIS OXT HXT  sing N N 136 
HOH O   H1   sing N N 137 
HOH O   H2   sing N N 138 
ILE N   CA   sing N N 139 
ILE N   H    sing N N 140 
ILE N   H2   sing N N 141 
ILE CA  C    sing N N 142 
ILE CA  CB   sing N N 143 
ILE CA  HA   sing N N 144 
ILE C   O    doub N N 145 
ILE C   OXT  sing N N 146 
ILE CB  CG1  sing N N 147 
ILE CB  CG2  sing N N 148 
ILE CB  HB   sing N N 149 
ILE CG1 CD1  sing N N 150 
ILE CG1 HG12 sing N N 151 
ILE CG1 HG13 sing N N 152 
ILE CG2 HG21 sing N N 153 
ILE CG2 HG22 sing N N 154 
ILE CG2 HG23 sing N N 155 
ILE CD1 HD11 sing N N 156 
ILE CD1 HD12 sing N N 157 
ILE CD1 HD13 sing N N 158 
ILE OXT HXT  sing N N 159 
LEU N   CA   sing N N 160 
LEU N   H    sing N N 161 
LEU N   H2   sing N N 162 
LEU CA  C    sing N N 163 
LEU CA  CB   sing N N 164 
LEU CA  HA   sing N N 165 
LEU C   O    doub N N 166 
LEU C   OXT  sing N N 167 
LEU CB  CG   sing N N 168 
LEU CB  HB2  sing N N 169 
LEU CB  HB3  sing N N 170 
LEU CG  CD1  sing N N 171 
LEU CG  CD2  sing N N 172 
LEU CG  HG   sing N N 173 
LEU CD1 HD11 sing N N 174 
LEU CD1 HD12 sing N N 175 
LEU CD1 HD13 sing N N 176 
LEU CD2 HD21 sing N N 177 
LEU CD2 HD22 sing N N 178 
LEU CD2 HD23 sing N N 179 
LEU OXT HXT  sing N N 180 
LYS N   CA   sing N N 181 
LYS N   H    sing N N 182 
LYS N   H2   sing N N 183 
LYS CA  C    sing N N 184 
LYS CA  CB   sing N N 185 
LYS CA  HA   sing N N 186 
LYS C   O    doub N N 187 
LYS C   OXT  sing N N 188 
LYS CB  CG   sing N N 189 
LYS CB  HB2  sing N N 190 
LYS CB  HB3  sing N N 191 
LYS CG  CD   sing N N 192 
LYS CG  HG2  sing N N 193 
LYS CG  HG3  sing N N 194 
LYS CD  CE   sing N N 195 
LYS CD  HD2  sing N N 196 
LYS CD  HD3  sing N N 197 
LYS CE  NZ   sing N N 198 
LYS CE  HE2  sing N N 199 
LYS CE  HE3  sing N N 200 
LYS NZ  HZ1  sing N N 201 
LYS NZ  HZ2  sing N N 202 
LYS NZ  HZ3  sing N N 203 
LYS OXT HXT  sing N N 204 
MET N   CA   sing N N 205 
MET N   H    sing N N 206 
MET N   H2   sing N N 207 
MET CA  C    sing N N 208 
MET CA  CB   sing N N 209 
MET CA  HA   sing N N 210 
MET C   O    doub N N 211 
MET C   OXT  sing N N 212 
MET CB  CG   sing N N 213 
MET CB  HB2  sing N N 214 
MET CB  HB3  sing N N 215 
MET CG  SD   sing N N 216 
MET CG  HG2  sing N N 217 
MET CG  HG3  sing N N 218 
MET SD  CE   sing N N 219 
MET CE  HE1  sing N N 220 
MET CE  HE2  sing N N 221 
MET CE  HE3  sing N N 222 
MET OXT HXT  sing N N 223 
MNR CHA C1A  sing Y N 224 
MNR CHA C4D  doub Y N 225 
MNR CHA HHA  sing N N 226 
MNR CHB C4A  doub Y N 227 
MNR CHB C1B  sing Y N 228 
MNR CHB HHB  sing N N 229 
MNR CHC C4B  sing Y N 230 
MNR CHC C1C  doub Y N 231 
MNR CHC HHC  sing N N 232 
MNR CHD C4C  sing Y N 233 
MNR CHD C1D  doub Y N 234 
MNR CHD HHD  sing N N 235 
MNR C1A C2A  sing N N 236 
MNR C1A NA   doub Y N 237 
MNR C2A C3A  doub N N 238 
MNR C2A CAA  sing N N 239 
MNR C3A C4A  sing N N 240 
MNR C3A CMA  sing N N 241 
MNR C4A NA   sing Y N 242 
MNR CMA HMA1 sing N N 243 
MNR CMA HMA2 sing N N 244 
MNR CMA HMA3 sing N N 245 
MNR CAA CBA  sing N N 246 
MNR CAA HAA1 sing N N 247 
MNR CAA HAA2 sing N N 248 
MNR CBA CGA  sing N N 249 
MNR CBA HBA1 sing N N 250 
MNR CBA HBA2 sing N N 251 
MNR CGA O1A  doub N N 252 
MNR CGA O2A  sing N N 253 
MNR O2A H2A  sing N N 254 
MNR C1B C2B  doub Y N 255 
MNR C1B NB   sing Y N 256 
MNR C2B C3B  sing Y N 257 
MNR C2B CMB  sing N N 258 
MNR C3B C4B  doub Y N 259 
MNR C3B CAB  sing N N 260 
MNR C4B NB   sing Y N 261 
MNR CMB HMB1 sing N N 262 
MNR CMB HMB2 sing N N 263 
MNR CMB HMB3 sing N N 264 
MNR CAB CBB  doub N N 265 
MNR CAB HAB  sing N N 266 
MNR CBB HBB1 sing N N 267 
MNR CBB HBB2 sing N N 268 
MNR C1C C2C  sing N N 269 
MNR C1C NC   sing Y N 270 
MNR C2C C3C  doub N N 271 
MNR C2C CMC  sing N N 272 
MNR C3C C4C  sing N N 273 
MNR C3C CAC  sing N N 274 
MNR C4C NC   doub Y N 275 
MNR CMC HMC1 sing N N 276 
MNR CMC HMC2 sing N N 277 
MNR CMC HMC3 sing N N 278 
MNR CAC CBC  doub N N 279 
MNR CAC HAC  sing N N 280 
MNR CBC HBC1 sing N N 281 
MNR CBC HBC2 sing N N 282 
MNR C1D C2D  sing Y N 283 
MNR C1D ND   sing Y N 284 
MNR C2D C3D  doub Y N 285 
MNR C2D CMD  sing N N 286 
MNR C3D C4D  sing Y N 287 
MNR C3D CAD  sing N N 288 
MNR C4D ND   sing Y N 289 
MNR CMD HMD1 sing N N 290 
MNR CMD HMD2 sing N N 291 
MNR CMD HMD3 sing N N 292 
MNR CAD CBD  sing N N 293 
MNR CAD HAD1 sing N N 294 
MNR CAD HAD2 sing N N 295 
MNR CBD CGD  sing N N 296 
MNR CBD HBD1 sing N N 297 
MNR CBD HBD2 sing N N 298 
MNR CGD O1D  sing N N 299 
MNR CGD O2D  doub N N 300 
MNR O1D H1D  sing N N 301 
MNR MN  NA   sing N N 302 
MNR MN  NB   sing N N 303 
MNR MN  NC   sing N N 304 
MNR MN  ND   sing N N 305 
NO2 N   O1   doub N N 306 
NO2 N   O2   sing N N 307 
PHE N   CA   sing N N 308 
PHE N   H    sing N N 309 
PHE N   H2   sing N N 310 
PHE CA  C    sing N N 311 
PHE CA  CB   sing N N 312 
PHE CA  HA   sing N N 313 
PHE C   O    doub N N 314 
PHE C   OXT  sing N N 315 
PHE CB  CG   sing N N 316 
PHE CB  HB2  sing N N 317 
PHE CB  HB3  sing N N 318 
PHE CG  CD1  doub Y N 319 
PHE CG  CD2  sing Y N 320 
PHE CD1 CE1  sing Y N 321 
PHE CD1 HD1  sing N N 322 
PHE CD2 CE2  doub Y N 323 
PHE CD2 HD2  sing N N 324 
PHE CE1 CZ   doub Y N 325 
PHE CE1 HE1  sing N N 326 
PHE CE2 CZ   sing Y N 327 
PHE CE2 HE2  sing N N 328 
PHE CZ  HZ   sing N N 329 
PHE OXT HXT  sing N N 330 
PRO N   CA   sing N N 331 
PRO N   CD   sing N N 332 
PRO N   H    sing N N 333 
PRO CA  C    sing N N 334 
PRO CA  CB   sing N N 335 
PRO CA  HA   sing N N 336 
PRO C   O    doub N N 337 
PRO C   OXT  sing N N 338 
PRO CB  CG   sing N N 339 
PRO CB  HB2  sing N N 340 
PRO CB  HB3  sing N N 341 
PRO CG  CD   sing N N 342 
PRO CG  HG2  sing N N 343 
PRO CG  HG3  sing N N 344 
PRO CD  HD2  sing N N 345 
PRO CD  HD3  sing N N 346 
PRO OXT HXT  sing N N 347 
SER N   CA   sing N N 348 
SER N   H    sing N N 349 
SER N   H2   sing N N 350 
SER CA  C    sing N N 351 
SER CA  CB   sing N N 352 
SER CA  HA   sing N N 353 
SER C   O    doub N N 354 
SER C   OXT  sing N N 355 
SER CB  OG   sing N N 356 
SER CB  HB2  sing N N 357 
SER CB  HB3  sing N N 358 
SER OG  HG   sing N N 359 
SER OXT HXT  sing N N 360 
SO4 S   O1   doub N N 361 
SO4 S   O2   doub N N 362 
SO4 S   O3   sing N N 363 
SO4 S   O4   sing N N 364 
THR N   CA   sing N N 365 
THR N   H    sing N N 366 
THR N   H2   sing N N 367 
THR CA  C    sing N N 368 
THR CA  CB   sing N N 369 
THR CA  HA   sing N N 370 
THR C   O    doub N N 371 
THR C   OXT  sing N N 372 
THR CB  OG1  sing N N 373 
THR CB  CG2  sing N N 374 
THR CB  HB   sing N N 375 
THR OG1 HG1  sing N N 376 
THR CG2 HG21 sing N N 377 
THR CG2 HG22 sing N N 378 
THR CG2 HG23 sing N N 379 
THR OXT HXT  sing N N 380 
TRP N   CA   sing N N 381 
TRP N   H    sing N N 382 
TRP N   H2   sing N N 383 
TRP CA  C    sing N N 384 
TRP CA  CB   sing N N 385 
TRP CA  HA   sing N N 386 
TRP C   O    doub N N 387 
TRP C   OXT  sing N N 388 
TRP CB  CG   sing N N 389 
TRP CB  HB2  sing N N 390 
TRP CB  HB3  sing N N 391 
TRP CG  CD1  doub Y N 392 
TRP CG  CD2  sing Y N 393 
TRP CD1 NE1  sing Y N 394 
TRP CD1 HD1  sing N N 395 
TRP CD2 CE2  doub Y N 396 
TRP CD2 CE3  sing Y N 397 
TRP NE1 CE2  sing Y N 398 
TRP NE1 HE1  sing N N 399 
TRP CE2 CZ2  sing Y N 400 
TRP CE3 CZ3  doub Y N 401 
TRP CE3 HE3  sing N N 402 
TRP CZ2 CH2  doub Y N 403 
TRP CZ2 HZ2  sing N N 404 
TRP CZ3 CH2  sing Y N 405 
TRP CZ3 HZ3  sing N N 406 
TRP CH2 HH2  sing N N 407 
TRP OXT HXT  sing N N 408 
TYR N   CA   sing N N 409 
TYR N   H    sing N N 410 
TYR N   H2   sing N N 411 
TYR CA  C    sing N N 412 
TYR CA  CB   sing N N 413 
TYR CA  HA   sing N N 414 
TYR C   O    doub N N 415 
TYR C   OXT  sing N N 416 
TYR CB  CG   sing N N 417 
TYR CB  HB2  sing N N 418 
TYR CB  HB3  sing N N 419 
TYR CG  CD1  doub Y N 420 
TYR CG  CD2  sing Y N 421 
TYR CD1 CE1  sing Y N 422 
TYR CD1 HD1  sing N N 423 
TYR CD2 CE2  doub Y N 424 
TYR CD2 HD2  sing N N 425 
TYR CE1 CZ   doub Y N 426 
TYR CE1 HE1  sing N N 427 
TYR CE2 CZ   sing Y N 428 
TYR CE2 HE2  sing N N 429 
TYR CZ  OH   sing N N 430 
TYR OH  HH   sing N N 431 
TYR OXT HXT  sing N N 432 
VAL N   CA   sing N N 433 
VAL N   H    sing N N 434 
VAL N   H2   sing N N 435 
VAL CA  C    sing N N 436 
VAL CA  CB   sing N N 437 
VAL CA  HA   sing N N 438 
VAL C   O    doub N N 439 
VAL C   OXT  sing N N 440 
VAL CB  CG1  sing N N 441 
VAL CB  CG2  sing N N 442 
VAL CB  HB   sing N N 443 
VAL CG1 HG11 sing N N 444 
VAL CG1 HG12 sing N N 445 
VAL CG1 HG13 sing N N 446 
VAL CG2 HG21 sing N N 447 
VAL CG2 HG22 sing N N 448 
VAL CG2 HG23 sing N N 449 
VAL OXT HXT  sing N N 450 
# 
_atom_sites.entry_id                    2O5O 
_atom_sites.fract_transf_matrix[1][1]   -0.01412383 
_atom_sites.fract_transf_matrix[1][2]   -0.02252900 
_atom_sites.fract_transf_matrix[1][3]   0.01228832 
_atom_sites.fract_transf_matrix[2][1]   -0.00913621 
_atom_sites.fract_transf_matrix[2][2]   0.02035399 
_atom_sites.fract_transf_matrix[2][3]   0.02681545 
_atom_sites.fract_transf_matrix[3][1]   -0.01539337 
_atom_sites.fract_transf_matrix[3][2]   0.00075385 
_atom_sites.fract_transf_matrix[3][3]   -0.00581683 
_atom_sites.fract_transf_vector[1]      0.002704 
_atom_sites.fract_transf_vector[2]      -0.032804 
_atom_sites.fract_transf_vector[3]      0.254820 
# 
loop_
_atom_type.symbol 
C  
MN 
N  
O  
S  
# 
loop_
_atom_site.group_PDB 
_atom_site.id 
_atom_site.type_symbol 
_atom_site.label_atom_id 
_atom_site.label_alt_id 
_atom_site.label_comp_id 
_atom_site.label_asym_id 
_atom_site.label_entity_id 
_atom_site.label_seq_id 
_atom_site.pdbx_PDB_ins_code 
_atom_site.Cartn_x 
_atom_site.Cartn_y 
_atom_site.Cartn_z 
_atom_site.occupancy 
_atom_site.B_iso_or_equiv 
_atom_site.pdbx_formal_charge 
_atom_site.auth_seq_id 
_atom_site.auth_comp_id 
_atom_site.auth_asym_id 
_atom_site.auth_atom_id 
_atom_site.pdbx_PDB_model_num 
ATOM   1    N  N   . GLY A 1 1   ? 18.692  5.271   -5.050  1.00 23.72 ? 1   GLY X N   1 
ATOM   2    C  CA  . GLY A 1 1   ? 17.289  5.766   -5.152  1.00 22.04 ? 1   GLY X CA  1 
ATOM   3    C  C   . GLY A 1 1   ? 16.725  5.451   -6.529  1.00 21.23 ? 1   GLY X C   1 
ATOM   4    O  O   . GLY A 1 1   ? 17.294  4.652   -7.277  1.00 22.98 ? 1   GLY X O   1 
ATOM   5    N  N   . LEU A 1 2   ? 15.605  6.076   -6.869  1.00 19.46 ? 2   LEU X N   1 
ATOM   6    C  CA  . LEU A 1 2   ? 15.048  5.937   -8.214  1.00 17.27 ? 2   LEU X CA  1 
ATOM   7    C  C   . LEU A 1 2   ? 15.583  7.052   -9.096  1.00 17.31 ? 2   LEU X C   1 
ATOM   8    O  O   . LEU A 1 2   ? 15.832  8.173   -8.615  1.00 17.80 ? 2   LEU X O   1 
ATOM   9    C  CB  . LEU A 1 2   ? 13.527  6.047   -8.175  1.00 17.10 ? 2   LEU X CB  1 
ATOM   10   C  CG  . LEU A 1 2   ? 12.753  4.784   -7.789  1.00 16.39 ? 2   LEU X CG  1 
ATOM   11   C  CD1 . LEU A 1 2   ? 13.022  4.426   -6.332  1.00 15.60 ? 2   LEU X CD1 1 
ATOM   12   C  CD2 . LEU A 1 2   ? 11.261  4.962   -8.070  1.00 15.15 ? 2   LEU X CD2 1 
ATOM   13   N  N   . SER A 1 3   ? 15.751  6.751   -10.376 1.00 16.14 ? 3   SER X N   1 
ATOM   14   C  CA  . SER A 1 3   ? 16.106  7.765   -11.362 1.00 16.41 ? 3   SER X CA  1 
ATOM   15   C  C   . SER A 1 3   ? 14.920  8.678   -11.633 1.00 16.82 ? 3   SER X C   1 
ATOM   16   O  O   . SER A 1 3   ? 13.781  8.361   -11.280 1.00 15.44 ? 3   SER X O   1 
ATOM   17   C  CB  . SER A 1 3   ? 16.542  7.115   -12.676 1.00 16.06 ? 3   SER X CB  1 
ATOM   18   O  OG  . SER A 1 3   ? 15.425  6.554   -13.344 1.00 16.89 ? 3   SER X OG  1 
ATOM   19   N  N   . ASP A 1 4   ? 15.201  9.811   -12.279 1.00 17.46 ? 4   ASP X N   1 
ATOM   20   C  CA  . ASP A 1 4   ? 14.148  10.713  -12.716 1.00 18.22 ? 4   ASP X CA  1 
ATOM   21   C  C   . ASP A 1 4   ? 13.144  9.957   -13.590 1.00 17.63 ? 4   ASP X C   1 
ATOM   22   O  O   . ASP A 1 4   ? 11.943  10.066  -13.378 1.00 17.17 ? 4   ASP X O   1 
ATOM   23   C  CB  . ASP A 1 4   ? 14.769  11.909  -13.448 1.00 20.33 ? 4   ASP X CB  1 
ATOM   24   C  CG  . ASP A 1 4   ? 15.511  12.839  -12.494 1.00 22.99 ? 4   ASP X CG  1 
ATOM   25   O  OD1 . ASP A 1 4   ? 15.041  13.034  -11.344 1.00 26.64 ? 4   ASP X OD1 1 
ATOM   26   O  OD2 . ASP A 1 4   ? 16.585  13.355  -12.870 1.00 29.25 ? 4   ASP X OD2 1 
ATOM   27   N  N   . GLY A 1 5   ? 13.652  9.168   -14.538 1.00 17.26 ? 5   GLY X N   1 
ATOM   28   C  CA  . GLY A 1 5   ? 12.817  8.382   -15.458 1.00 16.39 ? 5   GLY X CA  1 
ATOM   29   C  C   . GLY A 1 5   ? 11.911  7.413   -14.713 1.00 15.64 ? 5   GLY X C   1 
ATOM   30   O  O   . GLY A 1 5   ? 10.707  7.284   -14.998 1.00 15.08 ? 5   GLY X O   1 
ATOM   31   N  N   . GLU A 1 6   ? 12.493  6.760   -13.716 1.00 13.88 ? 6   GLU X N   1 
ATOM   32   C  CA  . GLU A 1 6   ? 11.752  5.824   -12.888 1.00 13.69 ? 6   GLU X CA  1 
ATOM   33   C  C   . GLU A 1 6   ? 10.647  6.526   -12.087 1.00 12.93 ? 6   GLU X C   1 
ATOM   34   O  O   . GLU A 1 6   ? 9.502   6.061   -12.063 1.00 12.95 ? 6   GLU X O   1 
ATOM   35   C  CB  . GLU A 1 6   ? 12.722  5.082   -11.978 1.00 13.66 ? 6   GLU X CB  1 
ATOM   36   C  CG  . GLU A 1 6   ? 13.508  3.996   -12.728 1.00 13.67 ? 6   GLU X CG  1 
ATOM   37   C  CD  . GLU A 1 6   ? 14.656  3.401   -11.908 1.00 13.89 ? 6   GLU X CD  1 
ATOM   38   O  OE1 . GLU A 1 6   ? 15.140  4.057   -10.960 1.00 14.55 ? 6   GLU X OE1 1 
ATOM   39   O  OE2 . GLU A 1 6   ? 15.105  2.277   -12.236 1.00 13.89 ? 6   GLU X OE2 1 
ATOM   40   N  N   . TRP A 1 7   ? 10.963  7.657   -11.453 1.00 13.16 ? 7   TRP X N   1 
ATOM   41   C  CA  . TRP A 1 7   ? 9.902   8.417   -10.771 1.00 13.06 ? 7   TRP X CA  1 
ATOM   42   C  C   . TRP A 1 7   ? 8.763   8.783   -11.740 1.00 13.19 ? 7   TRP X C   1 
ATOM   43   O  O   . TRP A 1 7   ? 7.586   8.698   -11.387 1.00 13.28 ? 7   TRP X O   1 
ATOM   44   C  CB  . TRP A 1 7   ? 10.468  9.670   -10.100 1.00 13.20 ? 7   TRP X CB  1 
ATOM   45   C  CG  . TRP A 1 7   ? 11.125  9.336   -8.794  1.00 13.49 ? 7   TRP X CG  1 
ATOM   46   C  CD1 . TRP A 1 7   ? 12.426  9.570   -8.433  1.00 13.73 ? 7   TRP X CD1 1 
ATOM   47   C  CD2 . TRP A 1 7   ? 10.504  8.698   -7.660  1.00 12.42 ? 7   TRP X CD2 1 
ATOM   48   N  NE1 . TRP A 1 7   ? 12.657  9.129   -7.138  1.00 13.96 ? 7   TRP X NE1 1 
ATOM   49   C  CE2 . TRP A 1 7   ? 11.493  8.595   -6.640  1.00 12.49 ? 7   TRP X CE2 1 
ATOM   50   C  CE3 . TRP A 1 7   ? 9.214   8.200   -7.403  1.00 13.71 ? 7   TRP X CE3 1 
ATOM   51   C  CZ2 . TRP A 1 7   ? 11.231  7.996   -5.406  1.00 13.67 ? 7   TRP X CZ2 1 
ATOM   52   C  CZ3 . TRP A 1 7   ? 8.951   7.613   -6.152  1.00 12.74 ? 7   TRP X CZ3 1 
ATOM   53   C  CH2 . TRP A 1 7   ? 9.966   7.529   -5.171  1.00 13.73 ? 7   TRP X CH2 1 
ATOM   54   N  N   . GLN A 1 8   ? 9.110   9.178   -12.961 1.00 13.49 ? 8   GLN X N   1 
ATOM   55   C  CA  . GLN A 1 8   ? 8.088   9.551   -13.930 1.00 14.86 ? 8   GLN X CA  1 
ATOM   56   C  C   . GLN A 1 8   ? 7.169   8.363   -14.238 1.00 14.05 ? 8   GLN X C   1 
ATOM   57   O  O   . GLN A 1 8   ? 5.948   8.522   -14.336 1.00 13.93 ? 8   GLN X O   1 
ATOM   58   C  CB  . GLN A 1 8   ? 8.747   10.099  -15.197 1.00 15.71 ? 8   GLN X CB  1 
ATOM   59   C  CG  . GLN A 1 8   ? 7.761   10.626  -16.215 1.00 18.23 ? 8   GLN X CG  1 
ATOM   60   C  CD  . GLN A 1 8   ? 8.445   11.301  -17.383 1.00 23.04 ? 8   GLN X CD  1 
ATOM   61   O  OE1 . GLN A 1 8   ? 9.391   10.765  -17.959 1.00 24.11 ? 8   GLN X OE1 1 
ATOM   62   N  NE2 . GLN A 1 8   ? 7.954   12.477  -17.751 1.00 23.56 ? 8   GLN X NE2 1 
ATOM   63   N  N   . GLN A 1 9   ? 7.756   7.174   -14.336 1.00 14.37 ? 9   GLN X N   1 
ATOM   64   C  CA  . GLN A 1 9   ? 6.968   5.953   -14.498 1.00 14.96 ? 9   GLN X CA  1 
ATOM   65   C  C   . GLN A 1 9   ? 6.055   5.715   -13.316 1.00 13.82 ? 9   GLN X C   1 
ATOM   66   O  O   . GLN A 1 9   ? 4.875   5.425   -13.495 1.00 13.13 ? 9   GLN X O   1 
ATOM   67   C  CB  . GLN A 1 9   ? 7.878   4.734   -14.656 1.00 16.19 ? 9   GLN X CB  1 
ATOM   68   C  CG  . GLN A 1 9   ? 8.758   4.803   -15.871 1.00 20.94 ? 9   GLN X CG  1 
ATOM   69   C  CD  . GLN A 1 9   ? 8.368   3.786   -16.905 1.00 26.17 ? 9   GLN X CD  1 
ATOM   70   O  OE1 . GLN A 1 9   ? 9.212   3.008   -17.340 1.00 30.88 ? 9   GLN X OE1 1 
ATOM   71   N  NE2 . GLN A 1 9   ? 7.079   3.745   -17.271 1.00 27.82 ? 9   GLN X NE2 1 
ATOM   72   N  N   . VAL A 1 10  ? 6.612   5.824   -12.111 1.00 12.64 ? 10  VAL X N   1 
ATOM   73   C  CA  . VAL A 1 10  ? 5.822   5.594   -10.902 1.00 12.72 ? 10  VAL X CA  1 
ATOM   74   C  C   . VAL A 1 10  ? 4.596   6.503   -10.915 1.00 11.84 ? 10  VAL X C   1 
ATOM   75   O  O   . VAL A 1 10  ? 3.469   6.034   -10.684 1.00 12.15 ? 10  VAL X O   1 
ATOM   76   C  CB  . VAL A 1 10  ? 6.631   5.854   -9.609  1.00 11.13 ? 10  VAL X CB  1 
ATOM   77   C  CG1 . VAL A 1 10  ? 5.699   5.833   -8.369  1.00 12.29 ? 10  VAL X CG1 1 
ATOM   78   C  CG2 . VAL A 1 10  ? 7.770   4.831   -9.459  1.00 12.32 ? 10  VAL X CG2 1 
ATOM   79   N  N   . LEU A 1 11  ? 4.805   7.796   -11.170 1.00 11.29 ? 11  LEU X N   1 
ATOM   80   C  CA  . LEU A 1 11  ? 3.692   8.743   -11.107 1.00 12.72 ? 11  LEU X CA  1 
ATOM   81   C  C   . LEU A 1 11  ? 2.744   8.586   -12.306 1.00 13.08 ? 11  LEU X C   1 
ATOM   82   O  O   . LEU A 1 11  ? 1.561   8.909   -12.222 1.00 13.73 ? 11  LEU X O   1 
ATOM   83   C  CB  . LEU A 1 11  ? 4.211   10.183  -10.912 1.00 12.95 ? 11  LEU X CB  1 
ATOM   84   C  CG  . LEU A 1 11  ? 4.964   10.355  -9.582  1.00 14.17 ? 11  LEU X CG  1 
ATOM   85   C  CD1 . LEU A 1 11  ? 5.450   11.787  -9.357  1.00 13.94 ? 11  LEU X CD1 1 
ATOM   86   C  CD2 . LEU A 1 11  ? 4.050   9.928   -8.409  1.00 13.54 ? 11  LEU X CD2 1 
ATOM   87   N  N   . ASN A 1 12  ? 3.266   8.049   -13.408 1.00 12.95 ? 12  ASN X N   1 
ATOM   88   C  CA  . ASN A 1 12  ? 2.390   7.701   -14.539 1.00 14.07 ? 12  ASN X CA  1 
ATOM   89   C  C   . ASN A 1 12  ? 1.444   6.542   -14.198 1.00 13.52 ? 12  ASN X C   1 
ATOM   90   O  O   . ASN A 1 12  ? 0.223   6.630   -14.408 1.00 14.30 ? 12  ASN X O   1 
ATOM   91   C  CB  . ASN A 1 12  ? 3.187   7.400   -15.801 1.00 15.03 ? 12  ASN X CB  1 
ATOM   92   C  CG  . ASN A 1 12  ? 2.293   7.288   -17.013 1.00 18.39 ? 12  ASN X CG  1 
ATOM   93   O  OD1 . ASN A 1 12  ? 2.089   6.197   -17.542 1.00 24.61 ? 12  ASN X OD1 1 
ATOM   94   N  ND2 . ASN A 1 12  ? 1.730   8.408   -17.438 1.00 21.26 ? 12  ASN X ND2 1 
ATOM   95   N  N   . VAL A 1 13  ? 2.018   5.467   -13.669 1.00 13.66 ? 13  VAL X N   1 
ATOM   96   C  CA  . VAL A 1 13  ? 1.226   4.359   -13.135 1.00 14.15 ? 13  VAL X CA  1 
ATOM   97   C  C   . VAL A 1 13  ? 0.211   4.880   -12.118 1.00 14.05 ? 13  VAL X C   1 
ATOM   98   O  O   . VAL A 1 13  ? -0.966  4.487   -12.143 1.00 14.43 ? 13  VAL X O   1 
ATOM   99   C  CB  . VAL A 1 13  ? 2.118   3.259   -12.507 1.00 14.68 ? 13  VAL X CB  1 
ATOM   100  C  CG1 . VAL A 1 13  ? 1.256   2.229   -11.733 1.00 13.80 ? 13  VAL X CG1 1 
ATOM   101  C  CG2 . VAL A 1 13  ? 2.951   2.581   -13.592 1.00 15.57 ? 13  VAL X CG2 1 
ATOM   102  N  N   . TRP A 1 14  ? 0.645   5.789   -11.244 1.00 13.45 ? 14  TRP X N   1 
ATOM   103  C  CA  . TRP A 1 14  ? -0.226  6.279   -10.171 1.00 12.71 ? 14  TRP X CA  1 
ATOM   104  C  C   . TRP A 1 14  ? -1.496  6.963   -10.731 1.00 13.24 ? 14  TRP X C   1 
ATOM   105  O  O   . TRP A 1 14  ? -2.557  6.979   -10.091 1.00 12.56 ? 14  TRP X O   1 
ATOM   106  C  CB  . TRP A 1 14  ? 0.541   7.189   -9.197  1.00 13.80 ? 14  TRP X CB  1 
ATOM   107  C  CG  . TRP A 1 14  ? -0.195  7.372   -7.946  1.00 13.73 ? 14  TRP X CG  1 
ATOM   108  C  CD1 . TRP A 1 14  ? -0.844  8.501   -7.538  1.00 15.54 ? 14  TRP X CD1 1 
ATOM   109  C  CD2 . TRP A 1 14  ? -0.460  6.370   -6.942  1.00 14.73 ? 14  TRP X CD2 1 
ATOM   110  N  NE1 . TRP A 1 14  ? -1.466  8.285   -6.331  1.00 15.62 ? 14  TRP X NE1 1 
ATOM   111  C  CE2 . TRP A 1 14  ? -1.243  6.993   -5.938  1.00 13.34 ? 14  TRP X CE2 1 
ATOM   112  C  CE3 . TRP A 1 14  ? -0.072  5.029   -6.771  1.00 15.59 ? 14  TRP X CE3 1 
ATOM   113  C  CZ2 . TRP A 1 14  ? -1.679  6.313   -4.780  1.00 15.37 ? 14  TRP X CZ2 1 
ATOM   114  C  CZ3 . TRP A 1 14  ? -0.535  4.340   -5.608  1.00 17.06 ? 14  TRP X CZ3 1 
ATOM   115  C  CH2 . TRP A 1 14  ? -1.316  5.003   -4.634  1.00 15.38 ? 14  TRP X CH2 1 
ATOM   116  N  N   . GLY A 1 15  ? -1.373  7.533   -11.932 1.00 13.28 ? 15  GLY X N   1 
ATOM   117  C  CA  . GLY A 1 15  ? -2.512  8.133   -12.616 1.00 14.43 ? 15  GLY X CA  1 
ATOM   118  C  C   . GLY A 1 15  ? -3.656  7.138   -12.721 1.00 14.57 ? 15  GLY X C   1 
ATOM   119  O  O   . GLY A 1 15  ? -4.831  7.502   -12.597 1.00 15.92 ? 15  GLY X O   1 
ATOM   120  N  N   . LYS A 1 16  ? -3.314  5.868   -12.927 1.00 14.11 ? 16  LYS X N   1 
ATOM   121  C  CA  . LYS A 1 16  ? -4.328  4.818   -13.037 1.00 14.57 ? 16  LYS X CA  1 
ATOM   122  C  C   . LYS A 1 16  ? -5.080  4.693   -11.728 1.00 14.31 ? 16  LYS X C   1 
ATOM   123  O  O   . LYS A 1 16  ? -6.308  4.614   -11.710 1.00 14.38 ? 16  LYS X O   1 
ATOM   124  C  CB  . LYS A 1 16  ? -3.674  3.471   -13.385 1.00 14.25 ? 16  LYS X CB  1 
ATOM   125  C  CG  . LYS A 1 16  ? -3.049  3.432   -14.742 1.00 17.27 ? 16  LYS X CG  1 
ATOM   126  C  CD  . LYS A 1 16  ? -2.359  2.103   -14.908 1.00 19.33 ? 16  LYS X CD  1 
ATOM   127  C  CE  . LYS A 1 16  ? -2.226  1.705   -16.358 1.00 23.56 ? 16  LYS X CE  1 
ATOM   128  N  NZ  . LYS A 1 16  ? -1.591  2.725   -17.215 1.00 22.98 ? 16  LYS X NZ  1 
ATOM   129  N  N   . VAL A 1 17  ? -4.332  4.686   -10.617 1.00 13.24 ? 17  VAL X N   1 
ATOM   130  C  CA  . VAL A 1 17  ? -4.935  4.567   -9.293  1.00 13.66 ? 17  VAL X CA  1 
ATOM   131  C  C   . VAL A 1 17  ? -5.879  5.747   -9.007  1.00 14.18 ? 17  VAL X C   1 
ATOM   132  O  O   . VAL A 1 17  ? -6.994  5.554   -8.499  1.00 14.80 ? 17  VAL X O   1 
ATOM   133  C  CB  . VAL A 1 17  ? -3.854  4.477   -8.188  1.00 12.70 ? 17  VAL X CB  1 
ATOM   134  C  CG1 . VAL A 1 17  ? -4.496  4.529   -6.794  1.00 14.24 ? 17  VAL X CG1 1 
ATOM   135  C  CG2 . VAL A 1 17  ? -2.968  3.214   -8.399  1.00 13.72 ? 17  VAL X CG2 1 
ATOM   136  N  N   . GLU A 1 18  ? -5.442  6.950   -9.356  1.00 14.39 ? 18  GLU X N   1 
ATOM   137  C  CA  . GLU A 1 18  ? -6.202  8.175   -9.045  1.00 15.74 ? 18  GLU X CA  1 
ATOM   138  C  C   . GLU A 1 18  ? -7.551  8.287   -9.777  1.00 14.71 ? 18  GLU X C   1 
ATOM   139  O  O   . GLU A 1 18  ? -8.450  9.012   -9.321  1.00 15.79 ? 18  GLU X O   1 
ATOM   140  C  CB  . GLU A 1 18  ? -5.343  9.424   -9.288  1.00 16.34 ? 18  GLU X CB  1 
ATOM   141  C  CG  . GLU A 1 18  ? -4.125  9.473   -8.382  1.00 17.38 ? 18  GLU X CG  1 
ATOM   142  C  CD  . GLU A 1 18  ? -3.390  10.811  -8.416  1.00 19.33 ? 18  GLU X CD  1 
ATOM   143  O  OE1 . GLU A 1 18  ? -3.423  11.515  -9.452  1.00 23.67 ? 18  GLU X OE1 1 
ATOM   144  O  OE2 . GLU A 1 18  ? -2.764  11.134  -7.390  1.00 22.01 ? 18  GLU X OE2 1 
ATOM   145  N  N   . ALA A 1 19  ? -7.698  7.572   -10.899 1.00 15.28 ? 19  ALA X N   1 
ATOM   146  C  CA  . ALA A 1 19  ? -8.973  7.592   -11.639 1.00 14.45 ? 19  ALA X CA  1 
ATOM   147  C  C   . ALA A 1 19  ? -10.052 6.856   -10.838 1.00 14.12 ? 19  ALA X C   1 
ATOM   148  O  O   . ALA A 1 19  ? -11.247 7.126   -11.011 1.00 14.29 ? 19  ALA X O   1 
ATOM   149  C  CB  . ALA A 1 19  ? -8.808  6.963   -13.009 1.00 14.71 ? 19  ALA X CB  1 
ATOM   150  N  N   . ASP A 1 20  ? -9.621  5.940   -9.959  1.00 13.53 ? 20  ASP X N   1 
ATOM   151  C  CA  . ASP A 1 20  ? -10.549 5.130   -9.153  1.00 13.72 ? 20  ASP X CA  1 
ATOM   152  C  C   . ASP A 1 20  ? -9.858  4.721   -7.844  1.00 14.09 ? 20  ASP X C   1 
ATOM   153  O  O   . ASP A 1 20  ? -9.486  3.559   -7.628  1.00 13.80 ? 20  ASP X O   1 
ATOM   154  C  CB  . ASP A 1 20  ? -11.055 3.907   -9.923  1.00 13.89 ? 20  ASP X CB  1 
ATOM   155  C  CG  . ASP A 1 20  ? -12.058 3.075   -9.112  1.00 14.95 ? 20  ASP X CG  1 
ATOM   156  O  OD1 . ASP A 1 20  ? -12.571 3.575   -8.080  1.00 16.45 ? 20  ASP X OD1 1 
ATOM   157  O  OD2 . ASP A 1 20  ? -12.317 1.925   -9.521  1.00 19.15 ? 20  ASP X OD2 1 
ATOM   158  N  N   . ILE A 1 21  ? -9.695  5.703   -6.973  1.00 13.74 ? 21  ILE X N   1 
ATOM   159  C  CA  . ILE A 1 21  ? -8.924  5.501   -5.744  1.00 14.99 ? 21  ILE X CA  1 
ATOM   160  C  C   . ILE A 1 21  ? -9.588  4.485   -4.820  1.00 15.10 ? 21  ILE X C   1 
ATOM   161  O  O   . ILE A 1 21  ? -8.927  3.589   -4.298  1.00 14.02 ? 21  ILE X O   1 
ATOM   162  C  CB  . ILE A 1 21  ? -8.625  6.844   -5.019  1.00 14.86 ? 21  ILE X CB  1 
ATOM   163  C  CG1 . ILE A 1 21  ? -7.768  6.606   -3.776  1.00 17.47 ? 21  ILE X CG1 1 
ATOM   164  C  CG2 . ILE A 1 21  ? -9.917  7.556   -4.636  1.00 15.50 ? 21  ILE X CG2 1 
ATOM   165  C  CD1 . ILE A 1 21  ? -6.302  6.901   -4.022  1.00 22.69 ? 21  ILE X CD1 1 
ATOM   166  N  N   . ALA A 1 22  ? -10.902 4.618   -4.650  1.00 16.51 ? 22  ALA X N   1 
ATOM   167  C  CA  . ALA A 1 22  ? -11.667 3.685   -3.815  1.00 16.66 ? 22  ALA X CA  1 
ATOM   168  C  C   . ALA A 1 22  ? -11.642 2.241   -4.361  1.00 16.43 ? 22  ALA X C   1 
ATOM   169  O  O   . ALA A 1 22  ? -11.524 1.295   -3.606  1.00 16.36 ? 22  ALA X O   1 
ATOM   170  C  CB  . ALA A 1 22  ? -13.094 4.157   -3.682  1.00 17.75 ? 22  ALA X CB  1 
ATOM   171  N  N   . GLY A 1 23  ? -11.774 2.081   -5.671  1.00 16.34 ? 23  GLY X N   1 
ATOM   172  C  CA  . GLY A 1 23  ? -11.832 0.760   -6.281  1.00 15.17 ? 23  GLY X CA  1 
ATOM   173  C  C   . GLY A 1 23  ? -10.489 0.070   -6.129  1.00 14.67 ? 23  GLY X C   1 
ATOM   174  O  O   . GLY A 1 23  ? -10.405 -1.101  -5.722  1.00 15.25 ? 23  GLY X O   1 
ATOM   175  N  N   . HIS A 1 24  ? -9.430  0.809   -6.441  1.00 13.01 ? 24  HIS X N   1 
ATOM   176  C  CA  . HIS A 1 24  ? -8.092  0.281   -6.240  1.00 12.52 ? 24  HIS X CA  1 
ATOM   177  C  C   . HIS A 1 24  ? -7.845  -0.035  -4.763  1.00 12.75 ? 24  HIS X C   1 
ATOM   178  O  O   . HIS A 1 24  ? -7.293  -1.098  -4.447  1.00 12.44 ? 24  HIS X O   1 
ATOM   179  C  CB  . HIS A 1 24  ? -7.037  1.244   -6.784  1.00 11.60 ? 24  HIS X CB  1 
ATOM   180  C  CG  . HIS A 1 24  ? -6.936  1.235   -8.275  1.00 12.91 ? 24  HIS X CG  1 
ATOM   181  N  ND1 . HIS A 1 24  ? -7.826  1.919   -9.079  1.00 13.76 ? 24  HIS X ND1 1 
ATOM   182  C  CD2 . HIS A 1 24  ? -6.038  0.655   -9.111  1.00 11.48 ? 24  HIS X CD2 1 
ATOM   183  C  CE1 . HIS A 1 24  ? -7.490  1.748   -10.347 1.00 12.30 ? 24  HIS X CE1 1 
ATOM   184  N  NE2 . HIS A 1 24  ? -6.423  0.969   -10.394 1.00 12.72 ? 24  HIS X NE2 1 
ATOM   185  N  N   . GLY A 1 25  ? -8.238  0.884   -3.883  1.00 12.55 ? 25  GLY X N   1 
ATOM   186  C  CA  . GLY A 1 25  ? -8.010  0.706   -2.446  1.00 13.68 ? 25  GLY X CA  1 
ATOM   187  C  C   . GLY A 1 25  ? -8.730  -0.517  -1.916  1.00 13.89 ? 25  GLY X C   1 
ATOM   188  O  O   . GLY A 1 25  ? -8.134  -1.367  -1.246  1.00 14.22 ? 25  GLY X O   1 
ATOM   189  N  N   . GLN A 1 26  ? -10.011 -0.627  -2.241  1.00 15.07 ? 26  GLN X N   1 
ATOM   190  C  CA  . GLN A 1 26  ? -10.786 -1.821  -1.917  1.00 15.56 ? 26  GLN X CA  1 
ATOM   191  C  C   . GLN A 1 26  ? -10.098 -3.114  -2.379  1.00 15.27 ? 26  GLN X C   1 
ATOM   192  O  O   . GLN A 1 26  ? -9.899  -4.028  -1.574  1.00 15.76 ? 26  GLN X O   1 
ATOM   193  C  CB  . GLN A 1 26  ? -12.175 -1.733  -2.541  1.00 16.42 ? 26  GLN X CB  1 
ATOM   194  C  CG  . GLN A 1 26  ? -13.071 -2.942  -2.244  1.00 19.22 ? 26  GLN X CG  1 
ATOM   195  C  CD  . GLN A 1 26  ? -14.366 -2.892  -3.032  1.00 22.09 ? 26  GLN X CD  1 
ATOM   196  O  OE1 . GLN A 1 26  ? -15.439 -2.633  -2.471  1.00 27.55 ? 26  GLN X OE1 1 
ATOM   197  N  NE2 . GLN A 1 26  ? -14.271 -3.106  -4.345  1.00 24.67 ? 26  GLN X NE2 1 
ATOM   198  N  N   . GLU A 1 27  ? -9.737  -3.188  -3.667  1.00 13.72 ? 27  GLU X N   1 
ATOM   199  C  CA  . GLU A 1 27  ? -9.145  -4.427  -4.205  1.00 14.23 ? 27  GLU X CA  1 
ATOM   200  C  C   . GLU A 1 27  ? -7.802  -4.720  -3.537  1.00 13.17 ? 27  GLU X C   1 
ATOM   201  O  O   . GLU A 1 27  ? -7.472  -5.883  -3.291  1.00 13.30 ? 27  GLU X O   1 
ATOM   202  C  CB  . GLU A 1 27  ? -8.978  -4.399  -5.715  1.00 14.55 ? 27  GLU X CB  1 
ATOM   203  C  CG  . GLU A 1 27  ? -10.311 -4.382  -6.450  1.00 17.40 ? 27  GLU X CG  1 
ATOM   204  C  CD  . GLU A 1 27  ? -10.174 -4.688  -7.944  1.00 19.85 ? 27  GLU X CD  1 
ATOM   205  O  OE1 . GLU A 1 27  ? -9.271  -5.457  -8.349  1.00 20.72 ? 27  GLU X OE1 1 
ATOM   206  O  OE2 . GLU A 1 27  ? -11.000 -4.151  -8.716  1.00 23.19 ? 27  GLU X OE2 1 
ATOM   207  N  N   . VAL A 1 28  ? -7.042  -3.666  -3.220  1.00 11.67 ? 28  VAL X N   1 
ATOM   208  C  CA  . VAL A 1 28  ? -5.755  -3.892  -2.561  1.00 12.32 ? 28  VAL X CA  1 
ATOM   209  C  C   . VAL A 1 28  ? -6.016  -4.532  -1.183  1.00 12.14 ? 28  VAL X C   1 
ATOM   210  O  O   . VAL A 1 28  ? -5.371  -5.531  -0.803  1.00 14.31 ? 28  VAL X O   1 
ATOM   211  C  CB  . VAL A 1 28  ? -4.930  -2.589  -2.423  1.00 12.40 ? 28  VAL X CB  1 
ATOM   212  C  CG1 . VAL A 1 28  ? -3.748  -2.783  -1.466  1.00 12.40 ? 28  VAL X CG1 1 
ATOM   213  C  CG2 . VAL A 1 28  ? -4.419  -2.158  -3.793  1.00 12.25 ? 28  VAL X CG2 1 
ATOM   214  N  N   . LEU A 1 29  ? -6.966  -3.972  -0.437  1.00 12.22 ? 29  LEU X N   1 
ATOM   215  C  CA  . LEU A 1 29  ? -7.245  -4.508  0.902   1.00 13.01 ? 29  LEU X CA  1 
ATOM   216  C  C   . LEU A 1 29  ? -7.831  -5.920  0.853   1.00 13.07 ? 29  LEU X C   1 
ATOM   217  O  O   . LEU A 1 29  ? -7.408  -6.780  1.607   1.00 13.57 ? 29  LEU X O   1 
ATOM   218  C  CB  . LEU A 1 29  ? -8.151  -3.564  1.701   1.00 12.78 ? 29  LEU X CB  1 
ATOM   219  C  CG  . LEU A 1 29  ? -7.547  -2.211  2.113   1.00 13.90 ? 29  LEU X CG  1 
ATOM   220  C  CD1 . LEU A 1 29  ? -8.623  -1.401  2.836   1.00 13.87 ? 29  LEU X CD1 1 
ATOM   221  C  CD2 . LEU A 1 29  ? -6.311  -2.408  3.003   1.00 13.24 ? 29  LEU X CD2 1 
ATOM   222  N  N   . ILE A 1 30  ? -8.768  -6.173  -0.058  1.00 13.29 ? 30  ILE X N   1 
ATOM   223  C  CA  . ILE A 1 30  ? -9.303  -7.528  -0.205  1.00 14.66 ? 30  ILE X CA  1 
ATOM   224  C  C   . ILE A 1 30  ? -8.213  -8.550  -0.549  1.00 14.41 ? 30  ILE X C   1 
ATOM   225  O  O   . ILE A 1 30  ? -8.196  -9.663  0.005   1.00 14.79 ? 30  ILE X O   1 
ATOM   226  C  CB  . ILE A 1 30  ? -10.476 -7.569  -1.216  1.00 14.87 ? 30  ILE X CB  1 
ATOM   227  C  CG1 . ILE A 1 30  ? -11.636 -6.751  -0.631  1.00 14.64 ? 30  ILE X CG1 1 
ATOM   228  C  CG2 . ILE A 1 30  ? -10.894 -9.014  -1.497  1.00 15.57 ? 30  ILE X CG2 1 
ATOM   229  C  CD1 . ILE A 1 30  ? -12.891 -6.634  -1.495  1.00 14.76 ? 30  ILE X CD1 1 
ATOM   230  N  N   . ARG A 1 31  ? -7.324  -8.185  -1.470  1.00 14.36 ? 31  ARG X N   1 
ATOM   231  C  CA  . ARG A 1 31  ? -6.183  -9.025  -1.859  1.00 14.37 ? 31  ARG X CA  1 
ATOM   232  C  C   . ARG A 1 31  ? -5.348  -9.326  -0.609  1.00 14.01 ? 31  ARG X C   1 
ATOM   233  O  O   . ARG A 1 31  ? -5.014  -10.479 -0.352  1.00 13.68 ? 31  ARG X O   1 
ATOM   234  C  CB  . ARG A 1 31  ? -5.363  -8.352  -2.971  1.00 14.79 ? 31  ARG X CB  1 
ATOM   235  C  CG  . ARG A 1 31  ? -4.096  -9.084  -3.418  1.00 15.71 ? 31  ARG X CG  1 
ATOM   236  C  CD  . ARG A 1 31  ? -4.417  -10.413 -4.131  1.00 19.18 ? 31  ARG X CD  1 
ATOM   237  N  NE  . ARG A 1 31  ? -3.185  -11.089 -4.531  1.00 19.37 ? 31  ARG X NE  1 
ATOM   238  C  CZ  . ARG A 1 31  ? -3.125  -12.200 -5.269  1.00 22.75 ? 31  ARG X CZ  1 
ATOM   239  N  NH1 . ARG A 1 31  ? -4.234  -12.791 -5.695  1.00 23.02 ? 31  ARG X NH1 1 
ATOM   240  N  NH2 . ARG A 1 31  ? -1.944  -12.731 -5.559  1.00 22.15 ? 31  ARG X NH2 1 
ATOM   241  N  N   . LEU A 1 32  ? -5.031  -8.296  0.175   1.00 12.97 ? 32  LEU X N   1 
ATOM   242  C  CA  . LEU A 1 32  ? -4.287  -8.474  1.430   1.00 12.98 ? 32  LEU X CA  1 
ATOM   243  C  C   . LEU A 1 32  ? -4.974  -9.432  2.419   1.00 13.44 ? 32  LEU X C   1 
ATOM   244  O  O   . LEU A 1 32  ? -4.354  -10.372 2.936   1.00 14.30 ? 32  LEU X O   1 
ATOM   245  C  CB  . LEU A 1 32  ? -4.087  -7.102  2.099   1.00 12.94 ? 32  LEU X CB  1 
ATOM   246  C  CG  . LEU A 1 32  ? -3.285  -7.041  3.393   1.00 12.32 ? 32  LEU X CG  1 
ATOM   247  C  CD1 . LEU A 1 32  ? -1.828  -7.372  3.147   1.00 14.16 ? 32  LEU X CD1 1 
ATOM   248  C  CD2 . LEU A 1 32  ? -3.444  -5.640  3.999   1.00 12.54 ? 32  LEU X CD2 1 
ATOM   249  N  N   . PHE A 1 33  ? -6.247  -9.159  2.688   1.00 13.39 ? 33  PHE X N   1 
ATOM   250  C  CA  . PHE A 1 33  ? -6.996  -9.888  3.707   1.00 14.66 ? 33  PHE X CA  1 
ATOM   251  C  C   . PHE A 1 33  ? -7.251  -11.332 3.306   1.00 15.71 ? 33  PHE X C   1 
ATOM   252  O  O   . PHE A 1 33  ? -7.214  -12.220 4.150   1.00 16.05 ? 33  PHE X O   1 
ATOM   253  C  CB  . PHE A 1 33  ? -8.344  -9.222  4.021   1.00 13.90 ? 33  PHE X CB  1 
ATOM   254  C  CG  . PHE A 1 33  ? -8.242  -7.827  4.606   1.00 13.55 ? 33  PHE X CG  1 
ATOM   255  C  CD1 . PHE A 1 33  ? -7.115  -7.416  5.316   1.00 13.52 ? 33  PHE X CD1 1 
ATOM   256  C  CD2 . PHE A 1 33  ? -9.330  -6.957  4.506   1.00 15.38 ? 33  PHE X CD2 1 
ATOM   257  C  CE1 . PHE A 1 33  ? -7.059  -6.114  5.885   1.00 13.87 ? 33  PHE X CE1 1 
ATOM   258  C  CE2 . PHE A 1 33  ? -9.288  -5.671  5.062   1.00 13.91 ? 33  PHE X CE2 1 
ATOM   259  C  CZ  . PHE A 1 33  ? -8.141  -5.252  5.755   1.00 15.13 ? 33  PHE X CZ  1 
ATOM   260  N  N   . THR A 1 34  ? -7.550  -11.556 2.034   1.00 16.48 ? 34  THR X N   1 
ATOM   261  C  CA  . THR A 1 34  ? -7.884  -12.899 1.591   1.00 17.63 ? 34  THR X CA  1 
ATOM   262  C  C   . THR A 1 34  ? -6.611  -13.722 1.464   1.00 17.79 ? 34  THR X C   1 
ATOM   263  O  O   . THR A 1 34  ? -6.594  -14.914 1.805   1.00 18.78 ? 34  THR X O   1 
ATOM   264  C  CB  . THR A 1 34  ? -8.712  -12.892 0.276   1.00 17.25 ? 34  THR X CB  1 
ATOM   265  O  OG1 . THR A 1 34  ? -7.979  -12.244 -0.778  1.00 17.90 ? 34  THR X OG1 1 
ATOM   266  C  CG2 . THR A 1 34  ? -10.062 -12.200 0.507   1.00 17.64 ? 34  THR X CG2 1 
ATOM   267  N  N   . GLY A 1 35  ? -5.530  -13.071 1.030   1.00 17.62 ? 35  GLY X N   1 
ATOM   268  C  CA  . GLY A 1 35  ? -4.249  -13.736 0.906   1.00 17.14 ? 35  GLY X CA  1 
ATOM   269  C  C   . GLY A 1 35  ? -3.546  -13.994 2.228   1.00 16.73 ? 35  GLY X C   1 
ATOM   270  O  O   . GLY A 1 35  ? -2.755  -14.951 2.355   1.00 17.04 ? 35  GLY X O   1 
ATOM   271  N  N   . HIS A 1 36  ? -3.830  -13.132 3.208   1.00 15.04 ? 36  HIS X N   1 
ATOM   272  C  CA  . HIS A 1 36  ? -3.167  -13.199 4.501   1.00 15.93 ? 36  HIS X CA  1 
ATOM   273  C  C   . HIS A 1 36  ? -4.182  -12.868 5.603   1.00 15.60 ? 36  HIS X C   1 
ATOM   274  O  O   . HIS A 1 36  ? -4.207  -11.749 6.110   1.00 15.94 ? 36  HIS X O   1 
ATOM   275  C  CB  . HIS A 1 36  ? -1.968  -12.229 4.506   1.00 16.48 ? 36  HIS X CB  1 
ATOM   276  C  CG  . HIS A 1 36  ? -1.081  -12.356 3.302   1.00 17.32 ? 36  HIS X CG  1 
ATOM   277  N  ND1 . HIS A 1 36  ? -0.068  -13.287 3.228   1.00 17.37 ? 36  HIS X ND1 1 
ATOM   278  C  CD2 . HIS A 1 36  ? -1.043  -11.667 2.135   1.00 19.14 ? 36  HIS X CD2 1 
ATOM   279  C  CE1 . HIS A 1 36  ? 0.547   -13.179 2.064   1.00 19.83 ? 36  HIS X CE1 1 
ATOM   280  N  NE2 . HIS A 1 36  ? -0.027  -12.205 1.380   1.00 21.08 ? 36  HIS X NE2 1 
ATOM   281  N  N   . PRO A 1 37  ? -5.054  -13.837 5.961   1.00 16.06 ? 37  PRO X N   1 
ATOM   282  C  CA  . PRO A 1 37  ? -6.126  -13.532 6.923   1.00 15.82 ? 37  PRO X CA  1 
ATOM   283  C  C   . PRO A 1 37  ? -5.658  -12.971 8.254   1.00 15.86 ? 37  PRO X C   1 
ATOM   284  O  O   . PRO A 1 37  ? -6.434  -12.299 8.934   1.00 16.40 ? 37  PRO X O   1 
ATOM   285  C  CB  . PRO A 1 37  ? -6.808  -14.898 7.141   1.00 16.27 ? 37  PRO X CB  1 
ATOM   286  C  CG  . PRO A 1 37  ? -6.549  -15.631 5.853   1.00 16.45 ? 37  PRO X CG  1 
ATOM   287  C  CD  . PRO A 1 37  ? -5.141  -15.225 5.458   1.00 16.38 ? 37  PRO X CD  1 
ATOM   288  N  N   . GLU A 1 38  ? -4.422  -13.271 8.658   1.00 16.18 ? 38  GLU X N   1 
ATOM   289  C  CA  . GLU A 1 38  ? -3.906  -12.727 9.928   1.00 15.71 ? 38  GLU X CA  1 
ATOM   290  C  C   . GLU A 1 38  ? -3.889  -11.191 9.938   1.00 15.98 ? 38  GLU X C   1 
ATOM   291  O  O   . GLU A 1 38  ? -3.997  -10.580 10.996  1.00 17.24 ? 38  GLU X O   1 
ATOM   292  C  CB  . GLU A 1 38  ? -2.511  -13.273 10.255  1.00 16.52 ? 38  GLU X CB  1 
ATOM   293  C  CG  . GLU A 1 38  ? -1.377  -12.790 9.360   1.00 15.38 ? 38  GLU X CG  1 
ATOM   294  C  CD  . GLU A 1 38  ? -1.168  -13.642 8.112   1.00 16.78 ? 38  GLU X CD  1 
ATOM   295  O  OE1 . GLU A 1 38  ? -2.149  -14.195 7.555   1.00 15.19 ? 38  GLU X OE1 1 
ATOM   296  O  OE2 . GLU A 1 38  ? -0.023  -13.731 7.663   1.00 17.30 ? 38  GLU X OE2 1 
ATOM   297  N  N   . THR A 1 39  ? -3.752  -10.598 8.750   1.00 15.62 ? 39  THR X N   1 
ATOM   298  C  CA  . THR A 1 39  ? -3.741  -9.147  8.614   1.00 15.76 ? 39  THR X CA  1 
ATOM   299  C  C   . THR A 1 39  ? -5.085  -8.558  9.026   1.00 15.67 ? 39  THR X C   1 
ATOM   300  O  O   . THR A 1 39  ? -5.137  -7.477  9.608   1.00 16.01 ? 39  THR X O   1 
ATOM   301  C  CB  . THR A 1 39  ? -3.347  -8.695  7.180   1.00 15.64 ? 39  THR X CB  1 
ATOM   302  O  OG1 . THR A 1 39  ? -4.303  -9.168  6.226   1.00 15.42 ? 39  THR X OG1 1 
ATOM   303  C  CG2 . THR A 1 39  ? -1.937  -9.201  6.812   1.00 17.49 ? 39  THR X CG2 1 
ATOM   304  N  N   . LEU A 1 40  ? -6.172  -9.286  8.732   1.00 15.84 ? 40  LEU X N   1 
ATOM   305  C  CA  . LEU A 1 40  ? -7.514  -8.813  9.061   1.00 16.88 ? 40  LEU X CA  1 
ATOM   306  C  C   . LEU A 1 40  ? -7.618  -8.622  10.574  1.00 16.02 ? 40  LEU X C   1 
ATOM   307  O  O   . LEU A 1 40  ? -8.269  -7.693  11.058  1.00 16.27 ? 40  LEU X O   1 
ATOM   308  C  CB  . LEU A 1 40  ? -8.590  -9.787  8.529   1.00 17.01 ? 40  LEU X CB  1 
ATOM   309  C  CG  . LEU A 1 40  ? -10.047 -9.310  8.617   1.00 18.05 ? 40  LEU X CG  1 
ATOM   310  C  CD1 . LEU A 1 40  ? -10.392 -8.346  7.474   1.00 17.68 ? 40  LEU X CD1 1 
ATOM   311  C  CD2 . LEU A 1 40  ? -11.062 -10.491 8.662   1.00 17.78 ? 40  LEU X CD2 1 
ATOM   312  N  N   . GLU A 1 41  ? -6.935  -9.487  11.330  1.00 15.92 ? 41  GLU X N   1 
ATOM   313  C  CA  . GLU A 1 41  ? -7.008  -9.423  12.802  1.00 17.60 ? 41  GLU X CA  1 
ATOM   314  C  C   . GLU A 1 41  ? -6.416  -8.143  13.402  1.00 17.08 ? 41  GLU X C   1 
ATOM   315  O  O   . GLU A 1 41  ? -6.699  -7.795  14.559  1.00 19.52 ? 41  GLU X O   1 
ATOM   316  C  CB  . GLU A 1 41  ? -6.387  -10.675 13.443  1.00 17.93 ? 41  GLU X CB  1 
ATOM   317  C  CG  . GLU A 1 41  ? -7.108  -11.966 13.073  1.00 20.71 ? 41  GLU X CG  1 
ATOM   318  C  CD  . GLU A 1 41  ? -8.618  -11.891 13.272  1.00 22.91 ? 41  GLU X CD  1 
ATOM   319  O  OE1 . GLU A 1 41  ? -9.049  -11.603 14.406  1.00 22.66 ? 41  GLU X OE1 1 
ATOM   320  O  OE2 . GLU A 1 41  ? -9.380  -12.112 12.289  1.00 27.27 ? 41  GLU X OE2 1 
ATOM   321  N  N   . LYS A 1 42  ? -5.610  -7.431  12.613  1.00 17.15 ? 42  LYS X N   1 
ATOM   322  C  CA  . LYS A 1 42  ? -5.062  -6.152  13.074  1.00 16.89 ? 42  LYS X CA  1 
ATOM   323  C  C   . LYS A 1 42  ? -6.064  -5.005  13.031  1.00 16.78 ? 42  LYS X C   1 
ATOM   324  O  O   . LYS A 1 42  ? -5.788  -3.945  13.590  1.00 15.33 ? 42  LYS X O   1 
ATOM   325  C  CB  . LYS A 1 42  ? -3.791  -5.763  12.301  1.00 17.11 ? 42  LYS X CB  1 
ATOM   326  C  CG  . LYS A 1 42  ? -2.586  -6.662  12.528  1.00 16.53 ? 42  LYS X CG  1 
ATOM   327  C  CD  . LYS A 1 42  ? -1.991  -6.501  13.940  1.00 17.62 ? 42  LYS X CD  1 
ATOM   328  C  CE  . LYS A 1 42  ? -0.812  -7.447  14.154  1.00 19.55 ? 42  LYS X CE  1 
ATOM   329  N  NZ  . LYS A 1 42  ? -0.105  -7.189  15.456  1.00 17.37 ? 42  LYS X NZ  1 
ATOM   330  N  N   . PHE A 1 43  ? -7.200  -5.219  12.350  1.00 16.57 ? 43  PHE X N   1 
ATOM   331  C  CA  . PHE A 1 43  ? -8.250  -4.225  12.203  1.00 17.90 ? 43  PHE X CA  1 
ATOM   332  C  C   . PHE A 1 43  ? -9.479  -4.652  13.015  1.00 19.67 ? 43  PHE X C   1 
ATOM   333  O  O   . PHE A 1 43  ? -10.269 -5.486  12.557  1.00 20.00 ? 43  PHE X O   1 
ATOM   334  C  CB  . PHE A 1 43  ? -8.696  -4.095  10.732  1.00 17.19 ? 43  PHE X CB  1 
ATOM   335  C  CG  . PHE A 1 43  ? -7.636  -3.581  9.788   1.00 15.78 ? 43  PHE X CG  1 
ATOM   336  C  CD1 . PHE A 1 43  ? -6.747  -4.460  9.190   1.00 16.18 ? 43  PHE X CD1 1 
ATOM   337  C  CD2 . PHE A 1 43  ? -7.562  -2.225  9.452   1.00 15.98 ? 43  PHE X CD2 1 
ATOM   338  C  CE1 . PHE A 1 43  ? -5.776  -4.005  8.283   1.00 17.01 ? 43  PHE X CE1 1 
ATOM   339  C  CE2 . PHE A 1 43  ? -6.586  -1.763  8.541   1.00 16.26 ? 43  PHE X CE2 1 
ATOM   340  C  CZ  . PHE A 1 43  ? -5.701  -2.666  7.963   1.00 15.83 ? 43  PHE X CZ  1 
ATOM   341  N  N   . ASP A 1 44  ? -9.666  -4.065  14.191  1.00 21.80 ? 44  ASP X N   1 
ATOM   342  C  CA  . ASP A 1 44  ? -10.871 -4.346  14.965  1.00 23.69 ? 44  ASP X CA  1 
ATOM   343  C  C   . ASP A 1 44  ? -12.118 -4.054  14.131  1.00 23.62 ? 44  ASP X C   1 
ATOM   344  O  O   . ASP A 1 44  ? -13.070 -4.819  14.178  1.00 24.68 ? 44  ASP X O   1 
ATOM   345  C  CB  . ASP A 1 44  ? -10.898 -3.536  16.265  1.00 24.71 ? 44  ASP X CB  1 
ATOM   346  C  CG  . ASP A 1 44  ? -10.047 -4.160  17.356  1.00 27.88 ? 44  ASP X CG  1 
ATOM   347  O  OD1 . ASP A 1 44  ? -9.698  -5.357  17.230  1.00 28.30 ? 44  ASP X OD1 1 
ATOM   348  O  OD2 . ASP A 1 44  ? -9.737  -3.446  18.342  1.00 31.44 ? 44  ASP X OD2 1 
ATOM   349  N  N   . LYS A 1 45  ? -12.089 -2.984  13.336  1.00 22.78 ? 45  LYS X N   1 
ATOM   350  C  CA  . LYS A 1 45  ? -13.240 -2.617  12.496  1.00 23.12 ? 45  LYS X CA  1 
ATOM   351  C  C   . LYS A 1 45  ? -13.494 -3.508  11.243  1.00 22.01 ? 45  LYS X C   1 
ATOM   352  O  O   . LYS A 1 45  ? -14.512 -3.336  10.558  1.00 21.72 ? 45  LYS X O   1 
ATOM   353  C  CB  . LYS A 1 45  ? -13.137 -1.149  12.074  1.00 23.03 ? 45  LYS X CB  1 
ATOM   354  C  CG  . LYS A 1 45  ? -12.034 -0.883  11.030  1.00 23.91 ? 45  LYS X CG  1 
ATOM   355  C  CD  . LYS A 1 45  ? -11.829 0.612   10.784  1.00 23.81 ? 45  LYS X CD  1 
ATOM   356  C  CE  . LYS A 1 45  ? -10.697 0.866   9.779   1.00 24.67 ? 45  LYS X CE  1 
ATOM   357  N  NZ  . LYS A 1 45  ? -10.477 2.326   9.508   1.00 26.82 ? 45  LYS X NZ  1 
ATOM   358  N  N   . PHE A 1 46  ? -12.583 -4.426  10.925  1.00 20.44 ? 46  PHE X N   1 
ATOM   359  C  CA  . PHE A 1 46  ? -12.808 -5.344  9.798   1.00 20.17 ? 46  PHE X CA  1 
ATOM   360  C  C   . PHE A 1 46  ? -12.841 -6.815  10.205  1.00 20.74 ? 46  PHE X C   1 
ATOM   361  O  O   . PHE A 1 46  ? -13.126 -7.679  9.385   1.00 19.67 ? 46  PHE X O   1 
ATOM   362  C  CB  . PHE A 1 46  ? -11.790 -5.130  8.661   1.00 20.12 ? 46  PHE X CB  1 
ATOM   363  C  CG  . PHE A 1 46  ? -11.814 -3.737  8.083   1.00 19.71 ? 46  PHE X CG  1 
ATOM   364  C  CD1 . PHE A 1 46  ? -13.031 -3.102  7.798   1.00 19.38 ? 46  PHE X CD1 1 
ATOM   365  C  CD2 . PHE A 1 46  ? -10.620 -3.069  7.793   1.00 19.73 ? 46  PHE X CD2 1 
ATOM   366  C  CE1 . PHE A 1 46  ? -13.057 -1.804  7.254   1.00 19.60 ? 46  PHE X CE1 1 
ATOM   367  C  CE2 . PHE A 1 46  ? -10.636 -1.784  7.257   1.00 18.97 ? 46  PHE X CE2 1 
ATOM   368  C  CZ  . PHE A 1 46  ? -11.859 -1.149  6.984   1.00 19.82 ? 46  PHE X CZ  1 
ATOM   369  N  N   . LYS A 1 47  ? -12.585 -7.082  11.481  1.00 21.90 ? 47  LYS X N   1 
ATOM   370  C  CA  . LYS A 1 47  ? -12.612 -8.466  11.990  1.00 24.24 ? 47  LYS X CA  1 
ATOM   371  C  C   . LYS A 1 47  ? -13.937 -9.202  11.782  1.00 24.93 ? 47  LYS X C   1 
ATOM   372  O  O   . LYS A 1 47  ? -13.953 -10.433 11.737  1.00 26.01 ? 47  LYS X O   1 
ATOM   373  C  CB  . LYS A 1 47  ? -12.155 -8.514  13.458  1.00 23.84 ? 47  LYS X CB  1 
ATOM   374  C  CG  A LYS A 1 47  ? -13.164 -8.002  14.477  0.50 24.38 ? 47  LYS X CG  1 
ATOM   375  C  CG  B LYS A 1 47  ? -10.663 -8.729  13.609  0.50 24.66 ? 47  LYS X CG  1 
ATOM   376  C  CD  A LYS A 1 47  ? -12.497 -7.678  15.810  0.50 24.70 ? 47  LYS X CD  1 
ATOM   377  C  CD  B LYS A 1 47  ? -10.084 -8.096  14.873  0.50 25.91 ? 47  LYS X CD  1 
ATOM   378  C  CE  A LYS A 1 47  ? -13.434 -6.918  16.740  0.50 25.21 ? 47  LYS X CE  1 
ATOM   379  C  CE  B LYS A 1 47  ? -10.633 -8.708  16.144  0.50 26.97 ? 47  LYS X CE  1 
ATOM   380  N  NZ  A LYS A 1 47  ? -14.590 -7.771  17.192  0.50 25.74 ? 47  LYS X NZ  1 
ATOM   381  N  NZ  B LYS A 1 47  ? -11.835 -7.970  16.639  0.50 28.16 ? 47  LYS X NZ  1 
ATOM   382  N  N   . HIS A 1 48  ? -15.034 -8.456  11.642  1.00 25.77 ? 48  HIS X N   1 
ATOM   383  C  CA  . HIS A 1 48  ? -16.368 -9.037  11.447  1.00 26.18 ? 48  HIS X CA  1 
ATOM   384  C  C   . HIS A 1 48  ? -16.565 -9.567  10.029  1.00 26.71 ? 48  HIS X C   1 
ATOM   385  O  O   . HIS A 1 48  ? -17.530 -10.294 9.765   1.00 27.63 ? 48  HIS X O   1 
ATOM   386  C  CB  . HIS A 1 48  ? -17.445 -7.985  11.724  1.00 26.57 ? 48  HIS X CB  1 
ATOM   387  C  CG  . HIS A 1 48  ? -17.443 -6.853  10.742  1.00 26.66 ? 48  HIS X CG  1 
ATOM   388  N  ND1 . HIS A 1 48  ? -18.213 -6.858  9.595   1.00 25.52 ? 48  HIS X ND1 1 
ATOM   389  C  CD2 . HIS A 1 48  ? -16.756 -5.684  10.730  1.00 24.61 ? 48  HIS X CD2 1 
ATOM   390  C  CE1 . HIS A 1 48  ? -18.006 -5.736  8.927   1.00 25.71 ? 48  HIS X CE1 1 
ATOM   391  N  NE2 . HIS A 1 48  ? -17.127 -5.007  9.594   1.00 27.43 ? 48  HIS X NE2 1 
ATOM   392  N  N   . LEU A 1 49  ? -15.673 -9.180  9.112   1.00 26.16 ? 49  LEU X N   1 
ATOM   393  C  CA  . LEU A 1 49  ? -15.782 -9.561  7.709   1.00 26.01 ? 49  LEU X CA  1 
ATOM   394  C  C   . LEU A 1 49  ? -15.359 -11.009 7.514   1.00 26.46 ? 49  LEU X C   1 
ATOM   395  O  O   . LEU A 1 49  ? -14.177 -11.335 7.323   1.00 27.31 ? 49  LEU X O   1 
ATOM   396  C  CB  . LEU A 1 49  ? -15.003 -8.605  6.788   1.00 25.17 ? 49  LEU X CB  1 
ATOM   397  C  CG  . LEU A 1 49  ? -15.500 -7.148  6.692   1.00 23.26 ? 49  LEU X CG  1 
ATOM   398  C  CD1 . LEU A 1 49  ? -14.500 -6.279  5.940   1.00 20.90 ? 49  LEU X CD1 1 
ATOM   399  C  CD2 . LEU A 1 49  ? -16.882 -7.042  6.032   1.00 23.26 ? 49  LEU X CD2 1 
ATOM   400  N  N   . LYS A 1 50  ? -16.353 -11.880 7.559   1.00 27.04 ? 50  LYS X N   1 
ATOM   401  C  CA  . LYS A 1 50  ? -16.116 -13.317 7.489   1.00 26.86 ? 50  LYS X CA  1 
ATOM   402  C  C   . LYS A 1 50  ? -15.989 -13.872 6.064   1.00 26.07 ? 50  LYS X C   1 
ATOM   403  O  O   . LYS A 1 50  ? -15.515 -14.986 5.878   1.00 26.41 ? 50  LYS X O   1 
ATOM   404  C  CB  . LYS A 1 50  ? -17.217 -14.059 8.262   1.00 27.84 ? 50  LYS X CB  1 
ATOM   405  C  CG  . LYS A 1 50  ? -17.131 -13.857 9.785   1.00 29.81 ? 50  LYS X CG  1 
ATOM   406  C  CD  . LYS A 1 50  ? -15.673 -14.022 10.288  1.00 34.06 ? 50  LYS X CD  1 
ATOM   407  C  CE  . LYS A 1 50  ? -15.582 -14.348 11.782  1.00 35.84 ? 50  LYS X CE  1 
ATOM   408  N  NZ  . LYS A 1 50  ? -15.855 -13.155 12.647  1.00 37.69 ? 50  LYS X NZ  1 
ATOM   409  N  N   . THR A 1 51  ? -16.430 -13.114 5.062   1.00 24.78 ? 51  THR X N   1 
ATOM   410  C  CA  . THR A 1 51  ? -16.347 -13.562 3.667   1.00 23.42 ? 51  THR X CA  1 
ATOM   411  C  C   . THR A 1 51  ? -15.886 -12.451 2.734   1.00 23.14 ? 51  THR X C   1 
ATOM   412  O  O   . THR A 1 51  ? -16.040 -11.272 3.051   1.00 22.76 ? 51  THR X O   1 
ATOM   413  C  CB  . THR A 1 51  ? -17.714 -14.083 3.144   1.00 23.43 ? 51  THR X CB  1 
ATOM   414  O  OG1 . THR A 1 51  ? -18.666 -13.010 3.125   1.00 22.77 ? 51  THR X OG1 1 
ATOM   415  C  CG2 . THR A 1 51  ? -18.242 -15.235 4.020   1.00 22.37 ? 51  THR X CG2 1 
ATOM   416  N  N   . GLU A 1 52  ? -15.349 -12.822 1.574   1.00 22.28 ? 52  GLU X N   1 
ATOM   417  C  CA  . GLU A 1 52  ? -15.029 -11.834 0.541   1.00 22.23 ? 52  GLU X CA  1 
ATOM   418  C  C   . GLU A 1 52  ? -16.253 -11.019 0.071   1.00 22.15 ? 52  GLU X C   1 
ATOM   419  O  O   . GLU A 1 52  ? -16.134 -9.830  -0.253  1.00 21.39 ? 52  GLU X O   1 
ATOM   420  C  CB  . GLU A 1 52  ? -14.343 -12.496 -0.647  1.00 21.80 ? 52  GLU X CB  1 
ATOM   421  C  CG  . GLU A 1 52  ? -13.765 -11.484 -1.622  1.00 22.57 ? 52  GLU X CG  1 
ATOM   422  C  CD  . GLU A 1 52  ? -12.978 -12.118 -2.751  1.00 24.55 ? 52  GLU X CD  1 
ATOM   423  O  OE1 . GLU A 1 52  ? -12.372 -13.196 -2.558  1.00 25.88 ? 52  GLU X OE1 1 
ATOM   424  O  OE2 . GLU A 1 52  ? -12.956 -11.509 -3.838  1.00 26.18 ? 52  GLU X OE2 1 
ATOM   425  N  N   . ALA A 1 53  ? -17.418 -11.667 0.029   1.00 21.70 ? 53  ALA X N   1 
ATOM   426  C  CA  . ALA A 1 53  ? -18.666 -10.985 -0.304  1.00 21.59 ? 53  ALA X CA  1 
ATOM   427  C  C   . ALA A 1 53  ? -18.890 -9.853  0.684   1.00 21.25 ? 53  ALA X C   1 
ATOM   428  O  O   . ALA A 1 53  ? -19.156 -8.720  0.294   1.00 21.17 ? 53  ALA X O   1 
ATOM   429  C  CB  . ALA A 1 53  ? -19.859 -11.962 -0.242  1.00 22.05 ? 53  ALA X CB  1 
ATOM   430  N  N   . GLU A 1 54  ? -18.768 -10.173 1.966   1.00 20.55 ? 54  GLU X N   1 
ATOM   431  C  CA  . GLU A 1 54  ? -18.907 -9.178  3.014   1.00 21.22 ? 54  GLU X CA  1 
ATOM   432  C  C   . GLU A 1 54  ? -17.873 -8.056  2.839   1.00 20.13 ? 54  GLU X C   1 
ATOM   433  O  O   . GLU A 1 54  ? -18.198 -6.877  3.033   1.00 20.27 ? 54  GLU X O   1 
ATOM   434  C  CB  . GLU A 1 54  ? -18.795 -9.830  4.399   1.00 20.96 ? 54  GLU X CB  1 
ATOM   435  C  CG  . GLU A 1 54  ? -20.091 -10.529 4.822   1.00 23.06 ? 54  GLU X CG  1 
ATOM   436  C  CD  . GLU A 1 54  ? -19.972 -11.371 6.079   1.00 24.79 ? 54  GLU X CD  1 
ATOM   437  O  OE1 . GLU A 1 54  ? -18.850 -11.547 6.616   1.00 28.85 ? 54  GLU X OE1 1 
ATOM   438  O  OE2 . GLU A 1 54  ? -21.028 -11.874 6.539   1.00 28.81 ? 54  GLU X OE2 1 
ATOM   439  N  N   . MET A 1 55  ? -16.637 -8.428  2.505   1.00 18.48 ? 55  MET X N   1 
ATOM   440  C  CA  . MET A 1 55  ? -15.566 -7.432  2.273   1.00 17.94 ? 55  MET X CA  1 
ATOM   441  C  C   . MET A 1 55  ? -15.931 -6.518  1.122   1.00 18.27 ? 55  MET X C   1 
ATOM   442  O  O   . MET A 1 55  ? -15.849 -5.298  1.251   1.00 17.92 ? 55  MET X O   1 
ATOM   443  C  CB  . MET A 1 55  ? -14.239 -8.110  1.936   1.00 17.46 ? 55  MET X CB  1 
ATOM   444  C  CG  . MET A 1 55  ? -13.687 -8.984  3.042   1.00 18.06 ? 55  MET X CG  1 
ATOM   445  S  SD  . MET A 1 55  ? -12.114 -9.699  2.525   1.00 18.00 ? 55  MET X SD  1 
ATOM   446  C  CE  . MET A 1 55  ? -11.799 -10.767 3.943   1.00 17.48 ? 55  MET X CE  1 
ATOM   447  N  N   . LYS A 1 56  ? -16.333 -7.139  0.011   1.00 18.75 ? 56  LYS X N   1 
ATOM   448  C  CA  . LYS A 1 56  ? -16.707 -6.434  -1.220  1.00 19.45 ? 56  LYS X CA  1 
ATOM   449  C  C   . LYS A 1 56  ? -17.867 -5.477  -0.965  1.00 19.23 ? 56  LYS X C   1 
ATOM   450  O  O   . LYS A 1 56  ? -17.941 -4.421  -1.608  1.00 19.98 ? 56  LYS X O   1 
ATOM   451  C  CB  . LYS A 1 56  ? -17.036 -7.426  -2.345  1.00 20.19 ? 56  LYS X CB  1 
ATOM   452  C  CG  . LYS A 1 56  ? -17.522 -6.802  -3.649  1.00 23.33 ? 56  LYS X CG  1 
ATOM   453  C  CD  . LYS A 1 56  ? -16.463 -5.998  -4.389  1.00 28.79 ? 56  LYS X CD  1 
ATOM   454  C  CE  . LYS A 1 56  ? -17.020 -5.570  -5.762  1.00 30.30 ? 56  LYS X CE  1 
ATOM   455  N  NZ  . LYS A 1 56  ? -16.564 -4.193  -6.140  1.00 32.56 ? 56  LYS X NZ  1 
ATOM   456  N  N   . ALA A 1 57  ? -18.742 -5.847  -0.022  1.00 18.58 ? 57  ALA X N   1 
ATOM   457  C  CA  . ALA A 1 57  ? -19.949 -5.090  0.317   1.00 18.69 ? 57  ALA X CA  1 
ATOM   458  C  C   . ALA A 1 57  ? -19.721 -4.005  1.355   1.00 18.40 ? 57  ALA X C   1 
ATOM   459  O  O   . ALA A 1 57  ? -20.622 -3.204  1.619   1.00 18.77 ? 57  ALA X O   1 
ATOM   460  C  CB  . ALA A 1 57  ? -21.049 -6.044  0.809   1.00 19.18 ? 57  ALA X CB  1 
ATOM   461  N  N   . SER A 1 58  ? -18.528 -3.973  1.956   1.00 17.73 ? 58  SER X N   1 
ATOM   462  C  CA  . SER A 1 58  ? -18.288 -3.081  3.090   1.00 16.45 ? 58  SER X CA  1 
ATOM   463  C  C   . SER A 1 58  ? -17.924 -1.688  2.594   1.00 15.95 ? 58  SER X C   1 
ATOM   464  O  O   . SER A 1 58  ? -16.886 -1.491  1.973   1.00 16.01 ? 58  SER X O   1 
ATOM   465  C  CB  . SER A 1 58  ? -17.173 -3.621  3.988   1.00 16.27 ? 58  SER X CB  1 
ATOM   466  O  OG  . SER A 1 58  ? -16.802 -2.663  4.958   1.00 15.62 ? 58  SER X OG  1 
ATOM   467  N  N   . GLU A 1 59  ? -18.764 -0.709  2.892   1.00 17.03 ? 59  GLU X N   1 
ATOM   468  C  CA  . GLU A 1 59  ? -18.463 0.642   2.441   1.00 16.91 ? 59  GLU X CA  1 
ATOM   469  C  C   . GLU A 1 59  ? -17.319 1.214   3.277   1.00 16.68 ? 59  GLU X C   1 
ATOM   470  O  O   . GLU A 1 59  ? -16.573 2.074   2.803   1.00 16.03 ? 59  GLU X O   1 
ATOM   471  C  CB  . GLU A 1 59  ? -19.700 1.538   2.496   1.00 18.16 ? 59  GLU X CB  1 
ATOM   472  C  CG  . GLU A 1 59  ? -20.835 1.100   1.554   1.00 20.46 ? 59  GLU X CG  1 
ATOM   473  C  CD  . GLU A 1 59  ? -20.455 1.081   0.076   1.00 23.83 ? 59  GLU X CD  1 
ATOM   474  O  OE1 . GLU A 1 59  ? -19.578 1.846   -0.362  1.00 23.02 ? 59  GLU X OE1 1 
ATOM   475  O  OE2 . GLU A 1 59  ? -21.066 0.293   -0.683  1.00 28.45 ? 59  GLU X OE2 1 
ATOM   476  N  N   . ASP A 1 60  ? -17.176 0.739   4.514   1.00 15.94 ? 60  ASP X N   1 
ATOM   477  C  CA  . ASP A 1 60  ? -16.125 1.259   5.385   1.00 15.44 ? 60  ASP X CA  1 
ATOM   478  C  C   . ASP A 1 60  ? -14.763 0.746   4.917   1.00 14.79 ? 60  ASP X C   1 
ATOM   479  O  O   . ASP A 1 60  ? -13.761 1.449   5.036   1.00 13.81 ? 60  ASP X O   1 
ATOM   480  C  CB  . ASP A 1 60  ? -16.362 0.873   6.842   1.00 16.48 ? 60  ASP X CB  1 
ATOM   481  C  CG  . ASP A 1 60  ? -15.548 1.712   7.788   1.00 19.97 ? 60  ASP X CG  1 
ATOM   482  O  OD1 . ASP A 1 60  ? -15.620 2.950   7.676   1.00 21.79 ? 60  ASP X OD1 1 
ATOM   483  O  OD2 . ASP A 1 60  ? -14.830 1.140   8.629   1.00 24.09 ? 60  ASP X OD2 1 
ATOM   484  N  N   . LEU A 1 61  ? -14.738 -0.471  4.348   1.00 13.56 ? 61  LEU X N   1 
ATOM   485  C  CA  . LEU A 1 61  ? -13.491 -1.026  3.794   1.00 13.91 ? 61  LEU X CA  1 
ATOM   486  C  C   . LEU A 1 61  ? -13.013 -0.196  2.601   1.00 13.07 ? 61  LEU X C   1 
ATOM   487  O  O   . LEU A 1 61  ? -11.836 0.094   2.466   1.00 14.21 ? 61  LEU X O   1 
ATOM   488  C  CB  . LEU A 1 61  ? -13.672 -2.511  3.423   1.00 13.50 ? 61  LEU X CB  1 
ATOM   489  C  CG  . LEU A 1 61  ? -12.425 -3.270  2.905   1.00 14.39 ? 61  LEU X CG  1 
ATOM   490  C  CD1 . LEU A 1 61  ? -12.545 -4.785  3.124   1.00 17.90 ? 61  LEU X CD1 1 
ATOM   491  C  CD2 . LEU A 1 61  ? -12.158 -3.010  1.438   1.00 18.95 ? 61  LEU X CD2 1 
ATOM   492  N  N   . LYS A 1 62  ? -13.938 0.182   1.727   1.00 13.87 ? 62  LYS X N   1 
ATOM   493  C  CA  . LYS A 1 62  ? -13.626 1.041   0.609   1.00 12.97 ? 62  LYS X CA  1 
ATOM   494  C  C   . LYS A 1 62  ? -13.138 2.396   1.114   1.00 12.77 ? 62  LYS X C   1 
ATOM   495  O  O   . LYS A 1 62  ? -12.150 2.937   0.612   1.00 12.07 ? 62  LYS X O   1 
ATOM   496  C  CB  . LYS A 1 62  ? -14.873 1.199   -0.250  1.00 14.75 ? 62  LYS X CB  1 
ATOM   497  C  CG  . LYS A 1 62  ? -14.718 2.213   -1.304  1.00 16.07 ? 62  LYS X CG  1 
ATOM   498  C  CD  . LYS A 1 62  ? -16.042 2.443   -2.040  1.00 22.16 ? 62  LYS X CD  1 
ATOM   499  C  CE  . LYS A 1 62  ? -16.370 1.332   -3.000  1.00 25.18 ? 62  LYS X CE  1 
ATOM   500  N  NZ  . LYS A 1 62  ? -17.512 1.761   -3.880  1.00 25.05 ? 62  LYS X NZ  1 
ATOM   501  N  N   . LYS A 1 63  ? -13.820 2.921   2.132   1.00 11.98 ? 63  LYS X N   1 
ATOM   502  C  CA  . LYS A 1 63  ? -13.413 4.167   2.750   1.00 11.79 ? 63  LYS X CA  1 
ATOM   503  C  C   . LYS A 1 63  ? -11.955 4.085   3.241   1.00 11.89 ? 63  LYS X C   1 
ATOM   504  O  O   . LYS A 1 63  ? -11.111 4.948   2.912   1.00 11.25 ? 63  LYS X O   1 
ATOM   505  C  CB  . LYS A 1 63  ? -14.323 4.510   3.920   1.00 12.15 ? 63  LYS X CB  1 
ATOM   506  C  CG  . LYS A 1 63  ? -14.020 5.866   4.534   1.00 14.27 ? 63  LYS X CG  1 
ATOM   507  C  CD  . LYS A 1 63  ? -14.937 6.044   5.732   1.00 15.87 ? 63  LYS X CD  1 
ATOM   508  C  CE  . LYS A 1 63  ? -14.737 7.371   6.410   1.00 15.89 ? 63  LYS X CE  1 
ATOM   509  N  NZ  . LYS A 1 63  ? -15.714 7.457   7.547   1.00 18.67 ? 63  LYS X NZ  1 
ATOM   510  N  N   . HIS A 1 64  ? -11.652 3.037   3.998   1.00 11.40 ? 64  HIS X N   1 
ATOM   511  C  CA  . HIS A 1 64  ? -10.275 2.848   4.454   1.00 11.16 ? 64  HIS X CA  1 
ATOM   512  C  C   . HIS A 1 64  ? -9.290  2.716   3.281   1.00 11.25 ? 64  HIS X C   1 
ATOM   513  O  O   . HIS A 1 64  ? -8.179  3.244   3.337   1.00 11.38 ? 64  HIS X O   1 
ATOM   514  C  CB  . HIS A 1 64  ? -10.150 1.696   5.450   1.00 11.44 ? 64  HIS X CB  1 
ATOM   515  C  CG  . HIS A 1 64  ? -8.817  1.676   6.121   1.00 12.43 ? 64  HIS X CG  1 
ATOM   516  N  ND1 . HIS A 1 64  ? -8.434  2.636   7.042   1.00 13.33 ? 64  HIS X ND1 1 
ATOM   517  C  CD2 . HIS A 1 64  ? -7.743  0.878   5.932   1.00 14.79 ? 64  HIS X CD2 1 
ATOM   518  C  CE1 . HIS A 1 64  ? -7.191  2.391   7.425   1.00 14.68 ? 64  HIS X CE1 1 
ATOM   519  N  NE2 . HIS A 1 64  ? -6.743  1.341   6.754   1.00 12.65 ? 64  HIS X NE2 1 
ATOM   520  N  N   . GLY A 1 65  ? -9.701  2.039   2.211   1.00 11.35 ? 65  GLY X N   1 
ATOM   521  C  CA  . GLY A 1 65  ? -8.824  1.895   1.026   1.00 11.62 ? 65  GLY X CA  1 
ATOM   522  C  C   . GLY A 1 65  ? -8.436  3.264   0.455   1.00 11.59 ? 65  GLY X C   1 
ATOM   523  O  O   . GLY A 1 65  ? -7.294  3.498   0.071   1.00 11.88 ? 65  GLY X O   1 
ATOM   524  N  N   . THR A 1 66  ? -9.404  4.162   0.383   1.00 11.47 ? 66  THR X N   1 
ATOM   525  C  CA  . THR A 1 66  ? -9.155  5.534   -0.033  1.00 11.51 ? 66  THR X CA  1 
ATOM   526  C  C   . THR A 1 66  ? -8.154  6.223   0.909   1.00 10.83 ? 66  THR X C   1 
ATOM   527  O  O   . THR A 1 66  ? -7.252  6.893   0.449   1.00 10.94 ? 66  THR X O   1 
ATOM   528  C  CB  . THR A 1 66  ? -10.446 6.368   -0.094  1.00 12.37 ? 66  THR X CB  1 
ATOM   529  O  OG1 . THR A 1 66  ? -11.339 5.744   -1.033  1.00 15.74 ? 66  THR X OG1 1 
ATOM   530  C  CG2 . THR A 1 66  ? -10.114 7.802   -0.569  1.00 13.00 ? 66  THR X CG2 1 
ATOM   531  N  N   . VAL A 1 67  ? -8.325  6.069   2.226   1.00 11.21 ? 67  VAL X N   1 
ATOM   532  C  CA  . VAL A 1 67  ? -7.384  6.693   3.184   1.00 10.77 ? 67  VAL X CA  1 
ATOM   533  C  C   . VAL A 1 67  ? -5.956  6.168   2.927   1.00 11.39 ? 67  VAL X C   1 
ATOM   534  O  O   . VAL A 1 67  ? -4.961  6.918   2.804   1.00 10.96 ? 67  VAL X O   1 
ATOM   535  C  CB  . VAL A 1 67  ? -7.865  6.414   4.625   1.00 11.58 ? 67  VAL X CB  1 
ATOM   536  C  CG1 . VAL A 1 67  ? -6.791  6.785   5.651   1.00 11.88 ? 67  VAL X CG1 1 
ATOM   537  C  CG2 . VAL A 1 67  ? -9.120  7.240   4.892   1.00 8.99  ? 67  VAL X CG2 1 
ATOM   538  N  N   . VAL A 1 68  ? -5.877  4.851   2.821   1.00 10.68 ? 68  VAL X N   1 
ATOM   539  C  CA  . VAL A 1 68  ? -4.588  4.186   2.577   1.00 10.54 ? 68  VAL X CA  1 
ATOM   540  C  C   . VAL A 1 68  ? -3.877  4.666   1.309   1.00 10.39 ? 68  VAL X C   1 
ATOM   541  O  O   . VAL A 1 68  ? -2.732  5.137   1.359   1.00 9.26  ? 68  VAL X O   1 
ATOM   542  C  CB  . VAL A 1 68  ? -4.768  2.665   2.600   1.00 11.14 ? 68  VAL X CB  1 
ATOM   543  C  CG1 . VAL A 1 68  ? -3.472  1.983   2.153   1.00 11.97 ? 68  VAL X CG1 1 
ATOM   544  C  CG2 . VAL A 1 68  ? -5.208  2.255   4.004   1.00 10.04 ? 68  VAL X CG2 1 
ATOM   545  N  N   . LEU A 1 69  ? -4.550  4.542   0.166   1.00 10.49 ? 69  LEU X N   1 
ATOM   546  C  CA  . LEU A 1 69  ? -3.900  4.893   -1.085  1.00 11.04 ? 69  LEU X CA  1 
ATOM   547  C  C   . LEU A 1 69  ? -3.687  6.397   -1.202  1.00 10.65 ? 69  LEU X C   1 
ATOM   548  O  O   . LEU A 1 69  ? -2.718  6.844   -1.833  1.00 11.30 ? 69  LEU X O   1 
ATOM   549  C  CB  . LEU A 1 69  ? -4.648  4.313   -2.305  1.00 11.70 ? 69  LEU X CB  1 
ATOM   550  C  CG  . LEU A 1 69  ? -4.629  2.769   -2.404  1.00 12.98 ? 69  LEU X CG  1 
ATOM   551  C  CD1 . LEU A 1 69  ? -5.214  2.317   -3.761  1.00 12.10 ? 69  LEU X CD1 1 
ATOM   552  C  CD2 . LEU A 1 69  ? -3.223  2.177   -2.168  1.00 13.12 ? 69  LEU X CD2 1 
ATOM   553  N  N   . THR A 1 70  ? -4.570  7.197   -0.599  1.00 10.10 ? 70  THR X N   1 
ATOM   554  C  CA  . THR A 1 70  ? -4.318  8.646   -0.560  1.00 10.34 ? 70  THR X CA  1 
ATOM   555  C  C   . THR A 1 70  ? -3.008  8.951   0.168   1.00 9.98  ? 70  THR X C   1 
ATOM   556  O  O   . THR A 1 70  ? -2.194  9.766   -0.303  1.00 9.56  ? 70  THR X O   1 
ATOM   557  C  CB  . THR A 1 70  ? -5.497  9.420   0.056   1.00 10.18 ? 70  THR X CB  1 
ATOM   558  O  OG1 . THR A 1 70  ? -6.645  9.226   -0.785  1.00 10.52 ? 70  THR X OG1 1 
ATOM   559  C  CG2 . THR A 1 70  ? -5.160  10.930  0.137   1.00 12.60 ? 70  THR X CG2 1 
ATOM   560  N  N   . ALA A 1 71  ? -2.786  8.285   1.299   1.00 10.57 ? 71  ALA X N   1 
ATOM   561  C  CA  . ALA A 1 71  ? -1.551  8.499   2.065   1.00 11.22 ? 71  ALA X CA  1 
ATOM   562  C  C   . ALA A 1 71  ? -0.320  8.074   1.220   1.00 10.58 ? 71  ALA X C   1 
ATOM   563  O  O   . ALA A 1 71  ? 0.673   8.796   1.118   1.00 11.54 ? 71  ALA X O   1 
ATOM   564  C  CB  . ALA A 1 71  ? -1.599  7.723   3.350   1.00 10.73 ? 71  ALA X CB  1 
ATOM   565  N  N   . LEU A 1 72  ? -0.414  6.906   0.602   1.00 10.12 ? 72  LEU X N   1 
ATOM   566  C  CA  . LEU A 1 72  ? 0.672   6.371   -0.206  1.00 10.46 ? 72  LEU X CA  1 
ATOM   567  C  C   . LEU A 1 72  ? 0.963   7.299   -1.387  1.00 9.61  ? 72  LEU X C   1 
ATOM   568  O  O   . LEU A 1 72  ? 2.122   7.508   -1.720  1.00 10.72 ? 72  LEU X O   1 
ATOM   569  C  CB  . LEU A 1 72  ? 0.320   4.955   -0.704  1.00 10.33 ? 72  LEU X CB  1 
ATOM   570  C  CG  . LEU A 1 72  ? 1.406   4.285   -1.568  1.00 12.27 ? 72  LEU X CG  1 
ATOM   571  C  CD1 . LEU A 1 72  ? 2.765   4.238   -0.836  1.00 12.59 ? 72  LEU X CD1 1 
ATOM   572  C  CD2 . LEU A 1 72  ? 1.003   2.866   -2.015  1.00 10.81 ? 72  LEU X CD2 1 
ATOM   573  N  N   . GLY A 1 73  ? -0.078  7.823   -2.033  1.00 9.35  ? 73  GLY X N   1 
ATOM   574  C  CA  . GLY A 1 73  ? 0.077   8.731   -3.187  1.00 10.56 ? 73  GLY X CA  1 
ATOM   575  C  C   . GLY A 1 73  ? 0.818   9.991   -2.771  1.00 11.33 ? 73  GLY X C   1 
ATOM   576  O  O   . GLY A 1 73  ? 1.680   10.479  -3.493  1.00 11.84 ? 73  GLY X O   1 
ATOM   577  N  N   . GLY A 1 74  ? 0.465   10.515  -1.598  1.00 12.05 ? 74  GLY X N   1 
ATOM   578  C  CA  . GLY A 1 74  ? 1.153   11.699  -1.056  1.00 11.69 ? 74  GLY X CA  1 
ATOM   579  C  C   . GLY A 1 74  ? 2.646   11.447  -0.961  1.00 12.62 ? 74  GLY X C   1 
ATOM   580  O  O   . GLY A 1 74  ? 3.492   12.264  -1.423  1.00 13.68 ? 74  GLY X O   1 
ATOM   581  N  N   . ILE A 1 75  ? 2.960   10.290  -0.387  1.00 12.07 ? 75  ILE X N   1 
ATOM   582  C  CA  . ILE A 1 75  ? 4.331   9.853   -0.199  1.00 11.27 ? 75  ILE X CA  1 
ATOM   583  C  C   . ILE A 1 75  ? 5.051   9.724   -1.562  1.00 10.86 ? 75  ILE X C   1 
ATOM   584  O  O   . ILE A 1 75  ? 6.145   10.285  -1.774  1.00 10.13 ? 75  ILE X O   1 
ATOM   585  C  CB  . ILE A 1 75  ? 4.350   8.545   0.626   1.00 11.29 ? 75  ILE X CB  1 
ATOM   586  C  CG1 . ILE A 1 75  ? 4.011   8.843   2.094   1.00 12.30 ? 75  ILE X CG1 1 
ATOM   587  C  CG2 . ILE A 1 75  ? 5.712   7.838   0.529   1.00 12.03 ? 75  ILE X CG2 1 
ATOM   588  C  CD1 . ILE A 1 75  ? 3.565   7.655   2.900   1.00 14.01 ? 75  ILE X CD1 1 
ATOM   589  N  N   . LEU A 1 76  ? 4.418   9.023   -2.507  1.00 12.16 ? 76  LEU X N   1 
ATOM   590  C  CA  . LEU A 1 76  ? 5.047   8.791   -3.825  1.00 11.87 ? 76  LEU X CA  1 
ATOM   591  C  C   . LEU A 1 76  ? 5.364   10.087  -4.573  1.00 11.89 ? 76  LEU X C   1 
ATOM   592  O  O   . LEU A 1 76  ? 6.407   10.205  -5.260  1.00 12.89 ? 76  LEU X O   1 
ATOM   593  C  CB  . LEU A 1 76  ? 4.175   7.900   -4.705  1.00 12.20 ? 76  LEU X CB  1 
ATOM   594  C  CG  . LEU A 1 76  ? 4.025   6.471   -4.167  1.00 11.42 ? 76  LEU X CG  1 
ATOM   595  C  CD1 . LEU A 1 76  ? 3.023   5.711   -5.024  1.00 13.26 ? 76  LEU X CD1 1 
ATOM   596  C  CD2 . LEU A 1 76  ? 5.401   5.742   -4.097  1.00 12.26 ? 76  LEU X CD2 1 
ATOM   597  N  N   . LYS A 1 77  ? 4.450   11.053  -4.471  1.00 12.05 ? 77  LYS X N   1 
ATOM   598  C  CA  . LYS A 1 77  ? 4.617   12.326  -5.174  1.00 13.57 ? 77  LYS X CA  1 
ATOM   599  C  C   . LYS A 1 77  ? 5.805   13.130  -4.604  1.00 12.98 ? 77  LYS X C   1 
ATOM   600  O  O   . LYS A 1 77  ? 6.257   14.066  -5.217  1.00 14.27 ? 77  LYS X O   1 
ATOM   601  C  CB  . LYS A 1 77  ? 3.316   13.132  -5.178  1.00 14.53 ? 77  LYS X CB  1 
ATOM   602  C  CG  . LYS A 1 77  ? 2.216   12.456  -5.992  1.00 15.84 ? 77  LYS X CG  1 
ATOM   603  C  CD  . LYS A 1 77  ? 0.953   13.287  -6.082  1.00 21.00 ? 77  LYS X CD  1 
ATOM   604  C  CE  . LYS A 1 77  ? -0.128  12.581  -6.906  1.00 21.69 ? 77  LYS X CE  1 
ATOM   605  N  NZ  . LYS A 1 77  ? 0.375   12.212  -8.272  1.00 27.36 ? 77  LYS X NZ  1 
ATOM   606  N  N   . LYS A 1 78  ? 6.319   12.746  -3.434  1.00 12.26 ? 78  LYS X N   1 
ATOM   607  C  CA  . LYS A 1 78  ? 7.518   13.392  -2.887  1.00 13.25 ? 78  LYS X CA  1 
ATOM   608  C  C   . LYS A 1 78  ? 8.801   12.829  -3.494  1.00 12.88 ? 78  LYS X C   1 
ATOM   609  O  O   . LYS A 1 78  ? 9.906   13.345  -3.251  1.00 13.54 ? 78  LYS X O   1 
ATOM   610  C  CB  . LYS A 1 78  ? 7.559   13.262  -1.370  1.00 13.28 ? 78  LYS X CB  1 
ATOM   611  C  CG  . LYS A 1 78  ? 6.525   14.131  -0.637  1.00 16.69 ? 78  LYS X CG  1 
ATOM   612  C  CD  . LYS A 1 78  ? 6.575   15.601  -1.045  1.00 22.13 ? 78  LYS X CD  1 
ATOM   613  C  CE  . LYS A 1 78  ? 7.831   16.316  -0.600  1.00 26.09 ? 78  LYS X CE  1 
ATOM   614  N  NZ  . LYS A 1 78  ? 7.998   16.335  0.879   1.00 29.67 ? 78  LYS X NZ  1 
ATOM   615  N  N   . LYS A 1 79  ? 8.669   11.751  -4.264  1.00 11.84 ? 79  LYS X N   1 
ATOM   616  C  CA  . LYS A 1 79  ? 9.815   11.186  -4.987  1.00 13.28 ? 79  LYS X CA  1 
ATOM   617  C  C   . LYS A 1 79  ? 11.005  10.952  -4.039  1.00 13.39 ? 79  LYS X C   1 
ATOM   618  O  O   . LYS A 1 79  ? 12.137  11.387  -4.311  1.00 14.70 ? 79  LYS X O   1 
ATOM   619  C  CB  . LYS A 1 79  ? 10.227  12.084  -6.167  1.00 12.02 ? 79  LYS X CB  1 
ATOM   620  C  CG  . LYS A 1 79  ? 9.102   12.368  -7.198  1.00 12.37 ? 79  LYS X CG  1 
ATOM   621  C  CD  . LYS A 1 79  ? 9.606   13.002  -8.496  1.00 14.97 ? 79  LYS X CD  1 
ATOM   622  C  CE  . LYS A 1 79  ? 10.294  14.321  -8.299  1.00 19.21 ? 79  LYS X CE  1 
ATOM   623  N  NZ  . LYS A 1 79  ? 10.896  14.724  -9.620  1.00 17.22 ? 79  LYS X NZ  1 
ATOM   624  N  N   . GLY A 1 80  ? 10.739  10.280  -2.924  1.00 13.66 ? 80  GLY X N   1 
ATOM   625  C  CA  . GLY A 1 80  ? 11.805  9.887   -2.007  1.00 14.46 ? 80  GLY X CA  1 
ATOM   626  C  C   . GLY A 1 80  ? 12.075  10.917  -0.921  1.00 14.87 ? 80  GLY X C   1 
ATOM   627  O  O   . GLY A 1 80  ? 12.650  10.572  0.119   1.00 15.54 ? 80  GLY X O   1 
ATOM   628  N  N   . HIS A 1 81  ? 11.659  12.168  -1.142  1.00 14.96 ? 81  HIS X N   1 
ATOM   629  C  CA  . HIS A 1 81  ? 11.827  13.230  -0.152  1.00 15.73 ? 81  HIS X CA  1 
ATOM   630  C  C   . HIS A 1 81  ? 10.643  13.244  0.823   1.00 14.37 ? 81  HIS X C   1 
ATOM   631  O  O   . HIS A 1 81  ? 9.952   14.246  0.954   1.00 14.24 ? 81  HIS X O   1 
ATOM   632  C  CB  . HIS A 1 81  ? 12.006  14.583  -0.842  1.00 16.97 ? 81  HIS X CB  1 
ATOM   633  C  CG  . HIS A 1 81  ? 13.265  14.669  -1.630  1.00 21.67 ? 81  HIS X CG  1 
ATOM   634  N  ND1 . HIS A 1 81  ? 13.303  14.456  -2.992  1.00 26.78 ? 81  HIS X ND1 1 
ATOM   635  C  CD2 . HIS A 1 81  ? 14.547  14.864  -1.243  1.00 25.92 ? 81  HIS X CD2 1 
ATOM   636  C  CE1 . HIS A 1 81  ? 14.550  14.566  -3.418  1.00 27.34 ? 81  HIS X CE1 1 
ATOM   637  N  NE2 . HIS A 1 81  ? 15.324  14.811  -2.375  1.00 28.19 ? 81  HIS X NE2 1 
ATOM   638  N  N   . HIS A 1 82  ? 10.429  12.108  1.489   1.00 13.91 ? 82  HIS X N   1 
ATOM   639  C  CA  . HIS A 1 82  ? 9.167   11.854  2.202   1.00 13.93 ? 82  HIS X CA  1 
ATOM   640  C  C   . HIS A 1 82  ? 9.320   11.665  3.723   1.00 14.55 ? 82  HIS X C   1 
ATOM   641  O  O   . HIS A 1 82  ? 8.420   11.105  4.363   1.00 13.90 ? 82  HIS X O   1 
ATOM   642  C  CB  . HIS A 1 82  ? 8.455   10.628  1.598   1.00 14.23 ? 82  HIS X CB  1 
ATOM   643  C  CG  . HIS A 1 82  ? 9.308   9.398   1.554   1.00 12.30 ? 82  HIS X CG  1 
ATOM   644  N  ND1 . HIS A 1 82  ? 9.310   8.525   0.484   1.00 12.79 ? 82  HIS X ND1 1 
ATOM   645  C  CD2 . HIS A 1 82  ? 10.223  8.916   2.431   1.00 13.86 ? 82  HIS X CD2 1 
ATOM   646  C  CE1 . HIS A 1 82  ? 10.170  7.547   0.710   1.00 14.45 ? 82  HIS X CE1 1 
ATOM   647  N  NE2 . HIS A 1 82  ? 10.732  7.752   1.890   1.00 12.20 ? 82  HIS X NE2 1 
ATOM   648  N  N   . GLU A 1 83  ? 10.442  12.107  4.297   1.00 14.71 ? 83  GLU X N   1 
ATOM   649  C  CA  . GLU A 1 83  ? 10.663  11.960  5.752   1.00 15.05 ? 83  GLU X CA  1 
ATOM   650  C  C   . GLU A 1 83  ? 9.466   12.415  6.612   1.00 14.85 ? 83  GLU X C   1 
ATOM   651  O  O   . GLU A 1 83  ? 8.981   11.653  7.452   1.00 14.42 ? 83  GLU X O   1 
ATOM   652  C  CB  . GLU A 1 83  ? 11.952  12.685  6.174   1.00 16.00 ? 83  GLU X CB  1 
ATOM   653  C  CG  . GLU A 1 83  ? 12.135  12.847  7.696   1.00 18.26 ? 83  GLU X CG  1 
ATOM   654  C  CD  . GLU A 1 83  ? 12.432  11.531  8.431   1.00 24.42 ? 83  GLU X CD  1 
ATOM   655  O  OE1 . GLU A 1 83  ? 12.936  10.580  7.786   1.00 27.61 ? 83  GLU X OE1 1 
ATOM   656  O  OE2 . GLU A 1 83  ? 12.169  11.444  9.659   1.00 23.75 ? 83  GLU X OE2 1 
ATOM   657  N  N   . ALA A 1 84  ? 8.977   13.633  6.383   1.00 14.17 ? 84  ALA X N   1 
ATOM   658  C  CA  . ALA A 1 84  ? 7.860   14.196  7.175   1.00 14.08 ? 84  ALA X CA  1 
ATOM   659  C  C   . ALA A 1 84  ? 6.567   13.388  7.021   1.00 14.58 ? 84  ALA X C   1 
ATOM   660  O  O   . ALA A 1 84  ? 5.794   13.209  7.979   1.00 14.08 ? 84  ALA X O   1 
ATOM   661  C  CB  . ALA A 1 84  ? 7.638   15.672  6.833   1.00 15.87 ? 84  ALA X CB  1 
ATOM   662  N  N   . GLU A 1 85  ? 6.334   12.890  5.819   1.00 13.96 ? 85  GLU X N   1 
ATOM   663  C  CA  . GLU A 1 85  ? 5.135   12.120  5.520   1.00 15.10 ? 85  GLU X CA  1 
ATOM   664  C  C   . GLU A 1 85  ? 5.235   10.706  6.083   1.00 15.12 ? 85  GLU X C   1 
ATOM   665  O  O   . GLU A 1 85  ? 4.237   10.119  6.516   1.00 15.35 ? 85  GLU X O   1 
ATOM   666  C  CB  . GLU A 1 85  ? 4.906   12.016  4.011   1.00 15.04 ? 85  GLU X CB  1 
ATOM   667  C  CG  . GLU A 1 85  ? 4.486   13.312  3.285   1.00 16.84 ? 85  GLU X CG  1 
ATOM   668  C  CD  . GLU A 1 85  ? 5.653   14.282  2.999   1.00 18.52 ? 85  GLU X CD  1 
ATOM   669  O  OE1 . GLU A 1 85  ? 6.823   13.926  3.245   1.00 16.01 ? 85  GLU X OE1 1 
ATOM   670  O  OE2 . GLU A 1 85  ? 5.376   15.413  2.542   1.00 21.87 ? 85  GLU X OE2 1 
ATOM   671  N  N   . LEU A 1 86  ? 6.435   10.141  6.025   1.00 15.66 ? 86  LEU X N   1 
ATOM   672  C  CA  . LEU A 1 86  ? 6.596   8.714   6.312   1.00 16.70 ? 86  LEU X CA  1 
ATOM   673  C  C   . LEU A 1 86  ? 6.742   8.487   7.829   1.00 17.19 ? 86  LEU X C   1 
ATOM   674  O  O   . LEU A 1 86  ? 6.118   7.575   8.385   1.00 16.68 ? 86  LEU X O   1 
ATOM   675  C  CB  . LEU A 1 86  ? 7.761   8.143   5.498   1.00 17.01 ? 86  LEU X CB  1 
ATOM   676  C  CG  . LEU A 1 86  ? 8.067   6.644   5.525   1.00 19.76 ? 86  LEU X CG  1 
ATOM   677  C  CD1 . LEU A 1 86  ? 8.580   6.198   4.190   1.00 19.08 ? 86  LEU X CD1 1 
ATOM   678  C  CD2 . LEU A 1 86  ? 9.093   6.289   6.610   1.00 21.85 ? 86  LEU X CD2 1 
ATOM   679  N  N   . LYS A 1 87  ? 7.499   9.358   8.508   1.00 17.67 ? 87  LYS X N   1 
ATOM   680  C  CA  . LYS A 1 87  ? 7.743   9.223   9.960   1.00 18.40 ? 87  LYS X CA  1 
ATOM   681  C  C   . LYS A 1 87  ? 6.508   8.910   10.835  1.00 17.52 ? 87  LYS X C   1 
ATOM   682  O  O   . LYS A 1 87  ? 6.512   7.897   11.549  1.00 17.74 ? 87  LYS X O   1 
ATOM   683  C  CB  . LYS A 1 87  ? 8.483   10.446  10.519  1.00 18.74 ? 87  LYS X CB  1 
ATOM   684  C  CG  . LYS A 1 87  ? 9.026   10.242  11.933  1.00 20.74 ? 87  LYS X CG  1 
ATOM   685  C  CD  . LYS A 1 87  ? 9.603   11.534  12.513  1.00 21.15 ? 87  LYS X CD  1 
ATOM   686  C  CE  . LYS A 1 87  ? 10.128  11.278  13.922  1.00 24.56 ? 87  LYS X CE  1 
ATOM   687  N  NZ  . LYS A 1 87  ? 10.900  12.444  14.433  1.00 27.96 ? 87  LYS X NZ  1 
ATOM   688  N  N   . PRO A 1 88  ? 5.447   9.740   10.770  1.00 16.68 ? 88  PRO X N   1 
ATOM   689  C  CA  . PRO A 1 88  ? 4.235   9.514   11.583  1.00 15.80 ? 88  PRO X CA  1 
ATOM   690  C  C   . PRO A 1 88  ? 3.558   8.163   11.271  1.00 15.01 ? 88  PRO X C   1 
ATOM   691  O  O   . PRO A 1 88  ? 3.017   7.499   12.175  1.00 14.68 ? 88  PRO X O   1 
ATOM   692  C  CB  . PRO A 1 88  ? 3.312   10.681  11.181  1.00 16.53 ? 88  PRO X CB  1 
ATOM   693  C  CG  . PRO A 1 88  ? 3.830   11.139  9.809   1.00 15.88 ? 88  PRO X CG  1 
ATOM   694  C  CD  . PRO A 1 88  ? 5.307   10.935  9.904   1.00 18.17 ? 88  PRO X CD  1 
ATOM   695  N  N   . LEU A 1 89  ? 3.590   7.769   10.004  1.00 14.63 ? 89  LEU X N   1 
ATOM   696  C  CA  . LEU A 1 89  ? 3.027   6.480   9.598   1.00 14.51 ? 89  LEU X CA  1 
ATOM   697  C  C   . LEU A 1 89  ? 3.849   5.329   10.157  1.00 13.66 ? 89  LEU X C   1 
ATOM   698  O  O   . LEU A 1 89  ? 3.284   4.384   10.704  1.00 13.06 ? 89  LEU X O   1 
ATOM   699  C  CB  . LEU A 1 89  ? 2.903   6.363   8.085   1.00 15.61 ? 89  LEU X CB  1 
ATOM   700  C  CG  . LEU A 1 89  ? 1.680   7.127   7.552   1.00 18.11 ? 89  LEU X CG  1 
ATOM   701  C  CD1 . LEU A 1 89  ? 1.687   7.064   6.053   1.00 20.37 ? 89  LEU X CD1 1 
ATOM   702  C  CD2 . LEU A 1 89  ? 0.343   6.604   8.115   1.00 21.01 ? 89  LEU X CD2 1 
ATOM   703  N  N   . ALA A 1 90  ? 5.176   5.398   9.986   1.00 13.35 ? 90  ALA X N   1 
ATOM   704  C  CA  . ALA A 1 90  ? 6.074   4.428   10.606  1.00 14.22 ? 90  ALA X CA  1 
ATOM   705  C  C   . ALA A 1 90  ? 5.768   4.321   12.107  1.00 14.07 ? 90  ALA X C   1 
ATOM   706  O  O   . ALA A 1 90  ? 5.603   3.224   12.653  1.00 14.59 ? 90  ALA X O   1 
ATOM   707  C  CB  . ALA A 1 90  ? 7.547   4.812   10.364  1.00 14.51 ? 90  ALA X CB  1 
ATOM   708  N  N   . GLN A 1 91  ? 5.657   5.469   12.774  1.00 14.39 ? 91  GLN X N   1 
ATOM   709  C  CA  . GLN A 1 91  ? 5.465   5.452   14.214  1.00 15.78 ? 91  GLN X CA  1 
ATOM   710  C  C   . GLN A 1 91  ? 4.073   4.909   14.624  1.00 14.23 ? 91  GLN X C   1 
ATOM   711  O  O   . GLN A 1 91  ? 3.973   4.108   15.580  1.00 14.48 ? 91  GLN X O   1 
ATOM   712  C  CB  . GLN A 1 91  ? 5.846   6.808   14.836  1.00 15.18 ? 91  GLN X CB  1 
ATOM   713  C  CG  . GLN A 1 91  ? 7.371   7.077   14.661  1.00 18.60 ? 91  GLN X CG  1 
ATOM   714  C  CD  . GLN A 1 91  ? 7.881   8.355   15.320  1.00 19.66 ? 91  GLN X CD  1 
ATOM   715  O  OE1 . GLN A 1 91  ? 7.145   9.333   15.474  1.00 24.61 ? 91  GLN X OE1 1 
ATOM   716  N  NE2 . GLN A 1 91  ? 9.166   8.349   15.696  1.00 24.18 ? 91  GLN X NE2 1 
ATOM   717  N  N   . SER A 1 92  ? 3.008   5.259   13.887  1.00 13.31 ? 92  SER X N   1 
ATOM   718  C  CA  . SER A 1 92  ? 1.692   4.771   14.304  1.00 13.28 ? 92  SER X CA  1 
ATOM   719  C  C   . SER A 1 92  ? 1.589   3.286   14.021  1.00 13.07 ? 92  SER X C   1 
ATOM   720  O  O   . SER A 1 92  ? 0.970   2.537   14.781  1.00 13.08 ? 92  SER X O   1 
ATOM   721  C  CB  . SER A 1 92  ? 0.543   5.527   13.630  1.00 14.14 ? 92  SER X CB  1 
ATOM   722  O  OG  . SER A 1 92  ? 0.538   5.312   12.238  1.00 14.17 ? 92  SER X OG  1 
ATOM   723  N  N   . HIS A 1 93  ? 2.205   2.860   12.919  1.00 12.42 ? 93  HIS X N   1 
ATOM   724  C  CA  . HIS A 1 93  ? 2.132   1.451   12.555  1.00 12.90 ? 93  HIS X CA  1 
ATOM   725  C  C   . HIS A 1 93  ? 2.952   0.535   13.469  1.00 13.51 ? 93  HIS X C   1 
ATOM   726  O  O   . HIS A 1 93  ? 2.497   -0.559  13.841  1.00 13.83 ? 93  HIS X O   1 
ATOM   727  C  CB  . HIS A 1 93  ? 2.425   1.297   11.078  1.00 13.00 ? 93  HIS X CB  1 
ATOM   728  C  CG  . HIS A 1 93  ? 1.279   1.747   10.226  1.00 12.52 ? 93  HIS X CG  1 
ATOM   729  N  ND1 . HIS A 1 93  ? 0.778   3.042   10.260  1.00 10.39 ? 93  HIS X ND1 1 
ATOM   730  C  CD2 . HIS A 1 93  ? 0.485   1.058   9.369   1.00 12.64 ? 93  HIS X CD2 1 
ATOM   731  C  CE1 . HIS A 1 93  ? -0.259  3.126   9.445   1.00 11.27 ? 93  HIS X CE1 1 
ATOM   732  N  NE2 . HIS A 1 93  ? -0.450  1.941   8.889   1.00 10.92 ? 93  HIS X NE2 1 
ATOM   733  N  N   . ALA A 1 94  ? 4.118   1.007   13.887  1.00 13.06 ? 94  ALA X N   1 
ATOM   734  C  CA  . ALA A 1 94  ? 4.890   0.274   14.886  1.00 14.79 ? 94  ALA X CA  1 
ATOM   735  C  C   . ALA A 1 94  ? 4.214   0.340   16.269  1.00 15.94 ? 94  ALA X C   1 
ATOM   736  O  O   . ALA A 1 94  ? 3.954   -0.706  16.878  1.00 17.45 ? 94  ALA X O   1 
ATOM   737  C  CB  . ALA A 1 94  ? 6.333   0.790   14.947  1.00 14.11 ? 94  ALA X CB  1 
ATOM   738  N  N   . THR A 1 95  ? 3.895   1.546   16.741  1.00 16.33 ? 95  THR X N   1 
ATOM   739  C  CA  . THR A 1 95  ? 3.575   1.714   18.161  1.00 17.82 ? 95  THR X CA  1 
ATOM   740  C  C   . THR A 1 95  ? 2.116   1.489   18.489  1.00 18.04 ? 95  THR X C   1 
ATOM   741  O  O   . THR A 1 95  ? 1.805   0.891   19.521  1.00 18.55 ? 95  THR X O   1 
ATOM   742  C  CB  . THR A 1 95  ? 4.082   3.080   18.739  1.00 17.76 ? 95  THR X CB  1 
ATOM   743  O  OG1 . THR A 1 95  ? 5.431   3.321   18.299  1.00 20.31 ? 95  THR X OG1 1 
ATOM   744  C  CG2 . THR A 1 95  ? 4.071   3.049   20.272  1.00 20.10 ? 95  THR X CG2 1 
ATOM   745  N  N   . LYS A 1 96  ? 1.216   1.956   17.629  1.00 17.10 ? 96  LYS X N   1 
ATOM   746  C  CA  . LYS A 1 96  ? -0.214  1.841   17.924  1.00 17.67 ? 96  LYS X CA  1 
ATOM   747  C  C   . LYS A 1 96  ? -0.784  0.583   17.292  1.00 16.79 ? 96  LYS X C   1 
ATOM   748  O  O   . LYS A 1 96  ? -1.379  -0.244  17.993  1.00 17.90 ? 96  LYS X O   1 
ATOM   749  C  CB  . LYS A 1 96  ? -0.972  3.079   17.428  1.00 17.54 ? 96  LYS X CB  1 
ATOM   750  C  CG  . LYS A 1 96  ? -2.364  3.232   18.047  1.00 19.97 ? 96  LYS X CG  1 
ATOM   751  C  CD  . LYS A 1 96  ? -3.132  4.375   17.399  1.00 23.76 ? 96  LYS X CD  1 
ATOM   752  C  CE  . LYS A 1 96  ? -4.438  4.631   18.162  1.00 26.30 ? 96  LYS X CE  1 
ATOM   753  N  NZ  . LYS A 1 96  ? -5.343  3.427   18.171  1.00 29.12 ? 96  LYS X NZ  1 
ATOM   754  N  N   . HIS A 1 97  ? -0.571  0.434   15.979  1.00 15.63 ? 97  HIS X N   1 
ATOM   755  C  CA  . HIS A 1 97  ? -1.226  -0.618  15.207  1.00 15.00 ? 97  HIS X CA  1 
ATOM   756  C  C   . HIS A 1 97  ? -0.499  -1.944  15.259  1.00 15.32 ? 97  HIS X C   1 
ATOM   757  O  O   . HIS A 1 97  ? -1.103  -2.993  14.961  1.00 15.18 ? 97  HIS X O   1 
ATOM   758  C  CB  . HIS A 1 97  ? -1.435  -0.210  13.742  1.00 15.41 ? 97  HIS X CB  1 
ATOM   759  C  CG  . HIS A 1 97  ? -2.102  1.114   13.582  1.00 15.02 ? 97  HIS X CG  1 
ATOM   760  N  ND1 . HIS A 1 97  ? -3.236  1.474   14.285  1.00 17.19 ? 97  HIS X ND1 1 
ATOM   761  C  CD2 . HIS A 1 97  ? -1.808  2.159   12.776  1.00 16.45 ? 97  HIS X CD2 1 
ATOM   762  C  CE1 . HIS A 1 97  ? -3.593  2.694   13.935  1.00 16.16 ? 97  HIS X CE1 1 
ATOM   763  N  NE2 . HIS A 1 97  ? -2.752  3.125   13.012  1.00 14.27 ? 97  HIS X NE2 1 
ATOM   764  N  N   . LYS A 1 98  ? 0.792   -1.904  15.617  1.00 14.79 ? 98  LYS X N   1 
ATOM   765  C  CA  . LYS A 1 98  ? 1.628   -3.110  15.681  1.00 14.81 ? 98  LYS X CA  1 
ATOM   766  C  C   . LYS A 1 98  ? 1.651   -3.926  14.378  1.00 14.57 ? 98  LYS X C   1 
ATOM   767  O  O   . LYS A 1 98  ? 1.370   -5.133  14.381  1.00 14.91 ? 98  LYS X O   1 
ATOM   768  C  CB  . LYS A 1 98  ? 1.203   -4.027  16.847  1.00 16.07 ? 98  LYS X CB  1 
ATOM   769  C  CG  . LYS A 1 98  ? 0.712   -3.317  18.076  1.00 19.96 ? 98  LYS X CG  1 
ATOM   770  C  CD  . LYS A 1 98  ? 1.791   -2.554  18.793  1.00 26.10 ? 98  LYS X CD  1 
ATOM   771  C  CE  . LYS A 1 98  ? 1.423   -2.436  20.276  1.00 29.05 ? 98  LYS X CE  1 
ATOM   772  N  NZ  . LYS A 1 98  ? 2.394   -1.569  20.989  1.00 32.44 ? 98  LYS X NZ  1 
ATOM   773  N  N   . ILE A 1 99  ? 2.033   -3.273  13.288  1.00 13.75 ? 99  ILE X N   1 
ATOM   774  C  CA  . ILE A 1 99  ? 2.024   -3.906  11.979  1.00 13.29 ? 99  ILE X CA  1 
ATOM   775  C  C   . ILE A 1 99  ? 3.438   -4.374  11.644  1.00 13.22 ? 99  ILE X C   1 
ATOM   776  O  O   . ILE A 1 99  ? 4.332   -3.539  11.393  1.00 13.77 ? 99  ILE X O   1 
ATOM   777  C  CB  . ILE A 1 99  ? 1.505   -2.921  10.888  1.00 13.04 ? 99  ILE X CB  1 
ATOM   778  C  CG1 . ILE A 1 99  ? 0.117   -2.371  11.266  1.00 13.60 ? 99  ILE X CG1 1 
ATOM   779  C  CG2 . ILE A 1 99  ? 1.511   -3.573  9.543   1.00 11.41 ? 99  ILE X CG2 1 
ATOM   780  C  CD1 . ILE A 1 99  ? -0.892  -3.461  11.709  1.00 16.13 ? 99  ILE X CD1 1 
ATOM   781  N  N   . PRO A 1 100 ? 3.672   -5.695  11.645  1.00 13.58 ? 100 PRO X N   1 
ATOM   782  C  CA  . PRO A 1 100 ? 5.023   -6.147  11.286  1.00 14.09 ? 100 PRO X CA  1 
ATOM   783  C  C   . PRO A 1 100 ? 5.396   -5.705  9.867   1.00 14.09 ? 100 PRO X C   1 
ATOM   784  O  O   . PRO A 1 100 ? 4.520   -5.594  8.976   1.00 13.97 ? 100 PRO X O   1 
ATOM   785  C  CB  . PRO A 1 100 ? 4.932   -7.681  11.350  1.00 15.23 ? 100 PRO X CB  1 
ATOM   786  C  CG  . PRO A 1 100 ? 3.702   -8.014  12.017  1.00 15.53 ? 100 PRO X CG  1 
ATOM   787  C  CD  . PRO A 1 100 ? 2.768   -6.817  11.954  1.00 13.41 ? 100 PRO X CD  1 
ATOM   788  N  N   . ILE A 1 101 ? 6.685   -5.484  9.633   1.00 14.46 ? 101 ILE X N   1 
ATOM   789  C  CA  . ILE A 1 101 ? 7.129   -5.057  8.305   1.00 14.62 ? 101 ILE X CA  1 
ATOM   790  C  C   . ILE A 1 101 ? 6.719   -6.061  7.202   1.00 13.51 ? 101 ILE X C   1 
ATOM   791  O  O   . ILE A 1 101 ? 6.397   -5.660  6.087   1.00 14.06 ? 101 ILE X O   1 
ATOM   792  C  CB  . ILE A 1 101 ? 8.651   -4.702  8.272   1.00 15.44 ? 101 ILE X CB  1 
ATOM   793  C  CG1 . ILE A 1 101 ? 9.035   -3.989  6.973   1.00 15.88 ? 101 ILE X CG1 1 
ATOM   794  C  CG2 . ILE A 1 101 ? 9.540   -5.885  8.587   1.00 17.41 ? 101 ILE X CG2 1 
ATOM   795  C  CD1 . ILE A 1 101 ? 8.863   -2.461  7.061   1.00 20.45 ? 101 ILE X CD1 1 
ATOM   796  N  N   . LYS A 1 102 ? 6.667   -7.348  7.550   1.00 14.09 ? 102 LYS X N   1 
ATOM   797  C  CA  . LYS A 1 102 ? 6.145   -8.374  6.634   1.00 14.94 ? 102 LYS X CA  1 
ATOM   798  C  C   . LYS A 1 102 ? 4.778   -7.993  6.041   1.00 14.07 ? 102 LYS X C   1 
ATOM   799  O  O   . LYS A 1 102 ? 4.504   -8.289  4.864   1.00 13.55 ? 102 LYS X O   1 
ATOM   800  C  CB  . LYS A 1 102 ? 6.002   -9.726  7.347   1.00 15.20 ? 102 LYS X CB  1 
ATOM   801  C  CG  . LYS A 1 102 ? 5.819   -10.938 6.388   1.00 19.21 ? 102 LYS X CG  1 
ATOM   802  C  CD  . LYS A 1 102 ? 7.173   -11.450 5.894   1.00 23.65 ? 102 LYS X CD  1 
ATOM   803  C  CE  . LYS A 1 102 ? 7.017   -12.591 4.904   1.00 22.74 ? 102 LYS X CE  1 
ATOM   804  N  NZ  . LYS A 1 102 ? 8.151   -12.579 3.926   1.00 24.91 ? 102 LYS X NZ  1 
ATOM   805  N  N   . TYR A 1 103 ? 3.903   -7.401  6.856   1.00 13.07 ? 103 TYR X N   1 
ATOM   806  C  CA  . TYR A 1 103 ? 2.562   -7.038  6.336   1.00 13.88 ? 103 TYR X CA  1 
ATOM   807  C  C   . TYR A 1 103 ? 2.678   -5.916  5.317   1.00 13.75 ? 103 TYR X C   1 
ATOM   808  O  O   . TYR A 1 103 ? 1.869   -5.836  4.393   1.00 14.53 ? 103 TYR X O   1 
ATOM   809  C  CB  . TYR A 1 103 ? 1.597   -6.637  7.445   1.00 14.48 ? 103 TYR X CB  1 
ATOM   810  C  CG  . TYR A 1 103 ? 1.217   -7.766  8.399   1.00 13.97 ? 103 TYR X CG  1 
ATOM   811  C  CD1 . TYR A 1 103 ? 1.824   -9.033  8.323   1.00 15.81 ? 103 TYR X CD1 1 
ATOM   812  C  CD2 . TYR A 1 103 ? 0.262   -7.545  9.401   1.00 14.37 ? 103 TYR X CD2 1 
ATOM   813  C  CE1 . TYR A 1 103 ? 1.464   -10.060 9.240   1.00 15.43 ? 103 TYR X CE1 1 
ATOM   814  C  CE2 . TYR A 1 103 ? -0.088  -8.532  10.296  1.00 18.28 ? 103 TYR X CE2 1 
ATOM   815  C  CZ  . TYR A 1 103 ? 0.521   -9.782  10.219  1.00 16.27 ? 103 TYR X CZ  1 
ATOM   816  O  OH  . TYR A 1 103 ? 0.133   -10.743 11.138  1.00 17.32 ? 103 TYR X OH  1 
ATOM   817  N  N   . LEU A 1 104 ? 3.684   -5.051  5.481   1.00 13.04 ? 104 LEU X N   1 
ATOM   818  C  CA  . LEU A 1 104 ? 3.907   -4.009  4.462   1.00 12.90 ? 104 LEU X CA  1 
ATOM   819  C  C   . LEU A 1 104 ? 4.470   -4.590  3.157   1.00 13.26 ? 104 LEU X C   1 
ATOM   820  O  O   . LEU A 1 104 ? 4.189   -4.084  2.070   1.00 13.32 ? 104 LEU X O   1 
ATOM   821  C  CB  . LEU A 1 104 ? 4.778   -2.876  5.021   1.00 13.13 ? 104 LEU X CB  1 
ATOM   822  C  CG  . LEU A 1 104 ? 4.197   -2.270  6.317   1.00 14.91 ? 104 LEU X CG  1 
ATOM   823  C  CD1 . LEU A 1 104 ? 5.220   -1.320  6.941   1.00 18.10 ? 104 LEU X CD1 1 
ATOM   824  C  CD2 . LEU A 1 104 ? 2.859   -1.577  6.108   1.00 15.80 ? 104 LEU X CD2 1 
ATOM   825  N  N   . GLU A 1 105 ? 5.258   -5.661  3.262   1.00 12.71 ? 105 GLU X N   1 
ATOM   826  C  CA  . GLU A 1 105 ? 5.638   -6.445  2.086   1.00 12.84 ? 105 GLU X CA  1 
ATOM   827  C  C   . GLU A 1 105 ? 4.376   -7.022  1.440   1.00 12.53 ? 105 GLU X C   1 
ATOM   828  O  O   . GLU A 1 105 ? 4.170   -6.890  0.243   1.00 12.28 ? 105 GLU X O   1 
ATOM   829  C  CB  . GLU A 1 105 ? 6.567   -7.576  2.493   1.00 13.48 ? 105 GLU X CB  1 
ATOM   830  C  CG  . GLU A 1 105 ? 7.034   -8.438  1.341   1.00 15.21 ? 105 GLU X CG  1 
ATOM   831  C  CD  . GLU A 1 105 ? 7.796   -9.664  1.800   1.00 17.05 ? 105 GLU X CD  1 
ATOM   832  O  OE1 . GLU A 1 105 ? 7.908   -9.904  3.025   1.00 19.28 ? 105 GLU X OE1 1 
ATOM   833  O  OE2 . GLU A 1 105 ? 8.260   -10.402 0.927   1.00 21.50 ? 105 GLU X OE2 1 
ATOM   834  N  N   . PHE A 1 106 ? 3.528   -7.651  2.251   1.00 11.85 ? 106 PHE X N   1 
ATOM   835  C  CA  . PHE A 1 106 ? 2.274   -8.196  1.708   1.00 12.73 ? 106 PHE X CA  1 
ATOM   836  C  C   . PHE A 1 106 ? 1.481   -7.129  0.930   1.00 12.55 ? 106 PHE X C   1 
ATOM   837  O  O   . PHE A 1 106 ? 1.055   -7.359  -0.209  1.00 12.65 ? 106 PHE X O   1 
ATOM   838  C  CB  . PHE A 1 106 ? 1.378   -8.768  2.810   1.00 12.66 ? 106 PHE X CB  1 
ATOM   839  C  CG  . PHE A 1 106 ? 1.952   -9.963  3.534   1.00 13.58 ? 106 PHE X CG  1 
ATOM   840  C  CD1 . PHE A 1 106 ? 2.855   -10.810 2.898   1.00 14.70 ? 106 PHE X CD1 1 
ATOM   841  C  CD2 . PHE A 1 106 ? 1.518   -10.281 4.834   1.00 14.92 ? 106 PHE X CD2 1 
ATOM   842  C  CE1 . PHE A 1 106 ? 3.353   -11.945 3.561   1.00 17.30 ? 106 PHE X CE1 1 
ATOM   843  C  CE2 . PHE A 1 106 ? 2.008   -11.434 5.506   1.00 16.32 ? 106 PHE X CE2 1 
ATOM   844  C  CZ  . PHE A 1 106 ? 2.922   -12.244 4.863   1.00 16.10 ? 106 PHE X CZ  1 
ATOM   845  N  N   . ILE A 1 107 ? 1.243   -5.975  1.548   1.00 11.42 ? 107 ILE X N   1 
ATOM   846  C  CA  . ILE A 1 107 ? 0.398   -4.982  0.851   1.00 11.61 ? 107 ILE X CA  1 
ATOM   847  C  C   . ILE A 1 107 ? 1.071   -4.412  -0.415  1.00 11.19 ? 107 ILE X C   1 
ATOM   848  O  O   . ILE A 1 107 ? 0.385   -4.093  -1.386  1.00 12.40 ? 107 ILE X O   1 
ATOM   849  C  CB  . ILE A 1 107 ? -0.070  -3.850  1.813   1.00 10.98 ? 107 ILE X CB  1 
ATOM   850  C  CG1 . ILE A 1 107 ? -1.352  -3.202  1.284   1.00 12.38 ? 107 ILE X CG1 1 
ATOM   851  C  CG2 . ILE A 1 107 ? 1.035   -2.810  2.113   1.00 11.46 ? 107 ILE X CG2 1 
ATOM   852  C  CD1 . ILE A 1 107 ? -1.911  -2.178  2.215   1.00 13.33 ? 107 ILE X CD1 1 
ATOM   853  N  N   . SER A 1 108 ? 2.401   -4.284  -0.390  1.00 11.42 ? 108 SER X N   1 
ATOM   854  C  CA  . SER A 1 108 ? 3.210   -3.916  -1.582  1.00 11.58 ? 108 SER X CA  1 
ATOM   855  C  C   . SER A 1 108 ? 2.969   -4.898  -2.753  1.00 12.52 ? 108 SER X C   1 
ATOM   856  O  O   . SER A 1 108 ? 2.695   -4.487  -3.878  1.00 12.49 ? 108 SER X O   1 
ATOM   857  C  CB  . SER A 1 108 ? 4.708   -3.894  -1.237  1.00 12.66 ? 108 SER X CB  1 
ATOM   858  O  OG  . SER A 1 108 ? 5.008   -2.877  -0.290  1.00 12.37 ? 108 SER X OG  1 
ATOM   859  N  N   . ASP A 1 109 ? 3.058   -6.195  -2.452  1.00 12.06 ? 109 ASP X N   1 
ATOM   860  C  CA  . ASP A 1 109 ? 2.816   -7.250  -3.428  1.00 13.25 ? 109 ASP X CA  1 
ATOM   861  C  C   . ASP A 1 109 ? 1.373   -7.154  -3.917  1.00 12.66 ? 109 ASP X C   1 
ATOM   862  O  O   . ASP A 1 109 ? 1.121   -7.293  -5.118  1.00 13.05 ? 109 ASP X O   1 
ATOM   863  C  CB  . ASP A 1 109 ? 3.056   -8.627  -2.803  1.00 14.24 ? 109 ASP X CB  1 
ATOM   864  C  CG  . ASP A 1 109 ? 4.536   -8.942  -2.615  1.00 17.09 ? 109 ASP X CG  1 
ATOM   865  O  OD1 . ASP A 1 109 ? 5.376   -8.222  -3.167  1.00 18.52 ? 109 ASP X OD1 1 
ATOM   866  O  OD2 . ASP A 1 109 ? 4.842   -9.936  -1.928  1.00 21.88 ? 109 ASP X OD2 1 
ATOM   867  N  N   . ALA A 1 110 ? 0.435   -6.896  -2.993  1.00 12.05 ? 110 ALA X N   1 
ATOM   868  C  CA  . ALA A 1 110 ? -0.977  -6.745  -3.358  1.00 11.68 ? 110 ALA X CA  1 
ATOM   869  C  C   . ALA A 1 110 ? -1.193  -5.601  -4.359  1.00 11.51 ? 110 ALA X C   1 
ATOM   870  O  O   . ALA A 1 110 ? -2.000  -5.717  -5.281  1.00 12.95 ? 110 ALA X O   1 
ATOM   871  C  CB  . ALA A 1 110 ? -1.842  -6.539  -2.120  1.00 12.52 ? 110 ALA X CB  1 
ATOM   872  N  N   . ILE A 1 111 ? -0.495  -4.480  -4.166  1.00 11.22 ? 111 ILE X N   1 
ATOM   873  C  CA  . ILE A 1 111 ? -0.616  -3.332  -5.079  1.00 11.33 ? 111 ILE X CA  1 
ATOM   874  C  C   . ILE A 1 111 ? -0.169  -3.736  -6.499  1.00 11.83 ? 111 ILE X C   1 
ATOM   875  O  O   . ILE A 1 111 ? -0.862  -3.463  -7.486  1.00 11.46 ? 111 ILE X O   1 
ATOM   876  C  CB  . ILE A 1 111 ? 0.183   -2.105  -4.541  1.00 10.92 ? 111 ILE X CB  1 
ATOM   877  C  CG1 . ILE A 1 111 ? -0.518  -1.544  -3.297  1.00 10.76 ? 111 ILE X CG1 1 
ATOM   878  C  CG2 . ILE A 1 111 ? 0.377   -1.010  -5.623  1.00 11.91 ? 111 ILE X CG2 1 
ATOM   879  C  CD1 . ILE A 1 111 ? 0.334   -0.616  -2.434  1.00 11.12 ? 111 ILE X CD1 1 
ATOM   880  N  N   . ILE A 1 112 ? 0.966   -4.424  -6.594  1.00 11.78 ? 112 ILE X N   1 
ATOM   881  C  CA  . ILE A 1 112 ? 1.460   -4.905  -7.903  1.00 12.44 ? 112 ILE X CA  1 
ATOM   882  C  C   . ILE A 1 112 ? 0.429   -5.843  -8.549  1.00 11.76 ? 112 ILE X C   1 
ATOM   883  O  O   . ILE A 1 112 ? 0.094   -5.703  -9.720  1.00 12.80 ? 112 ILE X O   1 
ATOM   884  C  CB  . ILE A 1 112 ? 2.830   -5.587  -7.741  1.00 12.52 ? 112 ILE X CB  1 
ATOM   885  C  CG1 . ILE A 1 112 ? 3.852   -4.541  -7.227  1.00 13.59 ? 112 ILE X CG1 1 
ATOM   886  C  CG2 . ILE A 1 112 ? 3.292   -6.231  -9.043  1.00 11.96 ? 112 ILE X CG2 1 
ATOM   887  C  CD1 . ILE A 1 112 ? 4.158   -3.330  -8.180  1.00 13.60 ? 112 ILE X CD1 1 
ATOM   888  N  N   . HIS A 1 113 ? -0.108  -6.770  -7.766  1.00 11.96 ? 113 HIS X N   1 
ATOM   889  C  CA  . HIS A 1 113 ? -1.118  -7.695  -8.302  1.00 11.88 ? 113 HIS X CA  1 
ATOM   890  C  C   . HIS A 1 113 ? -2.387  -6.974  -8.799  1.00 12.18 ? 113 HIS X C   1 
ATOM   891  O  O   . HIS A 1 113 ? -2.915  -7.248  -9.902  1.00 11.71 ? 113 HIS X O   1 
ATOM   892  C  CB  . HIS A 1 113 ? -1.522  -8.694  -7.232  1.00 12.73 ? 113 HIS X CB  1 
ATOM   893  C  CG  . HIS A 1 113 ? -2.698  -9.514  -7.644  1.00 18.12 ? 113 HIS X CG  1 
ATOM   894  N  ND1 . HIS A 1 113 ? -2.593  -10.558 -8.533  1.00 20.27 ? 113 HIS X ND1 1 
ATOM   895  C  CD2 . HIS A 1 113 ? -4.018  -9.370  -7.379  1.00 20.56 ? 113 HIS X CD2 1 
ATOM   896  C  CE1 . HIS A 1 113 ? -3.794  -11.064 -8.753  1.00 22.16 ? 113 HIS X CE1 1 
ATOM   897  N  NE2 . HIS A 1 113 ? -4.676  -10.363 -8.061  1.00 24.43 ? 113 HIS X NE2 1 
ATOM   898  N  N   . VAL A 1 114 ? -2.901  -6.080  -7.953  1.00 11.44 ? 114 VAL X N   1 
ATOM   899  C  CA  . VAL A 1 114 ? -4.085  -5.285  -8.310  1.00 11.37 ? 114 VAL X CA  1 
ATOM   900  C  C   . VAL A 1 114 ? -3.868  -4.446  -9.595  1.00 12.08 ? 114 VAL X C   1 
ATOM   901  O  O   . VAL A 1 114 ? -4.770  -4.348  -10.436 1.00 12.25 ? 114 VAL X O   1 
ATOM   902  C  CB  . VAL A 1 114 ? -4.533  -4.439  -7.109  1.00 11.39 ? 114 VAL X CB  1 
ATOM   903  C  CG1 . VAL A 1 114 ? -5.651  -3.462  -7.512  1.00 11.38 ? 114 VAL X CG1 1 
ATOM   904  C  CG2 . VAL A 1 114 ? -4.985  -5.371  -6.004  1.00 12.40 ? 114 VAL X CG2 1 
ATOM   905  N  N   . LEU A 1 115 ? -2.683  -3.856  -9.756  1.00 11.92 ? 115 LEU X N   1 
ATOM   906  C  CA  . LEU A 1 115 ? -2.435  -3.064  -10.963 1.00 11.90 ? 115 LEU X CA  1 
ATOM   907  C  C   . LEU A 1 115 ? -2.499  -3.959  -12.205 1.00 11.23 ? 115 LEU X C   1 
ATOM   908  O  O   . LEU A 1 115 ? -3.118  -3.607  -13.172 1.00 10.74 ? 115 LEU X O   1 
ATOM   909  C  CB  . LEU A 1 115 ? -1.103  -2.308  -10.893 1.00 12.38 ? 115 LEU X CB  1 
ATOM   910  C  CG  . LEU A 1 115 ? -1.088  -1.115  -9.935  1.00 11.92 ? 115 LEU X CG  1 
ATOM   911  C  CD1 . LEU A 1 115 ? 0.371   -0.715  -9.599  1.00 12.99 ? 115 LEU X CD1 1 
ATOM   912  C  CD2 . LEU A 1 115 ? -1.870  0.067   -10.501 1.00 15.46 ? 115 LEU X CD2 1 
ATOM   913  N  N   . HIS A 1 116 ? -1.863  -5.127  -12.156 1.00 11.35 ? 116 HIS X N   1 
ATOM   914  C  CA  . HIS A 1 116 ? -2.016  -6.076  -13.247 1.00 11.29 ? 116 HIS X CA  1 
ATOM   915  C  C   . HIS A 1 116 ? -3.471  -6.507  -13.463 1.00 12.27 ? 116 HIS X C   1 
ATOM   916  O  O   . HIS A 1 116 ? -3.950  -6.567  -14.616 1.00 13.20 ? 116 HIS X O   1 
ATOM   917  C  CB  . HIS A 1 116 ? -1.128  -7.299  -13.028 1.00 11.80 ? 116 HIS X CB  1 
ATOM   918  C  CG  . HIS A 1 116 ? 0.293   -7.083  -13.438 1.00 11.32 ? 116 HIS X CG  1 
ATOM   919  N  ND1 . HIS A 1 116 ? 0.651   -6.766  -14.735 1.00 12.20 ? 116 HIS X ND1 1 
ATOM   920  C  CD2 . HIS A 1 116 ? 1.448   -7.129  -12.727 1.00 12.66 ? 116 HIS X CD2 1 
ATOM   921  C  CE1 . HIS A 1 116 ? 1.959   -6.623  -14.801 1.00 12.55 ? 116 HIS X CE1 1 
ATOM   922  N  NE2 . HIS A 1 116 ? 2.467   -6.847  -13.605 1.00 10.89 ? 116 HIS X NE2 1 
ATOM   923  N  N   . SER A 1 117 ? -4.179  -6.767  -12.361 1.00 12.17 ? 117 SER X N   1 
ATOM   924  C  CA  . SER A 1 117 ? -5.534  -7.296  -12.451 1.00 13.23 ? 117 SER X CA  1 
ATOM   925  C  C   . SER A 1 117 ? -6.477  -6.292  -13.076 1.00 12.92 ? 117 SER X C   1 
ATOM   926  O  O   . SER A 1 117 ? -7.360  -6.660  -13.876 1.00 11.94 ? 117 SER X O   1 
ATOM   927  C  CB  . SER A 1 117 ? -6.061  -7.764  -11.092 1.00 13.45 ? 117 SER X CB  1 
ATOM   928  O  OG  . SER A 1 117 ? -7.363  -8.283  -11.261 1.00 15.94 ? 117 SER X OG  1 
ATOM   929  N  N   . LYS A 1 118 ? -6.288  -5.015  -12.729 1.00 12.69 ? 118 LYS X N   1 
ATOM   930  C  CA  . LYS A 1 118 ? -7.223  -3.978  -13.201 1.00 12.97 ? 118 LYS X CA  1 
ATOM   931  C  C   . LYS A 1 118 ? -6.797  -3.429  -14.559 1.00 12.84 ? 118 LYS X C   1 
ATOM   932  O  O   . LYS A 1 118 ? -7.620  -2.855  -15.268 1.00 13.59 ? 118 LYS X O   1 
ATOM   933  C  CB  . LYS A 1 118 ? -7.370  -2.841  -12.176 1.00 11.64 ? 118 LYS X CB  1 
ATOM   934  C  CG  . LYS A 1 118 ? -8.021  -3.341  -10.878 1.00 13.15 ? 118 LYS X CG  1 
ATOM   935  C  CD  . LYS A 1 118 ? -8.264  -2.236  -9.829  1.00 15.12 ? 118 LYS X CD  1 
ATOM   936  C  CE  . LYS A 1 118 ? -9.416  -1.319  -10.241 1.00 18.96 ? 118 LYS X CE  1 
ATOM   937  N  NZ  . LYS A 1 118 ? -10.741 -2.024  -10.345 1.00 18.75 ? 118 LYS X NZ  1 
ATOM   938  N  N   . HIS A 1 119 ? -5.518  -3.599  -14.900 1.00 12.59 ? 119 HIS X N   1 
ATOM   939  C  CA  . HIS A 1 119 ? -4.956  -3.013  -16.118 1.00 13.54 ? 119 HIS X CA  1 
ATOM   940  C  C   . HIS A 1 119 ? -4.103  -4.032  -16.870 1.00 13.11 ? 119 HIS X C   1 
ATOM   941  O  O   . HIS A 1 119 ? -2.943  -3.756  -17.197 1.00 14.11 ? 119 HIS X O   1 
ATOM   942  C  CB  . HIS A 1 119 ? -4.120  -1.778  -15.760 1.00 13.33 ? 119 HIS X CB  1 
ATOM   943  C  CG  . HIS A 1 119 ? -4.798  -0.870  -14.781 1.00 14.76 ? 119 HIS X CG  1 
ATOM   944  N  ND1 . HIS A 1 119 ? -5.749  0.054   -15.159 1.00 15.36 ? 119 HIS X ND1 1 
ATOM   945  C  CD2 . HIS A 1 119 ? -4.677  -0.763  -13.439 1.00 13.67 ? 119 HIS X CD2 1 
ATOM   946  C  CE1 . HIS A 1 119 ? -6.183  0.696   -14.085 1.00 14.36 ? 119 HIS X CE1 1 
ATOM   947  N  NE2 . HIS A 1 119 ? -5.543  0.223   -13.029 1.00 14.10 ? 119 HIS X NE2 1 
ATOM   948  N  N   . PRO A 1 120 ? -4.700  -5.202  -17.182 1.00 12.92 ? 120 PRO X N   1 
ATOM   949  C  CA  . PRO A 1 120 ? -3.920  -6.290  -17.773 1.00 13.32 ? 120 PRO X CA  1 
ATOM   950  C  C   . PRO A 1 120 ? -3.352  -5.878  -19.129 1.00 12.94 ? 120 PRO X C   1 
ATOM   951  O  O   . PRO A 1 120 ? -4.092  -5.369  -19.981 1.00 13.39 ? 120 PRO X O   1 
ATOM   952  C  CB  . PRO A 1 120 ? -4.941  -7.420  -17.929 1.00 12.98 ? 120 PRO X CB  1 
ATOM   953  C  CG  . PRO A 1 120 ? -6.323  -6.662  -18.033 1.00 12.76 ? 120 PRO X CG  1 
ATOM   954  C  CD  . PRO A 1 120 ? -6.130  -5.547  -17.024 1.00 13.14 ? 120 PRO X CD  1 
ATOM   955  N  N   . GLY A 1 121 ? -2.042  -6.056  -19.313 1.00 13.10 ? 121 GLY X N   1 
ATOM   956  C  CA  . GLY A 1 121 ? -1.370  -5.656  -20.561 1.00 13.90 ? 121 GLY X CA  1 
ATOM   957  C  C   . GLY A 1 121 ? -1.078  -4.168  -20.661 1.00 14.95 ? 121 GLY X C   1 
ATOM   958  O  O   . GLY A 1 121 ? -0.505  -3.698  -21.659 1.00 15.44 ? 121 GLY X O   1 
ATOM   959  N  N   . ASP A 1 122 ? -1.470  -3.423  -19.629 1.00 15.10 ? 122 ASP X N   1 
ATOM   960  C  CA  . ASP A 1 122 ? -1.256  -1.987  -19.590 1.00 15.78 ? 122 ASP X CA  1 
ATOM   961  C  C   . ASP A 1 122 ? -0.369  -1.576  -18.408 1.00 15.64 ? 122 ASP X C   1 
ATOM   962  O  O   . ASP A 1 122 ? -0.342  -0.401  -18.026 1.00 16.68 ? 122 ASP X O   1 
ATOM   963  C  CB  . ASP A 1 122 ? -2.591  -1.260  -19.527 1.00 17.14 ? 122 ASP X CB  1 
ATOM   964  C  CG  . ASP A 1 122 ? -2.458  0.216   -19.809 1.00 20.68 ? 122 ASP X CG  1 
ATOM   965  O  OD1 . ASP A 1 122 ? -1.684  0.573   -20.735 1.00 25.77 ? 122 ASP X OD1 1 
ATOM   966  O  OD2 . ASP A 1 122 ? -3.132  1.021   -19.123 1.00 23.69 ? 122 ASP X OD2 1 
ATOM   967  N  N   . PHE A 1 123 ? 0.339   -2.547  -17.817 1.00 14.58 ? 123 PHE X N   1 
ATOM   968  C  CA  . PHE A 1 123 ? 1.267   -2.251  -16.706 1.00 13.45 ? 123 PHE X CA  1 
ATOM   969  C  C   . PHE A 1 123 ? 2.546   -2.960  -17.112 1.00 13.61 ? 123 PHE X C   1 
ATOM   970  O  O   . PHE A 1 123 ? 2.786   -4.121  -16.753 1.00 13.50 ? 123 PHE X O   1 
ATOM   971  C  CB  . PHE A 1 123 ? 0.643   -2.748  -15.389 1.00 13.59 ? 123 PHE X CB  1 
ATOM   972  C  CG  . PHE A 1 123 ? 1.497   -2.551  -14.147 1.00 11.88 ? 123 PHE X CG  1 
ATOM   973  C  CD1 . PHE A 1 123 ? 2.239   -1.397  -13.954 1.00 11.47 ? 123 PHE X CD1 1 
ATOM   974  C  CD2 . PHE A 1 123 ? 1.506   -3.533  -13.146 1.00 12.44 ? 123 PHE X CD2 1 
ATOM   975  C  CE1 . PHE A 1 123 ? 3.002   -1.234  -12.782 1.00 10.62 ? 123 PHE X CE1 1 
ATOM   976  C  CE2 . PHE A 1 123 ? 2.241   -3.380  -11.988 1.00 11.80 ? 123 PHE X CE2 1 
ATOM   977  C  CZ  . PHE A 1 123 ? 2.998   -2.232  -11.804 1.00 12.79 ? 123 PHE X CZ  1 
ATOM   978  N  N   . GLY A 1 124 ? 3.333   -2.241  -17.911 1.00 13.14 ? 124 GLY X N   1 
ATOM   979  C  CA  . GLY A 1 124 ? 4.478   -2.818  -18.587 1.00 13.54 ? 124 GLY X CA  1 
ATOM   980  C  C   . GLY A 1 124 ? 5.653   -3.163  -17.685 1.00 12.79 ? 124 GLY X C   1 
ATOM   981  O  O   . GLY A 1 124 ? 5.702   -2.762  -16.507 1.00 12.85 ? 124 GLY X O   1 
ATOM   982  N  N   . ALA A 1 125 ? 6.592   -3.928  -18.240 1.00 11.58 ? 125 ALA X N   1 
ATOM   983  C  CA  . ALA A 1 125 ? 7.757   -4.349  -17.477 1.00 12.55 ? 125 ALA X CA  1 
ATOM   984  C  C   . ALA A 1 125 ? 8.502   -3.152  -16.834 1.00 12.58 ? 125 ALA X C   1 
ATOM   985  O  O   . ALA A 1 125 ? 8.837   -3.214  -15.650 1.00 13.35 ? 125 ALA X O   1 
ATOM   986  C  CB  . ALA A 1 125 ? 8.685   -5.185  -18.346 1.00 12.43 ? 125 ALA X CB  1 
ATOM   987  N  N   . ASP A 1 126 ? 8.726   -2.065  -17.586 1.00 13.18 ? 126 ASP X N   1 
ATOM   988  C  CA  . ASP A 1 126 ? 9.412   -0.877  -17.013 1.00 14.28 ? 126 ASP X CA  1 
ATOM   989  C  C   . ASP A 1 126 ? 8.604   -0.270  -15.862 1.00 13.08 ? 126 ASP X C   1 
ATOM   990  O  O   . ASP A 1 126 ? 9.171   0.082   -14.807 1.00 13.54 ? 126 ASP X O   1 
ATOM   991  C  CB  . ASP A 1 126 ? 9.768   0.191   -18.079 1.00 15.31 ? 126 ASP X CB  1 
ATOM   992  C  CG  . ASP A 1 126 ? 8.570   0.610   -18.965 1.00 19.03 ? 126 ASP X CG  1 
ATOM   993  O  OD1 . ASP A 1 126 ? 7.418   0.181   -18.744 1.00 21.39 ? 126 ASP X OD1 1 
ATOM   994  O  OD2 . ASP A 1 126 ? 8.792   1.417   -19.912 1.00 24.65 ? 126 ASP X OD2 1 
ATOM   995  N  N   . ALA A 1 127 ? 7.291   -0.186  -16.050 1.00 12.47 ? 127 ALA X N   1 
ATOM   996  C  CA  . ALA A 1 127 ? 6.381   0.332   -15.020 1.00 11.90 ? 127 ALA X CA  1 
ATOM   997  C  C   . ALA A 1 127 ? 6.400   -0.524  -13.748 1.00 12.64 ? 127 ALA X C   1 
ATOM   998  O  O   . ALA A 1 127 ? 6.498   0.008   -12.619 1.00 12.15 ? 127 ALA X O   1 
ATOM   999  C  CB  . ALA A 1 127 ? 4.985   0.441   -15.565 1.00 11.84 ? 127 ALA X CB  1 
ATOM   1000 N  N   . GLN A 1 128 ? 6.306   -1.840  -13.922 1.00 11.92 ? 128 GLN X N   1 
ATOM   1001 C  CA  . GLN A 1 128 ? 6.392   -2.711  -12.749 1.00 12.41 ? 128 GLN X CA  1 
ATOM   1002 C  C   . GLN A 1 128 ? 7.721   -2.540  -12.019 1.00 11.92 ? 128 GLN X C   1 
ATOM   1003 O  O   . GLN A 1 128 ? 7.720   -2.476  -10.792 1.00 11.74 ? 128 GLN X O   1 
ATOM   1004 C  CB  . GLN A 1 128 ? 6.165   -4.190  -13.090 1.00 11.43 ? 128 GLN X CB  1 
ATOM   1005 C  CG  . GLN A 1 128 ? 6.204   -5.062  -11.834 1.00 13.60 ? 128 GLN X CG  1 
ATOM   1006 C  CD  . GLN A 1 128 ? 6.048   -6.548  -12.135 1.00 12.92 ? 128 GLN X CD  1 
ATOM   1007 O  OE1 . GLN A 1 128 ? 6.505   -7.417  -11.353 1.00 15.45 ? 128 GLN X OE1 1 
ATOM   1008 N  NE2 . GLN A 1 128 ? 5.374   -6.855  -13.221 1.00 11.61 ? 128 GLN X NE2 1 
ATOM   1009 N  N   . GLY A 1 129 ? 8.843   -2.451  -12.754 1.00 11.76 ? 129 GLY X N   1 
ATOM   1010 C  CA  . GLY A 1 129 ? 10.176  -2.237  -12.129 1.00 12.06 ? 129 GLY X CA  1 
ATOM   1011 C  C   . GLY A 1 129 ? 10.199  -0.950  -11.293 1.00 11.81 ? 129 GLY X C   1 
ATOM   1012 O  O   . GLY A 1 129 ? 10.589  -0.944  -10.116 1.00 12.69 ? 129 GLY X O   1 
ATOM   1013 N  N   . ALA A 1 130 ? 9.724   0.134   -11.886 1.00 11.64 ? 130 ALA X N   1 
ATOM   1014 C  CA  . ALA A 1 130 ? 9.720   1.452   -11.194 1.00 11.00 ? 130 ALA X CA  1 
ATOM   1015 C  C   . ALA A 1 130 ? 8.812   1.436   -9.964  1.00 11.51 ? 130 ALA X C   1 
ATOM   1016 O  O   . ALA A 1 130 ? 9.226   1.847   -8.860  1.00 11.46 ? 130 ALA X O   1 
ATOM   1017 C  CB  . ALA A 1 130 ? 9.277   2.549   -12.161 1.00 11.61 ? 130 ALA X CB  1 
ATOM   1018 N  N   . MET A 1 131 ? 7.577   0.981   -10.149 1.00 11.11 ? 131 MET X N   1 
ATOM   1019 C  CA  . MET A 1 131 ? 6.616   0.919   -9.021  1.00 12.37 ? 131 MET X CA  1 
ATOM   1020 C  C   . MET A 1 131 ? 7.182   0.032   -7.892  1.00 11.76 ? 131 MET X C   1 
ATOM   1021 O  O   . MET A 1 131 ? 7.103   0.372   -6.685  1.00 11.68 ? 131 MET X O   1 
ATOM   1022 C  CB  . MET A 1 131 ? 5.214   0.452   -9.480  1.00 12.31 ? 131 MET X CB  1 
ATOM   1023 C  CG  . MET A 1 131 ? 4.170   0.500   -8.366  1.00 16.29 ? 131 MET X CG  1 
ATOM   1024 S  SD  . MET A 1 131 ? 3.951   2.165   -7.629  1.00 18.09 ? 131 MET X SD  1 
ATOM   1025 C  CE  . MET A 1 131 ? 3.102   3.006   -8.924  1.00 19.34 ? 131 MET X CE  1 
ATOM   1026 N  N   . THR A 1 132 ? 7.797   -1.086  -8.291  1.00 12.21 ? 132 THR X N   1 
ATOM   1027 C  CA  . THR A 1 132 ? 8.409   -1.986  -7.328  1.00 12.40 ? 132 THR X CA  1 
ATOM   1028 C  C   . THR A 1 132 ? 9.505   -1.274  -6.529  1.00 13.05 ? 132 THR X C   1 
ATOM   1029 O  O   . THR A 1 132 ? 9.487   -1.321  -5.291  1.00 13.45 ? 132 THR X O   1 
ATOM   1030 C  CB  . THR A 1 132 ? 8.920   -3.262  -8.025  1.00 12.74 ? 132 THR X CB  1 
ATOM   1031 O  OG1 . THR A 1 132 ? 7.776   -3.951  -8.542  1.00 11.21 ? 132 THR X OG1 1 
ATOM   1032 C  CG2 . THR A 1 132 ? 9.653   -4.160  -7.046  1.00 14.25 ? 132 THR X CG2 1 
ATOM   1033 N  N   . LYS A 1 133 ? 10.441  -0.617  -7.225  1.00 13.44 ? 133 LYS X N   1 
ATOM   1034 C  CA  . LYS A 1 133 ? 11.451  0.214   -6.547  1.00 13.96 ? 133 LYS X CA  1 
ATOM   1035 C  C   . LYS A 1 133 ? 10.856  1.257   -5.574  1.00 13.19 ? 133 LYS X C   1 
ATOM   1036 O  O   . LYS A 1 133 ? 11.385  1.474   -4.467  1.00 13.83 ? 133 LYS X O   1 
ATOM   1037 C  CB  . LYS A 1 133 ? 12.347  0.945   -7.551  1.00 14.56 ? 133 LYS X CB  1 
ATOM   1038 C  CG  . LYS A 1 133 ? 13.504  0.109   -8.084  1.00 15.54 ? 133 LYS X CG  1 
ATOM   1039 C  CD  . LYS A 1 133 ? 14.401  0.892   -9.038  1.00 16.34 ? 133 LYS X CD  1 
ATOM   1040 C  CE  . LYS A 1 133 ? 15.434  1.757   -8.320  1.00 20.93 ? 133 LYS X CE  1 
ATOM   1041 N  NZ  . LYS A 1 133 ? 16.491  2.262   -9.278  1.00 24.18 ? 133 LYS X NZ  1 
ATOM   1042 N  N   . ALA A 1 134 ? 9.774   1.922   -5.989  1.00 11.64 ? 134 ALA X N   1 
ATOM   1043 C  CA  . ALA A 1 134 ? 9.180   2.974   -5.151  1.00 11.85 ? 134 ALA X CA  1 
ATOM   1044 C  C   . ALA A 1 134 ? 8.632   2.373   -3.872  1.00 11.77 ? 134 ALA X C   1 
ATOM   1045 O  O   . ALA A 1 134 ? 8.798   2.929   -2.787  1.00 11.94 ? 134 ALA X O   1 
ATOM   1046 C  CB  . ALA A 1 134 ? 8.075   3.681   -5.889  1.00 12.10 ? 134 ALA X CB  1 
ATOM   1047 N  N   . LEU A 1 135 ? 7.946   1.247   -4.015  1.00 10.95 ? 135 LEU X N   1 
ATOM   1048 C  CA  . LEU A 1 135 ? 7.340   0.539   -2.870  1.00 10.96 ? 135 LEU X CA  1 
ATOM   1049 C  C   . LEU A 1 135 ? 8.412   -0.044  -1.960  1.00 11.03 ? 135 LEU X C   1 
ATOM   1050 O  O   . LEU A 1 135 ? 8.266   -0.051  -0.736  1.00 12.22 ? 135 LEU X O   1 
ATOM   1051 C  CB  . LEU A 1 135 ? 6.408   -0.563  -3.373  1.00 11.44 ? 135 LEU X CB  1 
ATOM   1052 C  CG  . LEU A 1 135 ? 5.103   -0.073  -4.040  1.00 10.37 ? 135 LEU X CG  1 
ATOM   1053 C  CD1 . LEU A 1 135 ? 4.383   -1.244  -4.732  1.00 14.35 ? 135 LEU X CD1 1 
ATOM   1054 C  CD2 . LEU A 1 135 ? 4.126   0.695   -3.066  1.00 10.94 ? 135 LEU X CD2 1 
ATOM   1055 N  N   . GLU A 1 136 ? 9.486   -0.573  -2.549  1.00 11.19 ? 136 GLU X N   1 
ATOM   1056 C  CA  . GLU A 1 136 ? 10.623  -0.996  -1.720  1.00 11.28 ? 136 GLU X CA  1 
ATOM   1057 C  C   . GLU A 1 136 ? 11.244  0.163   -0.917  1.00 11.17 ? 136 GLU X C   1 
ATOM   1058 O  O   . GLU A 1 136 ? 11.591  0.005   0.251   1.00 11.87 ? 136 GLU X O   1 
ATOM   1059 C  CB  . GLU A 1 136 ? 11.695  -1.670  -2.568  1.00 12.05 ? 136 GLU X CB  1 
ATOM   1060 C  CG  . GLU A 1 136 ? 11.209  -3.011  -3.104  1.00 13.50 ? 136 GLU X CG  1 
ATOM   1061 C  CD  . GLU A 1 136 ? 12.141  -3.632  -4.159  1.00 18.95 ? 136 GLU X CD  1 
ATOM   1062 O  OE1 . GLU A 1 136 ? 12.837  -2.893  -4.875  1.00 18.90 ? 136 GLU X OE1 1 
ATOM   1063 O  OE2 . GLU A 1 136 ? 12.141  -4.879  -4.301  1.00 23.93 ? 136 GLU X OE2 1 
ATOM   1064 N  N   . LEU A 1 137 ? 11.414  1.308   -1.564  1.00 10.62 ? 137 LEU X N   1 
ATOM   1065 C  CA  . LEU A 1 137 ? 11.925  2.501   -0.873  1.00 11.93 ? 137 LEU X CA  1 
ATOM   1066 C  C   . LEU A 1 137 ? 11.061  2.890   0.325   1.00 12.00 ? 137 LEU X C   1 
ATOM   1067 O  O   . LEU A 1 137 ? 11.578  3.157   1.417   1.00 13.18 ? 137 LEU X O   1 
ATOM   1068 C  CB  . LEU A 1 137 ? 12.047  3.670   -1.838  1.00 12.02 ? 137 LEU X CB  1 
ATOM   1069 C  CG  . LEU A 1 137 ? 12.684  4.935   -1.254  1.00 12.32 ? 137 LEU X CG  1 
ATOM   1070 C  CD1 . LEU A 1 137 ? 14.171  4.732   -0.873  1.00 15.20 ? 137 LEU X CD1 1 
ATOM   1071 C  CD2 . LEU A 1 137 ? 12.563  6.056   -2.273  1.00 13.08 ? 137 LEU X CD2 1 
ATOM   1072 N  N   . PHE A 1 138 ? 9.751   2.935   0.095   1.00 12.18 ? 138 PHE X N   1 
ATOM   1073 C  CA  . PHE A 1 138 ? 8.751   3.153   1.136   1.00 12.29 ? 138 PHE X CA  1 
ATOM   1074 C  C   . PHE A 1 138 ? 8.942   2.159   2.298   1.00 12.55 ? 138 PHE X C   1 
ATOM   1075 O  O   . PHE A 1 138 ? 9.180   2.557   3.435   1.00 12.85 ? 138 PHE X O   1 
ATOM   1076 C  CB  . PHE A 1 138 ? 7.381   3.004   0.492   1.00 12.90 ? 138 PHE X CB  1 
ATOM   1077 C  CG  . PHE A 1 138 ? 6.224   2.966   1.465   1.00 13.14 ? 138 PHE X CG  1 
ATOM   1078 C  CD1 . PHE A 1 138 ? 5.793   4.120   2.107   1.00 17.14 ? 138 PHE X CD1 1 
ATOM   1079 C  CD2 . PHE A 1 138 ? 5.517   1.778   1.662   1.00 14.35 ? 138 PHE X CD2 1 
ATOM   1080 C  CE1 . PHE A 1 138 ? 4.687   4.083   2.993   1.00 18.37 ? 138 PHE X CE1 1 
ATOM   1081 C  CE2 . PHE A 1 138 ? 4.417   1.725   2.540   1.00 16.28 ? 138 PHE X CE2 1 
ATOM   1082 C  CZ  . PHE A 1 138 ? 3.995   2.887   3.189   1.00 17.66 ? 138 PHE X CZ  1 
ATOM   1083 N  N   . ARG A 1 139 ? 8.857   0.866   1.986   1.00 12.72 ? 139 ARG X N   1 
ATOM   1084 C  CA  . ARG A 1 139 ? 9.130   -0.218  2.936   1.00 13.77 ? 139 ARG X CA  1 
ATOM   1085 C  C   . ARG A 1 139 ? 10.463  -0.088  3.692   1.00 13.80 ? 139 ARG X C   1 
ATOM   1086 O  O   . ARG A 1 139 ? 10.509  -0.197  4.939   1.00 14.18 ? 139 ARG X O   1 
ATOM   1087 C  CB  . ARG A 1 139 ? 9.063   -1.564  2.196   1.00 14.21 ? 139 ARG X CB  1 
ATOM   1088 C  CG  . ARG A 1 139 ? 8.712   -2.691  3.081   1.00 18.07 ? 139 ARG X CG  1 
ATOM   1089 C  CD  . ARG A 1 139 ? 7.979   -3.787  2.335   1.00 17.21 ? 139 ARG X CD  1 
ATOM   1090 N  NE  . ARG A 1 139 ? 8.822   -4.612  1.461   1.00 14.53 ? 139 ARG X NE  1 
ATOM   1091 C  CZ  . ARG A 1 139 ? 8.730   -4.610  0.131   1.00 14.99 ? 139 ARG X CZ  1 
ATOM   1092 N  NH1 . ARG A 1 139 ? 7.852   -3.814  -0.496  1.00 15.43 ? 139 ARG X NH1 1 
ATOM   1093 N  NH2 . ARG A 1 139 ? 9.508   -5.409  -0.590  1.00 15.34 ? 139 ARG X NH2 1 
ATOM   1094 N  N   . ASN A 1 140 ? 11.536  0.170   2.940   1.00 13.00 ? 140 ASN X N   1 
ATOM   1095 C  CA  . ASN A 1 140 ? 12.869  0.286   3.514   1.00 12.86 ? 140 ASN X CA  1 
ATOM   1096 C  C   . ASN A 1 140 ? 13.001  1.472   4.500   1.00 12.57 ? 140 ASN X C   1 
ATOM   1097 O  O   . ASN A 1 140 ? 13.597  1.349   5.589   1.00 12.36 ? 140 ASN X O   1 
ATOM   1098 C  CB  . ASN A 1 140 ? 13.917  0.371   2.432   1.00 12.95 ? 140 ASN X CB  1 
ATOM   1099 C  CG  . ASN A 1 140 ? 15.300  0.079   2.982   1.00 15.41 ? 140 ASN X CG  1 
ATOM   1100 O  OD1 . ASN A 1 140 ? 15.567  -1.041  3.445   1.00 20.48 ? 140 ASN X OD1 1 
ATOM   1101 N  ND2 . ASN A 1 140 ? 16.168  1.075   2.964   1.00 16.86 ? 140 ASN X ND2 1 
ATOM   1102 N  N   . ASP A 1 141 ? 12.410  2.607   4.136   1.00 11.93 ? 141 ASP X N   1 
ATOM   1103 C  CA  . ASP A 1 141 ? 12.449  3.780   5.020   1.00 11.79 ? 141 ASP X CA  1 
ATOM   1104 C  C   . ASP A 1 141 ? 11.599  3.554   6.268   1.00 12.67 ? 141 ASP X C   1 
ATOM   1105 O  O   . ASP A 1 141 ? 12.005  3.931   7.372   1.00 12.52 ? 141 ASP X O   1 
ATOM   1106 C  CB  . ASP A 1 141 ? 12.083  5.068   4.258   1.00 12.05 ? 141 ASP X CB  1 
ATOM   1107 C  CG  . ASP A 1 141 ? 13.202  5.536   3.314   1.00 12.93 ? 141 ASP X CG  1 
ATOM   1108 O  OD1 . ASP A 1 141 ? 14.336  5.004   3.373   1.00 11.93 ? 141 ASP X OD1 1 
ATOM   1109 O  OD2 . ASP A 1 141 ? 12.952  6.434   2.475   1.00 15.60 ? 141 ASP X OD2 1 
ATOM   1110 N  N   . ILE A 1 142 ? 10.447  2.892   6.118   1.00 11.38 ? 142 ILE X N   1 
ATOM   1111 C  CA  . ILE A 1 142 ? 9.641   2.497   7.303   1.00 12.49 ? 142 ILE X CA  1 
ATOM   1112 C  C   . ILE A 1 142 ? 10.480  1.547   8.174   1.00 11.24 ? 142 ILE X C   1 
ATOM   1113 O  O   . ILE A 1 142 ? 10.563  1.711   9.402   1.00 12.16 ? 142 ILE X O   1 
ATOM   1114 C  CB  . ILE A 1 142 ? 8.276   1.856   6.936   1.00 12.43 ? 142 ILE X CB  1 
ATOM   1115 C  CG1 . ILE A 1 142 ? 7.365   2.938   6.332   1.00 13.81 ? 142 ILE X CG1 1 
ATOM   1116 C  CG2 . ILE A 1 142 ? 7.589   1.208   8.198   1.00 12.28 ? 142 ILE X CG2 1 
ATOM   1117 C  CD1 . ILE A 1 142 ? 6.023   2.434   5.867   1.00 19.02 ? 142 ILE X CD1 1 
ATOM   1118 N  N   . ALA A 1 143 ? 11.132  0.572   7.540   1.00 12.20 ? 143 ALA X N   1 
ATOM   1119 C  CA  . ALA A 1 143 ? 11.908  -0.415  8.307   1.00 12.05 ? 143 ALA X CA  1 
ATOM   1120 C  C   . ALA A 1 143 ? 13.010  0.282   9.122   1.00 12.40 ? 143 ALA X C   1 
ATOM   1121 O  O   . ALA A 1 143 ? 13.312  -0.142  10.243  1.00 13.70 ? 143 ALA X O   1 
ATOM   1122 C  CB  . ALA A 1 143 ? 12.520  -1.497  7.398   1.00 12.42 ? 143 ALA X CB  1 
ATOM   1123 N  N   . ALA A 1 144 ? 13.624  1.324   8.561   1.00 12.02 ? 144 ALA X N   1 
ATOM   1124 C  CA  . ALA A 1 144 ? 14.628  2.091   9.303   1.00 13.46 ? 144 ALA X CA  1 
ATOM   1125 C  C   . ALA A 1 144 ? 14.022  2.655   10.607  1.00 13.48 ? 144 ALA X C   1 
ATOM   1126 O  O   . ALA A 1 144 ? 14.635  2.554   11.686  1.00 13.66 ? 144 ALA X O   1 
ATOM   1127 C  CB  . ALA A 1 144 ? 15.208  3.212   8.430   1.00 14.01 ? 144 ALA X CB  1 
ATOM   1128 N  N   . LYS A 1 145 ? 12.831  3.246   10.511  1.00 13.24 ? 145 LYS X N   1 
ATOM   1129 C  CA  . LYS A 1 145 ? 12.112  3.752   11.696  1.00 13.65 ? 145 LYS X CA  1 
ATOM   1130 C  C   . LYS A 1 145 ? 11.692  2.646   12.669  1.00 13.42 ? 145 LYS X C   1 
ATOM   1131 O  O   . LYS A 1 145 ? 11.747  2.843   13.891  1.00 12.64 ? 145 LYS X O   1 
ATOM   1132 C  CB  . LYS A 1 145 ? 10.883  4.547   11.293  1.00 14.27 ? 145 LYS X CB  1 
ATOM   1133 C  CG  . LYS A 1 145 ? 11.159  5.670   10.301  1.00 17.62 ? 145 LYS X CG  1 
ATOM   1134 C  CD  . LYS A 1 145 ? 12.010  6.769   10.908  1.00 22.05 ? 145 LYS X CD  1 
ATOM   1135 C  CE  . LYS A 1 145 ? 11.898  8.038   10.088  1.00 25.96 ? 145 LYS X CE  1 
ATOM   1136 N  NZ  . LYS A 1 145 ? 13.066  8.918   10.352  1.00 27.93 ? 145 LYS X NZ  1 
ATOM   1137 N  N   . TYR A 1 146 ? 11.292  1.487   12.127  1.00 12.58 ? 146 TYR X N   1 
ATOM   1138 C  CA  . TYR A 1 146 ? 10.987  0.321   12.969  1.00 12.53 ? 146 TYR X CA  1 
ATOM   1139 C  C   . TYR A 1 146 ? 12.232  -0.075  13.755  1.00 13.03 ? 146 TYR X C   1 
ATOM   1140 O  O   . TYR A 1 146 ? 12.150  -0.366  14.952  1.00 13.03 ? 146 TYR X O   1 
ATOM   1141 C  CB  . TYR A 1 146 ? 10.496  -0.851  12.110  1.00 13.60 ? 146 TYR X CB  1 
ATOM   1142 C  CG  . TYR A 1 146 ? 9.002   -0.836  11.805  1.00 11.92 ? 146 TYR X CG  1 
ATOM   1143 C  CD1 . TYR A 1 146 ? 8.270   0.361   11.762  1.00 13.36 ? 146 TYR X CD1 1 
ATOM   1144 C  CD2 . TYR A 1 146 ? 8.337   -2.028  11.506  1.00 16.44 ? 146 TYR X CD2 1 
ATOM   1145 C  CE1 . TYR A 1 146 ? 6.876   0.363   11.455  1.00 14.33 ? 146 TYR X CE1 1 
ATOM   1146 C  CE2 . TYR A 1 146 ? 6.970   -2.045  11.211  1.00 16.26 ? 146 TYR X CE2 1 
ATOM   1147 C  CZ  . TYR A 1 146 ? 6.241   -0.873  11.179  1.00 15.24 ? 146 TYR X CZ  1 
ATOM   1148 O  OH  . TYR A 1 146 ? 4.876   -0.950  10.889  1.00 13.93 ? 146 TYR X OH  1 
ATOM   1149 N  N   . LYS A 1 147 ? 13.396  -0.083  13.091  1.00 12.36 ? 147 LYS X N   1 
ATOM   1150 C  CA  . LYS A 1 147 ? 14.639  -0.483  13.778  1.00 14.20 ? 147 LYS X CA  1 
ATOM   1151 C  C   . LYS A 1 147 ? 14.948  0.489   14.933  1.00 14.70 ? 147 LYS X C   1 
ATOM   1152 O  O   . LYS A 1 147 ? 15.267  0.044   16.056  1.00 14.73 ? 147 LYS X O   1 
ATOM   1153 C  CB  . LYS A 1 147 ? 15.843  -0.566  12.836  1.00 14.31 ? 147 LYS X CB  1 
ATOM   1154 C  CG  . LYS A 1 147 ? 17.125  -1.029  13.564  1.00 16.48 ? 147 LYS X CG  1 
ATOM   1155 C  CD  . LYS A 1 147 ? 18.228  -1.441  12.595  1.00 20.97 ? 147 LYS X CD  1 
ATOM   1156 C  CE  . LYS A 1 147 ? 19.567  -1.740  13.316  1.00 20.83 ? 147 LYS X CE  1 
ATOM   1157 N  NZ  . LYS A 1 147 ? 20.448  -0.542  13.503  1.00 24.32 ? 147 LYS X NZ  1 
ATOM   1158 N  N   . GLU A 1 148 ? 14.831  1.786   14.649  1.00 15.57 ? 148 GLU X N   1 
ATOM   1159 C  CA  . GLU A 1 148 ? 14.974  2.834   15.660  1.00 16.63 ? 148 GLU X CA  1 
ATOM   1160 C  C   . GLU A 1 148 ? 14.124  2.528   16.916  1.00 16.25 ? 148 GLU X C   1 
ATOM   1161 O  O   . GLU A 1 148 ? 14.631  2.576   18.062  1.00 15.12 ? 148 GLU X O   1 
ATOM   1162 C  CB  . GLU A 1 148 ? 14.637  4.201   15.022  1.00 16.99 ? 148 GLU X CB  1 
ATOM   1163 C  CG  . GLU A 1 148 ? 14.651  5.369   15.933  1.00 20.37 ? 148 GLU X CG  1 
ATOM   1164 C  CD  . GLU A 1 148 ? 14.130  6.648   15.260  1.00 20.80 ? 148 GLU X CD  1 
ATOM   1165 O  OE1 . GLU A 1 148 ? 13.994  6.689   14.022  1.00 22.01 ? 148 GLU X OE1 1 
ATOM   1166 O  OE2 . GLU A 1 148 ? 13.815  7.615   15.988  1.00 28.73 ? 148 GLU X OE2 1 
ATOM   1167 N  N   . LEU A 1 149 ? 12.862  2.155   16.684  1.00 15.08 ? 149 LEU X N   1 
ATOM   1168 C  CA  . LEU A 1 149 ? 11.904  1.876   17.769  1.00 15.24 ? 149 LEU X CA  1 
ATOM   1169 C  C   . LEU A 1 149 ? 12.075  0.476   18.369  1.00 15.68 ? 149 LEU X C   1 
ATOM   1170 O  O   . LEU A 1 149 ? 11.440  0.152   19.377  1.00 15.63 ? 149 LEU X O   1 
ATOM   1171 C  CB  . LEU A 1 149 ? 10.469  2.051   17.258  1.00 15.59 ? 149 LEU X CB  1 
ATOM   1172 C  CG  . LEU A 1 149 ? 10.066  3.400   16.638  1.00 14.85 ? 149 LEU X CG  1 
ATOM   1173 C  CD1 . LEU A 1 149 ? 8.738   3.290   15.862  1.00 17.34 ? 149 LEU X CD1 1 
ATOM   1174 C  CD2 . LEU A 1 149 ? 10.000  4.542   17.666  1.00 16.58 ? 149 LEU X CD2 1 
ATOM   1175 N  N   . GLY A 1 150 ? 12.898  -0.356  17.728  1.00 15.65 ? 150 GLY X N   1 
ATOM   1176 C  CA  . GLY A 1 150 ? 13.105  -1.745  18.126  1.00 16.87 ? 150 GLY X CA  1 
ATOM   1177 C  C   . GLY A 1 150 ? 11.855  -2.569  17.932  1.00 18.19 ? 150 GLY X C   1 
ATOM   1178 O  O   . GLY A 1 150 ? 11.600  -3.515  18.685  1.00 17.77 ? 150 GLY X O   1 
ATOM   1179 N  N   . PHE A 1 151 ? 11.064  -2.202  16.925  1.00 19.01 ? 151 PHE X N   1 
ATOM   1180 C  CA  . PHE A 1 151 ? 9.795   -2.867  16.737  1.00 21.54 ? 151 PHE X CA  1 
ATOM   1181 C  C   . PHE A 1 151 ? 9.988   -4.076  15.857  1.00 23.36 ? 151 PHE X C   1 
ATOM   1182 O  O   . PHE A 1 151 ? 10.593  -3.972  14.780  1.00 23.79 ? 151 PHE X O   1 
ATOM   1183 C  CB  . PHE A 1 151 ? 8.712   -1.940  16.167  1.00 20.82 ? 151 PHE X CB  1 
ATOM   1184 C  CG  . PHE A 1 151 ? 7.429   -2.655  15.851  1.00 21.30 ? 151 PHE X CG  1 
ATOM   1185 C  CD1 . PHE A 1 151 ? 6.598   -3.101  16.868  1.00 21.00 ? 151 PHE X CD1 1 
ATOM   1186 C  CD2 . PHE A 1 151 ? 7.064   -2.903  14.535  1.00 21.45 ? 151 PHE X CD2 1 
ATOM   1187 C  CE1 . PHE A 1 151 ? 5.415   -3.782  16.581  1.00 22.89 ? 151 PHE X CE1 1 
ATOM   1188 C  CE2 . PHE A 1 151 ? 5.883   -3.579  14.244  1.00 22.96 ? 151 PHE X CE2 1 
ATOM   1189 C  CZ  . PHE A 1 151 ? 5.069   -4.031  15.278  1.00 22.20 ? 151 PHE X CZ  1 
ATOM   1190 N  N   . GLN A 1 152 ? 9.428   -5.197  16.331  1.00 26.09 ? 152 GLN X N   1 
ATOM   1191 C  CA  . GLN A 1 152 ? 9.576   -6.564  15.766  1.00 28.02 ? 152 GLN X CA  1 
ATOM   1192 C  C   . GLN A 1 152 ? 10.975  -7.173  15.821  1.00 28.88 ? 152 GLN X C   1 
ATOM   1193 O  O   . GLN A 1 152 ? 11.832  -6.740  16.604  1.00 30.59 ? 152 GLN X O   1 
ATOM   1194 C  CB  . GLN A 1 152 ? 8.976   -6.689  14.356  1.00 29.00 ? 152 GLN X CB  1 
ATOM   1195 C  CG  . GLN A 1 152 ? 7.442   -6.696  14.275  1.00 29.96 ? 152 GLN X CG  1 
ATOM   1196 C  CD  . GLN A 1 152 ? 6.750   -7.091  15.580  1.00 33.22 ? 152 GLN X CD  1 
ATOM   1197 O  OE1 . GLN A 1 152 ? 7.047   -6.551  16.648  1.00 35.13 ? 152 GLN X OE1 1 
ATOM   1198 N  NE2 . GLN A 1 152 ? 5.814   -8.028  15.492  1.00 33.65 ? 152 GLN X NE2 1 
HETATM 1199 S  S   . SO4 B 2 .   ? -20.226 -1.141  6.065   1.00 27.60 ? 157 SO4 X S   1 
HETATM 1200 O  O1  . SO4 B 2 .   ? -20.629 0.140   6.637   1.00 30.98 ? 157 SO4 X O1  1 
HETATM 1201 O  O2  . SO4 B 2 .   ? -20.797 -2.171  6.939   1.00 29.69 ? 157 SO4 X O2  1 
HETATM 1202 O  O3  . SO4 B 2 .   ? -20.750 -1.285  4.708   1.00 25.41 ? 157 SO4 X O3  1 
HETATM 1203 O  O4  . SO4 B 2 .   ? -18.772 -1.244  6.123   1.00 30.59 ? 157 SO4 X O4  1 
HETATM 1204 S  S   . SO4 C 2 .   ? 13.390  14.408  3.185   0.50 21.93 ? 158 SO4 X S   1 
HETATM 1205 O  O1  . SO4 C 2 .   ? 14.257  14.529  4.354   0.50 22.54 ? 158 SO4 X O1  1 
HETATM 1206 O  O2  . SO4 C 2 .   ? 13.041  13.009  2.995   0.50 22.60 ? 158 SO4 X O2  1 
HETATM 1207 O  O3  . SO4 C 2 .   ? 12.147  15.141  3.400   0.50 23.78 ? 158 SO4 X O3  1 
HETATM 1208 O  O4  . SO4 C 2 .   ? 14.071  14.943  2.007   0.50 23.19 ? 158 SO4 X O4  1 
HETATM 1209 N  N   . NO2 D 3 .   ? -4.017  -0.271  5.805   0.70 14.87 ? 159 NO2 X N   1 
HETATM 1210 O  O1  . NO2 D 3 .   ? -4.912  -0.928  5.300   0.70 15.24 ? 159 NO2 X O1  1 
HETATM 1211 O  O2  . NO2 D 3 .   ? -4.294  0.576   6.625   0.70 12.85 ? 159 NO2 X O2  1 
HETATM 1212 C  CHA . MNR E 4 .   ? -4.494  3.191   9.749   1.00 11.49 ? 154 MNR X CHA 1 
HETATM 1213 C  CHB . MNR E 4 .   ? -1.797  4.182   5.787   1.00 10.54 ? 154 MNR X CHB 1 
HETATM 1214 C  CHC . MNR E 4 .   ? -0.574  -0.486  5.632   1.00 11.22 ? 154 MNR X CHC 1 
HETATM 1215 C  CHD . MNR E 4 .   ? -3.099  -1.465  9.442   1.00 12.04 ? 154 MNR X CHD 1 
HETATM 1216 C  C1A . MNR E 4 .   ? -3.830  3.910   8.681   1.00 12.07 ? 154 MNR X C1A 1 
HETATM 1217 C  C2A . MNR E 4 .   ? -4.021  5.297   8.515   1.00 8.68  ? 154 MNR X C2A 1 
HETATM 1218 C  C3A . MNR E 4 .   ? -3.337  5.593   7.259   1.00 12.50 ? 154 MNR X C3A 1 
HETATM 1219 C  C4A . MNR E 4 .   ? -2.707  4.311   6.909   1.00 10.64 ? 154 MNR X C4A 1 
HETATM 1220 C  CMA . MNR E 4 .   ? -3.117  6.914   6.556   1.00 11.75 ? 154 MNR X CMA 1 
HETATM 1221 C  CAA . MNR E 4 .   ? -4.725  6.271   9.443   1.00 13.47 ? 154 MNR X CAA 1 
HETATM 1222 C  CBA . MNR E 4 .   ? -3.712  7.145   10.197  1.00 13.69 ? 154 MNR X CBA 1 
HETATM 1223 C  CGA . MNR E 4 .   ? -2.819  6.337   11.130  1.00 16.27 ? 154 MNR X CGA 1 
HETATM 1224 O  O1A . MNR E 4 .   ? -3.363  5.582   11.982  1.00 15.53 ? 154 MNR X O1A 1 
HETATM 1225 O  O2A . MNR E 4 .   ? -1.569  6.463   10.991  1.00 15.63 ? 154 MNR X O2A 1 
HETATM 1226 C  C1B . MNR E 4 .   ? -1.205  2.923   5.353   1.00 11.04 ? 154 MNR X C1B 1 
HETATM 1227 C  C2B . MNR E 4 .   ? -0.417  2.890   4.200   1.00 10.91 ? 154 MNR X C2B 1 
HETATM 1228 C  C3B . MNR E 4 .   ? -0.027  1.474   4.133   1.00 11.73 ? 154 MNR X C3B 1 
HETATM 1229 C  C4B . MNR E 4 .   ? -0.657  0.806   5.305   1.00 11.15 ? 154 MNR X C4B 1 
HETATM 1230 C  CMB . MNR E 4 .   ? -0.042  4.011   3.258   1.00 12.79 ? 154 MNR X CMB 1 
HETATM 1231 C  CAB . MNR E 4 .   ? 0.822   0.865   3.093   1.00 11.87 ? 154 MNR X CAB 1 
HETATM 1232 C  CBB . MNR E 4 .   ? 0.671   1.247   1.831   1.00 14.40 ? 154 MNR X CBB 1 
HETATM 1233 C  C1C . MNR E 4 .   ? -1.149  -1.123  6.576   1.00 8.73  ? 154 MNR X C1C 1 
HETATM 1234 C  C2C . MNR E 4 .   ? -1.003  -2.618  6.704   1.00 10.98 ? 154 MNR X C2C 1 
HETATM 1235 C  C3C . MNR E 4 .   ? -1.671  -2.911  8.019   1.00 13.19 ? 154 MNR X C3C 1 
HETATM 1236 C  C4C . MNR E 4 .   ? -2.287  -1.585  8.389   1.00 10.91 ? 154 MNR X C4C 1 
HETATM 1237 C  CMC . MNR E 4 .   ? -0.264  -3.591  5.778   1.00 13.02 ? 154 MNR X CMC 1 
HETATM 1238 C  CAC . MNR E 4 .   ? -2.335  -4.229  8.384   1.00 13.29 ? 154 MNR X CAC 1 
HETATM 1239 C  CBC . MNR E 4 .   ? -1.805  -5.378  8.022   1.00 15.26 ? 154 MNR X CBC 1 
HETATM 1240 C  C1D . MNR E 4 .   ? -3.717  -0.258  9.948   1.00 13.12 ? 154 MNR X C1D 1 
HETATM 1241 C  C2D . MNR E 4 .   ? -4.626  -0.259  11.117  1.00 14.08 ? 154 MNR X C2D 1 
HETATM 1242 C  C3D . MNR E 4 .   ? -5.084  1.127   11.183  1.00 14.16 ? 154 MNR X C3D 1 
HETATM 1243 C  C4D . MNR E 4 .   ? -4.346  1.780   10.074  1.00 11.98 ? 154 MNR X C4D 1 
HETATM 1244 C  CMD . MNR E 4 .   ? -4.998  -1.438  11.967  1.00 14.48 ? 154 MNR X CMD 1 
HETATM 1245 C  CAD . MNR E 4 .   ? -6.147  1.720   12.088  1.00 15.66 ? 154 MNR X CAD 1 
HETATM 1246 C  CBD . MNR E 4 .   ? -7.462  1.614   11.330  1.00 20.00 ? 154 MNR X CBD 1 
HETATM 1247 C  CGD . MNR E 4 .   ? -8.644  1.975   12.202  1.00 24.63 ? 154 MNR X CGD 1 
HETATM 1248 O  O1D . MNR E 4 .   ? -9.332  2.967   11.885  1.00 25.55 ? 154 MNR X O1D 1 
HETATM 1249 O  O2D . MNR E 4 .   ? -8.911  1.243   13.183  1.00 28.39 ? 154 MNR X O2D 1 
HETATM 1250 MN MN  . MNR E 4 .   ? -2.395  1.350   7.738   1.00 12.51 ? 154 MNR X MN  1 
HETATM 1251 N  NA  . MNR E 4 .   ? -3.028  3.347   7.781   1.00 11.49 ? 154 MNR X NA  1 
HETATM 1252 N  NB  . MNR E 4 .   ? -1.319  1.741   6.018   1.00 12.48 ? 154 MNR X NB  1 
HETATM 1253 N  NC  . MNR E 4 .   ? -1.893  -0.603  7.568   1.00 11.33 ? 154 MNR X NC  1 
HETATM 1254 N  ND  . MNR E 4 .   ? -3.567  0.940   9.385   1.00 11.69 ? 154 MNR X ND  1 
HETATM 1255 O  O   . HOH F 5 .   ? -5.025  9.655   3.488   1.00 11.08 ? 160 HOH X O   1 
HETATM 1256 O  O   . HOH F 5 .   ? -1.961  -16.222 5.777   1.00 15.64 ? 161 HOH X O   1 
HETATM 1257 O  O   . HOH F 5 .   ? -1.347  12.228  1.020   1.00 13.12 ? 162 HOH X O   1 
HETATM 1258 O  O   . HOH F 5 .   ? 8.489   8.720   -2.123  1.00 13.39 ? 163 HOH X O   1 
HETATM 1259 O  O   . HOH F 5 .   ? 12.894  0.434   -12.440 1.00 13.29 ? 164 HOH X O   1 
HETATM 1260 O  O   . HOH F 5 .   ? 8.687   -5.750  11.576  1.00 20.67 ? 165 HOH X O   1 
HETATM 1261 O  O   . HOH F 5 .   ? 12.313  -3.033  -9.596  1.00 13.75 ? 166 HOH X O   1 
HETATM 1262 O  O   . HOH F 5 .   ? 1.560   10.791  7.124   1.00 13.57 ? 167 HOH X O   1 
HETATM 1263 O  O   . HOH F 5 .   ? 13.678  6.230   7.287   1.00 18.89 ? 168 HOH X O   1 
HETATM 1264 O  O   . HOH F 5 .   ? 4.752   -6.023  -17.501 1.00 13.61 ? 169 HOH X O   1 
HETATM 1265 O  O   . HOH F 5 .   ? 16.256  9.148   -15.668 1.00 25.47 ? 170 HOH X O   1 
HETATM 1266 O  O   . HOH F 5 .   ? -5.970  9.949   -12.764 1.00 20.17 ? 171 HOH X O   1 
HETATM 1267 O  O   . HOH F 5 .   ? 7.623   -6.635  -8.703  1.00 16.16 ? 172 HOH X O   1 
HETATM 1268 O  O   . HOH F 5 .   ? -15.364 -2.929  -0.009  1.00 17.38 ? 173 HOH X O   1 
HETATM 1269 O  O   . HOH F 5 .   ? 0.524   -14.991 5.393   1.00 16.93 ? 174 HOH X O   1 
HETATM 1270 O  O   . HOH F 5 .   ? 6.346   14.579  10.217  1.00 14.09 ? 175 HOH X O   1 
HETATM 1271 O  O   . HOH F 5 .   ? -17.669 3.371   0.523   1.00 18.57 ? 176 HOH X O   1 
HETATM 1272 O  O   . HOH F 5 .   ? -10.568 8.386   -7.715  1.00 20.39 ? 177 HOH X O   1 
HETATM 1273 O  O   . HOH F 5 .   ? 14.967  9.309   17.302  1.00 19.50 ? 178 HOH X O   1 
HETATM 1274 O  O   . HOH F 5 .   ? -0.036  -6.007  -17.532 1.00 18.17 ? 179 HOH X O   1 
HETATM 1275 O  O   . HOH F 5 .   ? -8.138  3.417   -13.456 1.00 16.51 ? 180 HOH X O   1 
HETATM 1276 O  O   . HOH F 5 .   ? 6.676   -7.168  -15.550 1.00 16.66 ? 181 HOH X O   1 
HETATM 1277 O  O   . HOH F 5 .   ? 11.706  0.709   -14.889 1.00 18.26 ? 182 HOH X O   1 
HETATM 1278 O  O   . HOH F 5 .   ? 2.966   14.839  -1.807  1.00 21.28 ? 183 HOH X O   1 
HETATM 1279 O  O   . HOH F 5 .   ? 13.590  12.815  -6.091  1.00 22.43 ? 184 HOH X O   1 
HETATM 1280 O  O   . HOH F 5 .   ? -2.127  -10.359 12.657  1.00 18.87 ? 185 HOH X O   1 
HETATM 1281 O  O   . HOH F 5 .   ? 13.552  -3.879  -7.293  1.00 20.46 ? 186 HOH X O   1 
HETATM 1282 O  O   . HOH F 5 .   ? 10.041  -12.085 1.774   1.00 19.99 ? 187 HOH X O   1 
HETATM 1283 O  O   . HOH F 5 .   ? 0.011   -10.528 -3.625  1.00 25.52 ? 188 HOH X O   1 
HETATM 1284 O  O   . HOH F 5 .   ? 4.886   10.907  -14.491 1.00 20.14 ? 189 HOH X O   1 
HETATM 1285 O  O   . HOH F 5 .   ? -20.172 -5.914  4.557   1.00 28.11 ? 190 HOH X O   1 
HETATM 1286 O  O   . HOH F 5 .   ? -6.215  -3.445  -19.572 1.00 23.20 ? 191 HOH X O   1 
HETATM 1287 O  O   . HOH F 5 .   ? 14.884  7.924   -4.646  1.00 25.53 ? 192 HOH X O   1 
HETATM 1288 O  O   . HOH F 5 .   ? -8.703  -13.400 10.017  1.00 23.46 ? 193 HOH X O   1 
HETATM 1289 O  O   . HOH F 5 .   ? -7.699  -10.636 -9.040  1.00 32.32 ? 194 HOH X O   1 
HETATM 1290 O  O   . HOH F 5 .   ? -3.247  10.249  -4.872  1.00 24.10 ? 195 HOH X O   1 
HETATM 1291 O  O   . HOH F 5 .   ? -19.141 -4.542  6.672   1.00 25.22 ? 196 HOH X O   1 
HETATM 1292 O  O   . HOH F 5 .   ? -17.928 4.102   6.691   1.00 23.42 ? 197 HOH X O   1 
HETATM 1293 O  O   . HOH F 5 .   ? 2.410   -9.296  -6.517  1.00 18.03 ? 198 HOH X O   1 
HETATM 1294 O  O   . HOH F 5 .   ? -15.392 -5.809  13.313  1.00 29.47 ? 199 HOH X O   1 
HETATM 1295 O  O   . HOH F 5 .   ? 21.255  1.278   11.162  1.00 26.76 ? 200 HOH X O   1 
HETATM 1296 O  O   . HOH F 5 .   ? -18.016 -2.150  8.810   1.00 23.33 ? 201 HOH X O   1 
HETATM 1297 O  O   . HOH F 5 .   ? 0.544   10.866  -10.423 1.00 28.05 ? 202 HOH X O   1 
HETATM 1298 O  O   . HOH F 5 .   ? 11.106  5.822   14.350  1.00 23.07 ? 203 HOH X O   1 
HETATM 1299 O  O   . HOH F 5 .   ? 11.353  12.697  -13.573 1.00 21.91 ? 204 HOH X O   1 
HETATM 1300 O  O   . HOH F 5 .   ? 15.820  2.280   -14.879 1.00 26.67 ? 205 HOH X O   1 
HETATM 1301 O  O   . HOH F 5 .   ? 15.967  5.371   -15.555 1.00 30.03 ? 206 HOH X O   1 
HETATM 1302 O  O   . HOH F 5 .   ? -15.669 -1.187  9.465   1.00 21.48 ? 207 HOH X O   1 
HETATM 1303 O  O   . HOH F 5 .   ? 15.952  -0.031  6.471   1.00 25.05 ? 208 HOH X O   1 
HETATM 1304 O  O   . HOH F 5 .   ? -15.916 0.958   -5.959  1.00 23.55 ? 209 HOH X O   1 
HETATM 1305 O  O   . HOH F 5 .   ? -8.199  4.746   9.597   1.00 23.92 ? 210 HOH X O   1 
HETATM 1306 O  O   . HOH F 5 .   ? -1.520  8.133   -16.044 1.00 21.45 ? 211 HOH X O   1 
HETATM 1307 O  O   . HOH F 5 .   ? 13.423  -2.896  10.517  1.00 23.29 ? 212 HOH X O   1 
HETATM 1308 O  O   . HOH F 5 .   ? 9.519   -6.071  -3.284  1.00 23.62 ? 213 HOH X O   1 
HETATM 1309 O  O   . HOH F 5 .   ? -20.579 -8.269  -2.024  1.00 24.63 ? 214 HOH X O   1 
HETATM 1310 O  O   . HOH F 5 .   ? -12.679 3.560   7.303   1.00 25.28 ? 215 HOH X O   1 
HETATM 1311 O  O   . HOH F 5 .   ? 2.359   8.929   14.346  1.00 20.83 ? 216 HOH X O   1 
HETATM 1312 O  O   . HOH F 5 .   ? 18.189  10.329  -12.299 1.00 28.53 ? 217 HOH X O   1 
HETATM 1313 O  O   . HOH F 5 .   ? -20.023 2.641   6.009   1.00 19.68 ? 218 HOH X O   1 
HETATM 1314 O  O   . HOH F 5 .   ? -21.201 -13.800 2.366   1.00 24.20 ? 219 HOH X O   1 
HETATM 1315 O  O   . HOH F 5 .   ? -9.772  -1.432  -14.296 1.00 26.16 ? 220 HOH X O   1 
HETATM 1316 O  O   . HOH F 5 .   ? 7.768   -3.976  -3.485  1.00 23.32 ? 221 HOH X O   1 
HETATM 1317 O  O   . HOH F 5 .   ? -8.709  -7.981  -4.731  1.00 23.43 ? 222 HOH X O   1 
HETATM 1318 O  O   . HOH F 5 .   ? -9.559  -1.280  12.750  1.00 30.74 ? 223 HOH X O   1 
HETATM 1319 O  O   . HOH F 5 .   ? 8.178   -5.545  18.863  1.00 24.59 ? 224 HOH X O   1 
HETATM 1320 O  O   . HOH F 5 .   ? -3.768  -3.077  15.327  1.00 21.35 ? 225 HOH X O   1 
HETATM 1321 O  O   . HOH F 5 .   ? 12.511  13.403  -11.275 1.00 27.42 ? 226 HOH X O   1 
HETATM 1322 O  O   . HOH F 5 .   ? -7.645  -7.669  -7.574  1.00 26.93 ? 227 HOH X O   1 
HETATM 1323 O  O   . HOH F 5 .   ? -3.740  -14.739 -7.711  1.00 27.12 ? 228 HOH X O   1 
HETATM 1324 O  O   . HOH F 5 .   ? 8.438   -2.279  -20.368 1.00 24.92 ? 229 HOH X O   1 
HETATM 1325 O  O   . HOH F 5 .   ? -13.192 5.895   -6.927  1.00 24.56 ? 230 HOH X O   1 
HETATM 1326 O  O   . HOH F 5 .   ? -8.367  -10.501 -4.016  1.00 23.99 ? 231 HOH X O   1 
HETATM 1327 O  O   . HOH F 5 .   ? 9.787   7.550   -17.643 1.00 24.34 ? 232 HOH X O   1 
HETATM 1328 O  O   . HOH F 5 .   ? -9.705  -13.629 4.800   1.00 26.66 ? 233 HOH X O   1 
HETATM 1329 O  O   . HOH F 5 .   ? 2.187   2.182   22.514  1.00 26.19 ? 234 HOH X O   1 
HETATM 1330 O  O   . HOH F 5 .   ? -5.675  6.649   12.959  1.00 27.39 ? 235 HOH X O   1 
HETATM 1331 O  O   . HOH F 5 .   ? -10.176 4.628   7.908   1.00 26.03 ? 236 HOH X O   1 
HETATM 1332 O  O   . HOH F 5 .   ? -4.974  -0.050  16.023  1.00 21.48 ? 237 HOH X O   1 
HETATM 1333 O  O   . HOH F 5 .   ? -12.330 6.097   9.355   1.00 20.88 ? 238 HOH X O   1 
HETATM 1334 O  O   . HOH F 5 .   ? -0.845  -9.464  -0.387  1.00 29.01 ? 239 HOH X O   1 
HETATM 1335 O  O   . HOH F 5 .   ? 8.939   5.788   -1.892  1.00 22.98 ? 240 HOH X O   1 
HETATM 1336 O  O   . HOH F 5 .   ? -22.378 -2.092  -0.060  1.00 29.78 ? 241 HOH X O   1 
HETATM 1337 O  O   . HOH F 5 .   ? 3.662   -11.022 -0.209  1.00 26.15 ? 242 HOH X O   1 
HETATM 1338 O  O   . HOH F 5 .   ? 12.349  8.627   5.884   1.00 23.84 ? 243 HOH X O   1 
HETATM 1339 O  O   . HOH F 5 .   ? -16.367 -17.163 7.657   1.00 34.71 ? 244 HOH X O   1 
HETATM 1340 O  O   . HOH F 5 .   ? 15.144  7.277   9.444   1.00 28.62 ? 245 HOH X O   1 
HETATM 1341 O  O   . HOH F 5 .   ? 14.158  8.406   0.875   1.00 25.67 ? 246 HOH X O   1 
HETATM 1342 O  O   . HOH F 5 .   ? -5.193  -17.388 2.280   1.00 27.60 ? 247 HOH X O   1 
HETATM 1343 O  O   . HOH F 5 .   ? -8.025  10.985  -1.952  1.00 29.62 ? 248 HOH X O   1 
HETATM 1344 O  O   . HOH F 5 .   ? 14.100  1.147   -4.056  1.00 23.68 ? 249 HOH X O   1 
HETATM 1345 O  O   . HOH F 5 .   ? 15.950  5.520   5.949   1.00 29.54 ? 250 HOH X O   1 
HETATM 1346 O  O   . HOH F 5 .   ? 12.668  16.676  -8.727  1.00 28.81 ? 251 HOH X O   1 
HETATM 1347 O  O   . HOH F 5 .   ? -9.276  -6.578  -10.875 1.00 28.47 ? 252 HOH X O   1 
HETATM 1348 O  O   . HOH F 5 .   ? 12.658  9.217   13.362  1.00 34.06 ? 253 HOH X O   1 
HETATM 1349 O  O   . HOH F 5 .   ? -6.508  3.916   15.250  1.00 28.55 ? 254 HOH X O   1 
HETATM 1350 O  O   . HOH F 5 .   ? -14.186 7.798   0.402   1.00 53.12 ? 255 HOH X O   1 
HETATM 1351 O  O   . HOH F 5 .   ? 8.048   11.212  17.198  1.00 37.92 ? 256 HOH X O   1 
HETATM 1352 O  O   . HOH F 5 .   ? 2.026   -2.121  -21.656 1.00 27.35 ? 257 HOH X O   1 
HETATM 1353 O  O   . HOH F 5 .   ? 5.699   -7.756  -6.774  1.00 24.85 ? 258 HOH X O   1 
HETATM 1354 O  O   . HOH F 5 .   ? 12.862  -3.639  13.097  1.00 29.14 ? 259 HOH X O   1 
HETATM 1355 O  O   . HOH F 5 .   ? 2.175   -9.077  14.761  1.00 32.22 ? 260 HOH X O   1 
HETATM 1356 O  O   . HOH F 5 .   ? 13.705  9.013   3.871   1.00 25.88 ? 261 HOH X O   1 
HETATM 1357 O  O   . HOH F 5 .   ? -7.512  -2.396  14.991  1.00 29.63 ? 262 HOH X O   1 
HETATM 1358 O  O   . HOH F 5 .   ? -7.546  -0.643  -16.882 1.00 37.89 ? 263 HOH X O   1 
HETATM 1359 O  O   . HOH F 5 .   ? 0.042   7.108   16.640  1.00 27.11 ? 264 HOH X O   1 
HETATM 1360 O  O   . HOH F 5 .   ? 10.838  -5.629  20.446  1.00 31.21 ? 265 HOH X O   1 
HETATM 1361 O  O   . HOH F 5 .   ? -10.952 1.829   -1.243  1.00 39.21 ? 266 HOH X O   1 
HETATM 1362 O  O   . HOH F 5 .   ? -2.716  6.631   14.679  1.00 25.72 ? 267 HOH X O   1 
HETATM 1363 O  O   . HOH F 5 .   ? -13.123 2.808   9.887   1.00 38.05 ? 268 HOH X O   1 
HETATM 1364 O  O   . HOH F 5 .   ? 2.905   0.388   -18.580 1.00 27.91 ? 269 HOH X O   1 
HETATM 1365 O  O   . HOH F 5 .   ? -2.995  14.065  -0.256  1.00 26.55 ? 270 HOH X O   1 
HETATM 1366 O  O   . HOH F 5 .   ? -2.563  11.429  -2.813  1.00 27.83 ? 271 HOH X O   1 
HETATM 1367 O  O   . HOH F 5 .   ? 12.530  -8.201  18.630  1.00 27.68 ? 272 HOH X O   1 
HETATM 1368 O  O   . HOH F 5 .   ? 4.923   -1.895  19.438  1.00 41.93 ? 273 HOH X O   1 
HETATM 1369 O  O   . HOH F 5 .   ? -14.172 5.533   -0.476  1.00 33.22 ? 274 HOH X O   1 
HETATM 1370 O  O   . HOH F 5 .   ? -23.353 0.622   3.933   1.00 35.58 ? 275 HOH X O   1 
HETATM 1371 O  O   . HOH F 5 .   ? -0.324  -11.195 -10.027 1.00 30.41 ? 276 HOH X O   1 
# 
